data_5ABM
#
_entry.id   5ABM
#
_cell.length_a   187.985
_cell.length_b   80.804
_cell.length_c   171.408
_cell.angle_alpha   90.00
_cell.angle_beta   117.97
_cell.angle_gamma   90.00
#
_symmetry.space_group_name_H-M   'C 1 2 1'
#
loop_
_entity.id
_entity.type
_entity.pdbx_description
1 polymer 'RETINAL DEHYDROGENASE 1'
2 non-polymer '[[(2R,3S,4R,5R)-5-[(3R)-3-aminocarbonyl-3,4-dihydro-2H-pyridin-1-yl]-3,4-bis(oxidanyl)oxolan-2-yl]methoxy-oxidanidyl-ph osphoryl] [(2R,3S,4R,5R)-5-(6-aminopurin-9-yl)-3,4-bis(oxidanyl)oxolan-2-yl]methyl phosphate'
3 non-polymer 'MAGNESIUM ION'
4 water water
#
_entity_poly.entity_id   1
_entity_poly.type   'polypeptide(L)'
_entity_poly.pdbx_seq_one_letter_code
;SSSAMPDVPAPLTNLQFKYTKIFINNEWHSSVSGKKFPVFNPATEEKLCEVEEGDKEDVDKAVKAARQAFQIGSPWRTMD
ASERGRLLNKLADLIERDRLLLATMEAMNGGKLFSNAYLMDLGGCIKTLRYCAGWADKIQGRTIPMDGNFFTYTRSEPVG
VCGQIIPWNFPLLMFLWKIGPALSCGNTVVVKPAEQTPLTALHMGSLIKEAGFPPGVVNIVPGYGPTAGAAISSHMDVDK
VAFTGSTEVGKLIKEAAGKSNLKRVSLELGGKSPCIVFADADLDNAVEFAHQGVFYHQGQCCIAASRLFVEESIYDEFVR
RSVERAKKYVLGNPLTPGVSQGPQIDKEQYEKILDLIESGKKEGAKLECGGGPWGNKGYFIQPTVFSDVTDDMRIAKEEI
FGPVQQIMKFKSLDDVIKRANNTFYGLSAGIFTNDIDKAITVSSALQSGTVWVNCYSVVSAQCPFGGFKMSGNGRELGEY
GFHEYTEVKTVTIKISQKNS
;
_entity_poly.pdbx_strand_id   A,B,C,D
#
# COMPACT_ATOMS: atom_id res chain seq x y z
N ASP A 7 4.06 35.21 -37.08
CA ASP A 7 2.63 35.02 -37.44
C ASP A 7 2.40 33.53 -37.55
N VAL A 8 1.16 33.10 -37.32
CA VAL A 8 0.77 31.71 -37.55
C VAL A 8 -0.07 31.68 -38.80
N PRO A 9 0.43 31.05 -39.86
CA PRO A 9 -0.43 30.93 -41.04
C PRO A 9 -1.67 30.03 -40.82
N ALA A 10 -2.65 30.15 -41.69
CA ALA A 10 -3.76 29.23 -41.67
C ALA A 10 -3.25 27.81 -41.94
N PRO A 11 -3.80 26.81 -41.23
CA PRO A 11 -3.42 25.43 -41.50
C PRO A 11 -3.87 24.95 -42.87
N LEU A 12 -3.25 23.92 -43.42
CA LEU A 12 -3.76 23.31 -44.68
C LEU A 12 -5.04 22.51 -44.33
N THR A 13 -5.86 22.18 -45.33
CA THR A 13 -7.05 21.36 -45.09
C THR A 13 -7.08 20.22 -46.10
N ASN A 14 -7.36 19.00 -45.63
CA ASN A 14 -7.41 17.83 -46.52
C ASN A 14 -6.11 17.48 -47.28
N LEU A 15 -5.00 17.38 -46.54
CA LEU A 15 -3.78 16.87 -47.05
C LEU A 15 -4.06 15.62 -47.84
N GLN A 16 -3.31 15.75 -48.67
CA GLN A 16 -3.13 14.54 -49.50
C GLN A 16 -1.88 13.76 -48.98
N PHE A 17 -2.07 12.51 -48.57
CA PHE A 17 -0.96 11.76 -48.01
C PHE A 17 -0.12 11.08 -49.10
N LYS A 18 1.17 10.97 -48.85
CA LYS A 18 2.15 10.47 -49.85
C LYS A 18 3.08 9.42 -49.32
N TYR A 19 3.59 9.64 -48.10
CA TYR A 19 4.54 8.74 -47.43
C TYR A 19 3.83 7.89 -46.41
N THR A 20 3.59 6.66 -46.81
CA THR A 20 2.79 5.72 -46.05
C THR A 20 3.44 4.36 -45.93
N LYS A 21 4.70 4.25 -46.35
CA LYS A 21 5.42 2.99 -46.43
C LYS A 21 6.60 2.86 -45.44
N ILE A 22 7.18 1.67 -45.38
CA ILE A 22 8.35 1.44 -44.55
C ILE A 22 9.55 2.02 -45.26
N PHE A 23 10.46 2.68 -44.54
CA PHE A 23 11.59 3.38 -45.13
C PHE A 23 12.90 2.70 -44.79
N ILE A 24 13.53 2.12 -45.80
CA ILE A 24 14.80 1.35 -45.58
C ILE A 24 15.75 1.59 -46.71
N ASN A 25 16.98 1.95 -46.42
CA ASN A 25 17.93 2.23 -47.45
C ASN A 25 17.44 3.31 -48.43
N ASN A 26 16.78 4.32 -47.87
CA ASN A 26 16.30 5.46 -48.58
C ASN A 26 15.31 5.07 -49.67
N GLU A 27 14.59 3.95 -49.50
CA GLU A 27 13.53 3.55 -50.44
C GLU A 27 12.32 3.18 -49.61
N TRP A 28 11.18 3.15 -50.27
CA TRP A 28 9.88 2.91 -49.66
C TRP A 28 9.48 1.49 -50.01
N HIS A 29 9.18 0.72 -48.98
CA HIS A 29 8.85 -0.71 -49.07
C HIS A 29 7.42 -0.99 -48.54
N SER A 30 6.71 -1.91 -49.19
CA SER A 30 5.53 -2.49 -48.59
C SER A 30 5.96 -3.31 -47.39
N SER A 31 5.02 -3.56 -46.47
CA SER A 31 5.27 -4.54 -45.40
C SER A 31 5.48 -5.93 -46.01
N VAL A 32 6.30 -6.75 -45.35
CA VAL A 32 6.60 -8.11 -45.82
C VAL A 32 5.30 -8.90 -45.90
N SER A 33 4.43 -8.72 -44.89
CA SER A 33 3.16 -9.45 -44.83
C SER A 33 2.11 -8.93 -45.83
N GLY A 34 2.32 -7.72 -46.31
CA GLY A 34 1.32 -6.96 -47.06
C GLY A 34 0.24 -6.28 -46.21
N LYS A 35 0.26 -6.47 -44.90
CA LYS A 35 -0.69 -5.80 -44.04
C LYS A 35 -0.50 -4.28 -43.93
N LYS A 36 -1.59 -3.57 -43.75
CA LYS A 36 -1.60 -2.15 -43.47
C LYS A 36 -2.42 -1.89 -42.22
N PHE A 37 -2.25 -0.74 -41.62
CA PHE A 37 -3.05 -0.34 -40.49
C PHE A 37 -3.57 1.09 -40.64
N PRO A 38 -4.76 1.34 -40.09
CA PRO A 38 -5.34 2.68 -40.26
C PRO A 38 -4.76 3.69 -39.28
N VAL A 39 -4.67 4.93 -39.73
CA VAL A 39 -4.30 6.06 -38.92
C VAL A 39 -5.46 7.10 -38.87
N PHE A 40 -5.83 7.52 -37.66
CA PHE A 40 -7.01 8.35 -37.44
C PHE A 40 -6.72 9.77 -36.94
N ASN A 41 -7.67 10.64 -37.16
CA ASN A 41 -7.69 11.97 -36.55
C ASN A 41 -8.47 11.87 -35.26
N PRO A 42 -7.81 12.02 -34.09
CA PRO A 42 -8.57 11.91 -32.83
C PRO A 42 -9.71 12.91 -32.55
N ALA A 43 -9.67 14.05 -33.24
CA ALA A 43 -10.69 15.09 -33.03
C ALA A 43 -11.98 14.73 -33.74
N THR A 44 -11.85 13.98 -34.82
CA THR A 44 -13.03 13.69 -35.67
C THR A 44 -13.36 12.17 -35.73
N GLU A 45 -12.44 11.34 -35.30
CA GLU A 45 -12.51 9.85 -35.40
C GLU A 45 -12.43 9.33 -36.84
N GLU A 46 -12.14 10.18 -37.81
CA GLU A 46 -12.05 9.74 -39.17
C GLU A 46 -10.66 9.28 -39.57
N LYS A 47 -10.64 8.38 -40.55
CA LYS A 47 -9.40 7.78 -41.00
C LYS A 47 -8.69 8.76 -41.87
N LEU A 48 -7.41 9.05 -41.57
CA LEU A 48 -6.60 9.88 -42.43
C LEU A 48 -6.08 9.08 -43.61
N CYS A 49 -5.50 7.91 -43.32
CA CYS A 49 -4.90 7.03 -44.33
C CYS A 49 -4.53 5.73 -43.73
N GLU A 50 -4.03 4.81 -44.54
CA GLU A 50 -3.47 3.54 -44.07
C GLU A 50 -1.97 3.54 -44.30
N VAL A 51 -1.27 2.85 -43.44
CA VAL A 51 0.18 2.84 -43.44
C VAL A 51 0.63 1.36 -43.40
N GLU A 52 1.74 1.07 -44.06
CA GLU A 52 2.26 -0.30 -44.06
C GLU A 52 2.58 -0.76 -42.62
N GLU A 53 2.15 -1.96 -42.28
CA GLU A 53 2.28 -2.50 -40.89
C GLU A 53 3.56 -3.30 -40.78
N GLY A 54 4.57 -2.62 -40.27
CA GLY A 54 5.86 -3.29 -40.05
C GLY A 54 5.82 -4.24 -38.90
N ASP A 55 6.56 -5.33 -39.02
CA ASP A 55 6.65 -6.33 -37.96
C ASP A 55 8.10 -6.82 -37.94
N LYS A 56 8.34 -7.91 -37.24
CA LYS A 56 9.71 -8.49 -37.09
C LYS A 56 10.49 -8.62 -38.41
N GLU A 57 9.86 -9.15 -39.47
CA GLU A 57 10.61 -9.30 -40.75
C GLU A 57 11.07 -7.95 -41.32
N ASP A 58 10.25 -6.92 -41.15
CA ASP A 58 10.56 -5.56 -41.64
C ASP A 58 11.68 -4.96 -40.80
N VAL A 59 11.59 -5.15 -39.48
CA VAL A 59 12.66 -4.74 -38.59
C VAL A 59 13.98 -5.38 -39.02
N ASP A 60 13.95 -6.67 -39.30
CA ASP A 60 15.16 -7.36 -39.63
C ASP A 60 15.80 -6.72 -40.87
N LYS A 61 14.97 -6.42 -41.87
CA LYS A 61 15.51 -5.71 -43.10
C LYS A 61 16.14 -4.39 -42.73
N ALA A 62 15.46 -3.64 -41.86
CA ALA A 62 15.95 -2.38 -41.48
C ALA A 62 17.26 -2.44 -40.69
N VAL A 63 17.33 -3.34 -39.77
CA VAL A 63 18.58 -3.53 -38.99
C VAL A 63 19.74 -3.97 -39.92
N LYS A 64 19.50 -4.84 -40.91
CA LYS A 64 20.54 -5.21 -41.88
C LYS A 64 21.04 -3.98 -42.64
N ALA A 65 20.11 -3.11 -43.02
CA ALA A 65 20.48 -1.84 -43.74
C ALA A 65 21.29 -0.94 -42.85
N ALA A 66 20.88 -0.78 -41.60
CA ALA A 66 21.62 0.09 -40.65
C ALA A 66 23.01 -0.46 -40.39
N ARG A 67 23.09 -1.78 -40.31
CA ARG A 67 24.40 -2.42 -40.03
C ARG A 67 25.34 -2.19 -41.20
N GLN A 68 24.84 -2.42 -42.39
CA GLN A 68 25.67 -2.21 -43.61
C GLN A 68 26.14 -0.81 -43.67
N ALA A 69 25.25 0.13 -43.38
CA ALA A 69 25.64 1.56 -43.47
C ALA A 69 26.68 1.95 -42.39
N PHE A 70 26.82 1.14 -41.33
CA PHE A 70 27.76 1.41 -40.22
C PHE A 70 29.11 0.68 -40.43
N GLN A 71 29.27 -0.10 -41.50
CA GLN A 71 30.51 -0.84 -41.69
C GLN A 71 31.70 0.11 -41.89
N ILE A 72 32.82 -0.27 -41.32
CA ILE A 72 34.09 0.43 -41.58
C ILE A 72 34.28 0.60 -43.08
N GLY A 73 34.68 1.82 -43.50
CA GLY A 73 34.85 2.09 -44.91
C GLY A 73 33.64 2.59 -45.62
N SER A 74 32.47 2.55 -44.97
CA SER A 74 31.23 3.03 -45.58
C SER A 74 31.19 4.55 -45.72
N PRO A 75 30.33 5.08 -46.60
CA PRO A 75 30.30 6.56 -46.69
C PRO A 75 29.99 7.26 -45.34
N TRP A 76 29.13 6.68 -44.50
CA TRP A 76 28.76 7.30 -43.25
C TRP A 76 29.86 7.22 -42.19
N ARG A 77 30.66 6.16 -42.21
CA ARG A 77 31.77 6.04 -41.27
C ARG A 77 32.97 6.89 -41.67
N THR A 78 33.17 7.06 -42.96
CA THR A 78 34.35 7.82 -43.46
C THR A 78 34.11 9.29 -43.69
N MET A 79 32.86 9.71 -43.76
CA MET A 79 32.52 11.11 -43.88
C MET A 79 33.19 11.97 -42.81
N ASP A 80 33.61 13.20 -43.15
CA ASP A 80 34.02 14.12 -42.14
C ASP A 80 32.91 14.36 -41.12
N ALA A 81 33.27 14.42 -39.85
CA ALA A 81 32.24 14.76 -38.77
C ALA A 81 31.58 16.09 -39.10
N SER A 82 32.36 17.04 -39.65
CA SER A 82 31.77 18.32 -40.03
C SER A 82 30.67 18.26 -41.11
N GLU A 83 30.82 17.30 -42.00
CA GLU A 83 29.84 16.93 -43.01
C GLU A 83 28.56 16.34 -42.40
N ARG A 84 28.72 15.50 -41.38
CA ARG A 84 27.52 15.07 -40.67
C ARG A 84 26.73 16.26 -40.10
N GLY A 85 27.43 17.26 -39.59
CA GLY A 85 26.82 18.48 -39.11
C GLY A 85 26.14 19.24 -40.23
N ARG A 86 26.79 19.31 -41.38
CA ARG A 86 26.19 20.01 -42.51
C ARG A 86 24.88 19.37 -42.96
N LEU A 87 24.85 18.05 -42.99
CA LEU A 87 23.70 17.31 -43.35
C LEU A 87 22.53 17.48 -42.38
N LEU A 88 22.81 17.45 -41.11
CA LEU A 88 21.81 17.79 -40.10
C LEU A 88 21.25 19.22 -40.25
N ASN A 89 22.08 20.18 -40.51
CA ASN A 89 21.58 21.55 -40.79
C ASN A 89 20.74 21.62 -42.06
N LYS A 90 21.11 20.88 -43.09
CA LYS A 90 20.33 20.83 -44.31
C LYS A 90 18.95 20.22 -44.01
N LEU A 91 18.93 19.19 -43.17
CA LEU A 91 17.64 18.58 -42.80
C LEU A 91 16.77 19.61 -42.08
N ALA A 92 17.38 20.40 -41.18
CA ALA A 92 16.63 21.45 -40.49
C ALA A 92 16.07 22.48 -41.45
N ASP A 93 16.87 22.86 -42.49
CA ASP A 93 16.38 23.73 -43.51
C ASP A 93 15.12 23.19 -44.22
N LEU A 94 15.13 21.90 -44.50
CA LEU A 94 14.00 21.26 -45.18
C LEU A 94 12.77 21.20 -44.27
N ILE A 95 12.98 20.99 -42.96
CA ILE A 95 11.86 21.11 -42.02
C ILE A 95 11.28 22.53 -42.03
N GLU A 96 12.16 23.56 -42.06
N GLU A 96 12.11 23.57 -42.13
CA GLU A 96 11.67 24.94 -42.15
CA GLU A 96 11.59 24.92 -42.17
C GLU A 96 10.82 25.16 -43.42
C GLU A 96 10.78 25.15 -43.45
N ARG A 97 11.29 24.62 -44.55
CA ARG A 97 10.56 24.77 -45.82
C ARG A 97 9.19 24.11 -45.73
N ASP A 98 9.15 22.94 -45.10
CA ASP A 98 7.95 22.13 -45.00
C ASP A 98 7.21 22.32 -43.67
N ARG A 99 7.44 23.45 -43.01
CA ARG A 99 6.89 23.67 -41.67
C ARG A 99 5.36 23.66 -41.63
N LEU A 100 4.71 24.28 -42.60
CA LEU A 100 3.27 24.37 -42.55
C LEU A 100 2.66 23.01 -42.77
N LEU A 101 3.15 22.26 -43.74
CA LEU A 101 2.69 20.91 -43.93
C LEU A 101 2.88 20.04 -42.70
N LEU A 102 4.11 20.03 -42.19
CA LEU A 102 4.42 19.20 -41.02
C LEU A 102 3.54 19.58 -39.80
N ALA A 103 3.33 20.86 -39.57
CA ALA A 103 2.53 21.28 -38.40
C ALA A 103 1.07 20.96 -38.57
N THR A 104 0.58 21.14 -39.79
CA THR A 104 -0.77 20.70 -40.10
C THR A 104 -0.94 19.21 -39.91
N MET A 105 -0.04 18.43 -40.46
CA MET A 105 -0.10 16.95 -40.32
C MET A 105 0.00 16.51 -38.85
N GLU A 106 0.87 17.18 -38.11
CA GLU A 106 1.02 16.84 -36.68
C GLU A 106 -0.22 17.15 -35.86
N ALA A 107 -0.88 18.25 -36.20
CA ALA A 107 -2.12 18.63 -35.54
C ALA A 107 -3.23 17.63 -35.86
N MET A 108 -3.37 17.30 -37.13
CA MET A 108 -4.42 16.38 -37.53
C MET A 108 -4.24 15.02 -36.94
N ASN A 109 -3.05 14.47 -37.06
CA ASN A 109 -2.81 13.10 -36.60
C ASN A 109 -2.75 13.04 -35.06
N GLY A 110 -2.22 14.09 -34.44
CA GLY A 110 -1.92 14.04 -33.01
C GLY A 110 -2.92 14.67 -32.08
N GLY A 111 -3.97 15.29 -32.61
CA GLY A 111 -5.00 15.95 -31.79
C GLY A 111 -4.36 17.16 -31.11
N LYS A 112 -3.37 17.75 -31.78
CA LYS A 112 -2.55 18.81 -31.18
C LYS A 112 -2.97 20.19 -31.71
N LEU A 113 -3.16 21.16 -30.83
CA LEU A 113 -3.49 22.54 -31.18
C LEU A 113 -2.53 23.06 -32.25
N PHE A 114 -3.11 23.51 -33.36
CA PHE A 114 -2.29 23.88 -34.55
C PHE A 114 -1.27 24.97 -34.29
N SER A 115 -1.66 26.01 -33.57
CA SER A 115 -0.69 27.10 -33.31
C SER A 115 0.49 26.58 -32.50
N ASN A 116 0.21 25.71 -31.53
CA ASN A 116 1.28 25.10 -30.78
C ASN A 116 2.18 24.18 -31.62
N ALA A 117 1.59 23.43 -32.53
CA ALA A 117 2.33 22.52 -33.38
C ALA A 117 3.24 23.38 -34.27
N TYR A 118 2.71 24.50 -34.76
CA TYR A 118 3.45 25.33 -35.70
C TYR A 118 4.60 26.09 -34.98
N LEU A 119 4.28 26.68 -33.82
CA LEU A 119 5.23 27.53 -33.10
C LEU A 119 6.18 26.75 -32.24
N MET A 120 5.63 25.88 -31.41
CA MET A 120 6.41 25.19 -30.42
C MET A 120 7.02 23.89 -30.93
N ASP A 121 6.19 22.96 -31.38
CA ASP A 121 6.71 21.66 -31.80
C ASP A 121 7.70 21.85 -32.97
N LEU A 122 7.26 22.56 -34.03
CA LEU A 122 8.09 22.65 -35.20
C LEU A 122 9.31 23.55 -34.93
N GLY A 123 9.09 24.61 -34.16
CA GLY A 123 10.25 25.43 -33.69
C GLY A 123 11.28 24.64 -32.93
N GLY A 124 10.84 23.82 -31.93
CA GLY A 124 11.71 22.90 -31.23
C GLY A 124 12.40 21.85 -32.12
N CYS A 125 11.73 21.38 -33.16
CA CYS A 125 12.28 20.42 -34.10
C CYS A 125 13.50 21.00 -34.81
N ILE A 126 13.32 22.22 -35.28
CA ILE A 126 14.38 22.93 -35.99
C ILE A 126 15.55 23.26 -35.04
N LYS A 127 15.24 23.83 -33.89
CA LYS A 127 16.29 24.14 -32.87
C LYS A 127 17.08 22.93 -32.43
N THR A 128 16.41 21.80 -32.28
CA THR A 128 17.04 20.59 -31.82
C THR A 128 18.06 20.18 -32.86
N LEU A 129 17.66 20.15 -34.09
CA LEU A 129 18.58 19.76 -35.18
C LEU A 129 19.76 20.71 -35.28
N ARG A 130 19.53 22.00 -35.17
CA ARG A 130 20.63 22.96 -35.29
C ARG A 130 21.65 22.71 -34.17
N TYR A 131 21.13 22.41 -32.97
CA TYR A 131 22.02 22.19 -31.82
C TYR A 131 22.85 20.91 -32.05
N CYS A 132 22.17 19.84 -32.44
CA CYS A 132 22.83 18.58 -32.78
C CYS A 132 23.90 18.74 -33.84
N ALA A 133 23.59 19.49 -34.89
CA ALA A 133 24.51 19.68 -36.00
C ALA A 133 25.80 20.27 -35.50
N GLY A 134 25.71 21.20 -34.53
CA GLY A 134 26.92 21.84 -34.00
C GLY A 134 27.83 20.95 -33.24
N TRP A 135 27.31 19.86 -32.62
CA TRP A 135 28.14 18.95 -31.84
C TRP A 135 28.95 17.99 -32.69
N ALA A 136 28.62 17.80 -33.98
CA ALA A 136 29.10 16.60 -34.74
C ALA A 136 30.61 16.49 -34.77
N ASP A 137 31.27 17.63 -35.00
CA ASP A 137 32.74 17.69 -35.07
C ASP A 137 33.39 18.18 -33.79
N LYS A 138 32.67 18.14 -32.68
CA LYS A 138 33.14 18.57 -31.36
C LYS A 138 33.05 17.43 -30.32
N ILE A 139 32.75 16.24 -30.80
CA ILE A 139 32.76 15.02 -30.00
C ILE A 139 34.19 14.49 -30.08
N GLN A 140 34.86 14.55 -28.93
CA GLN A 140 36.31 14.32 -28.86
C GLN A 140 36.61 13.25 -27.82
N GLY A 141 37.71 12.53 -28.03
CA GLY A 141 38.22 11.68 -26.98
C GLY A 141 39.32 12.38 -26.23
N ARG A 142 40.19 11.57 -25.64
CA ARG A 142 41.25 12.07 -24.73
C ARG A 142 42.63 11.52 -25.05
N THR A 143 43.64 12.22 -24.61
CA THR A 143 44.98 11.68 -24.46
C THR A 143 45.28 11.67 -22.98
N ILE A 144 45.78 10.51 -22.53
CA ILE A 144 45.77 10.16 -21.09
C ILE A 144 47.20 9.87 -20.61
N PRO A 145 47.68 10.57 -19.53
CA PRO A 145 49.06 10.38 -19.01
C PRO A 145 49.10 9.16 -18.06
N MET A 146 48.81 7.98 -18.60
CA MET A 146 48.83 6.76 -17.82
C MET A 146 50.25 6.37 -17.41
N ASP A 147 50.35 5.48 -16.43
CA ASP A 147 51.59 4.97 -15.92
C ASP A 147 52.34 4.15 -17.00
N GLY A 148 53.65 4.30 -16.99
CA GLY A 148 54.56 3.49 -17.79
C GLY A 148 54.81 4.14 -19.16
N ASN A 149 55.65 3.44 -19.95
CA ASN A 149 56.09 3.96 -21.24
C ASN A 149 55.13 3.62 -22.34
N PHE A 150 54.01 4.35 -22.34
CA PHE A 150 52.90 4.17 -23.26
C PHE A 150 52.35 5.50 -23.69
N PHE A 151 51.86 5.51 -24.92
CA PHE A 151 50.97 6.58 -25.40
C PHE A 151 49.57 6.05 -25.46
N THR A 152 48.65 6.67 -24.69
CA THR A 152 47.28 6.22 -24.61
C THR A 152 46.34 7.33 -25.05
N TYR A 153 45.35 6.97 -25.86
CA TYR A 153 44.29 7.85 -26.23
C TYR A 153 43.00 7.09 -26.27
N THR A 154 41.93 7.86 -26.31
CA THR A 154 40.62 7.29 -26.51
C THR A 154 39.93 7.83 -27.75
N ARG A 155 39.08 6.98 -28.31
CA ARG A 155 38.16 7.35 -29.39
C ARG A 155 36.76 7.35 -28.88
N SER A 156 36.04 8.44 -29.14
CA SER A 156 34.60 8.47 -28.87
C SER A 156 33.88 8.00 -30.12
N GLU A 157 33.77 6.67 -30.26
CA GLU A 157 33.19 6.09 -31.44
C GLU A 157 31.66 6.13 -31.34
N PRO A 158 30.97 6.07 -32.49
CA PRO A 158 29.54 5.85 -32.36
C PRO A 158 29.29 4.50 -31.76
N VAL A 159 28.14 4.31 -31.12
CA VAL A 159 27.80 2.98 -30.57
C VAL A 159 27.49 1.97 -31.67
N GLY A 160 26.81 2.40 -32.74
CA GLY A 160 26.48 1.53 -33.84
C GLY A 160 25.04 1.64 -34.28
N VAL A 161 24.38 0.48 -34.39
CA VAL A 161 22.95 0.41 -34.81
C VAL A 161 22.07 0.68 -33.59
N CYS A 162 21.30 1.77 -33.66
CA CYS A 162 20.50 2.24 -32.55
C CYS A 162 19.04 2.09 -32.89
N GLY A 163 18.33 1.21 -32.16
CA GLY A 163 16.88 1.15 -32.27
C GLY A 163 16.22 2.23 -31.43
N GLN A 164 15.23 2.91 -31.97
CA GLN A 164 14.66 4.09 -31.35
C GLN A 164 13.15 4.04 -31.45
N ILE A 165 12.52 3.90 -30.28
CA ILE A 165 11.08 3.67 -30.18
C ILE A 165 10.49 4.87 -29.50
N ILE A 166 9.44 5.44 -30.12
CA ILE A 166 8.97 6.78 -29.72
C ILE A 166 7.43 6.81 -29.55
N PRO A 167 6.94 7.77 -28.76
CA PRO A 167 5.51 7.86 -28.44
C PRO A 167 4.71 8.83 -29.33
N TRP A 168 3.43 9.00 -28.98
CA TRP A 168 2.45 9.71 -29.81
C TRP A 168 2.18 11.17 -29.39
N ASN A 169 2.80 11.65 -28.31
CA ASN A 169 2.45 12.94 -27.76
C ASN A 169 3.13 14.12 -28.39
N PHE A 170 4.41 13.92 -28.73
CA PHE A 170 5.20 14.83 -29.53
C PHE A 170 5.90 14.05 -30.61
N PRO A 171 5.15 13.56 -31.59
CA PRO A 171 5.70 12.58 -32.54
C PRO A 171 6.93 13.06 -33.32
N LEU A 172 6.82 14.24 -33.94
CA LEU A 172 7.94 14.76 -34.73
C LEU A 172 9.11 15.20 -33.83
N LEU A 173 8.79 15.91 -32.77
CA LEU A 173 9.85 16.38 -31.88
C LEU A 173 10.64 15.19 -31.33
N MET A 174 9.93 14.17 -30.88
N MET A 174 9.93 14.16 -30.88
CA MET A 174 10.58 12.98 -30.33
CA MET A 174 10.58 12.98 -30.33
C MET A 174 11.40 12.24 -31.39
C MET A 174 11.38 12.20 -31.38
N PHE A 175 10.88 12.20 -32.62
CA PHE A 175 11.63 11.63 -33.72
C PHE A 175 12.99 12.34 -33.86
N LEU A 176 12.98 13.65 -33.85
CA LEU A 176 14.25 14.42 -33.98
C LEU A 176 15.12 14.39 -32.72
N TRP A 177 14.52 14.41 -31.52
CA TRP A 177 15.29 14.19 -30.30
C TRP A 177 16.15 12.87 -30.34
N LYS A 178 15.60 11.84 -30.99
CA LYS A 178 16.28 10.56 -31.20
C LYS A 178 17.31 10.63 -32.33
N ILE A 179 16.89 10.97 -33.57
CA ILE A 179 17.81 10.86 -34.67
C ILE A 179 18.91 11.92 -34.63
N GLY A 180 18.60 13.10 -34.15
CA GLY A 180 19.58 14.19 -34.14
C GLY A 180 20.89 13.85 -33.42
N PRO A 181 20.81 13.52 -32.14
CA PRO A 181 22.04 13.16 -31.41
C PRO A 181 22.69 11.90 -31.95
N ALA A 182 21.89 10.89 -32.30
CA ALA A 182 22.45 9.66 -32.78
C ALA A 182 23.27 9.89 -34.04
N LEU A 183 22.69 10.63 -34.99
CA LEU A 183 23.38 10.91 -36.29
C LEU A 183 24.55 11.85 -36.07
N SER A 184 24.40 12.85 -35.20
CA SER A 184 25.52 13.80 -34.92
C SER A 184 26.79 13.03 -34.51
N CYS A 185 26.61 11.98 -33.68
CA CYS A 185 27.65 11.08 -33.20
C CYS A 185 28.08 9.97 -34.18
N GLY A 186 27.43 9.86 -35.34
CA GLY A 186 27.84 8.91 -36.35
C GLY A 186 27.18 7.52 -36.30
N ASN A 187 26.11 7.38 -35.53
CA ASN A 187 25.37 6.13 -35.49
C ASN A 187 24.46 5.96 -36.69
N THR A 188 23.91 4.76 -36.83
CA THR A 188 22.81 4.50 -37.76
C THR A 188 21.62 4.02 -36.93
N VAL A 189 20.44 4.23 -37.47
CA VAL A 189 19.23 4.09 -36.64
C VAL A 189 18.12 3.36 -37.34
N VAL A 190 17.30 2.73 -36.49
CA VAL A 190 16.04 2.13 -36.90
C VAL A 190 15.00 2.71 -35.93
N VAL A 191 14.07 3.47 -36.49
CA VAL A 191 13.08 4.21 -35.76
C VAL A 191 11.73 3.55 -35.88
N LYS A 192 11.04 3.43 -34.76
CA LYS A 192 9.70 2.85 -34.73
C LYS A 192 8.70 3.82 -34.11
N PRO A 193 8.09 4.65 -34.95
CA PRO A 193 7.11 5.65 -34.50
C PRO A 193 5.92 4.96 -33.82
N ALA A 194 5.20 5.70 -32.98
CA ALA A 194 3.96 5.16 -32.36
C ALA A 194 2.97 4.78 -33.42
N GLU A 195 2.23 3.68 -33.22
CA GLU A 195 1.22 3.33 -34.17
C GLU A 195 0.15 4.38 -34.33
N GLN A 196 -0.15 5.15 -33.30
CA GLN A 196 -1.12 6.25 -33.43
C GLN A 196 -0.67 7.36 -34.40
N THR A 197 0.63 7.62 -34.45
CA THR A 197 1.20 8.82 -35.10
C THR A 197 2.45 8.60 -35.97
N PRO A 198 2.35 7.80 -37.02
CA PRO A 198 3.48 7.59 -37.88
C PRO A 198 3.77 8.68 -38.93
N LEU A 199 2.80 9.55 -39.23
CA LEU A 199 2.78 10.24 -40.52
C LEU A 199 3.90 11.27 -40.63
N THR A 200 4.14 12.10 -39.62
CA THR A 200 5.19 13.09 -39.75
C THR A 200 6.56 12.44 -39.83
N ALA A 201 6.76 11.34 -39.11
CA ALA A 201 8.03 10.57 -39.20
C ALA A 201 8.26 10.06 -40.65
N LEU A 202 7.20 9.57 -41.31
CA LEU A 202 7.33 9.07 -42.66
C LEU A 202 7.64 10.22 -43.62
N HIS A 203 7.00 11.37 -43.44
CA HIS A 203 7.39 12.54 -44.26
C HIS A 203 8.87 12.84 -44.02
N MET A 204 9.34 12.71 -42.79
CA MET A 204 10.78 12.95 -42.58
C MET A 204 11.68 12.02 -43.40
N GLY A 205 11.28 10.74 -43.62
CA GLY A 205 12.08 9.88 -44.49
C GLY A 205 12.36 10.55 -45.84
N SER A 206 11.34 11.15 -46.43
CA SER A 206 11.56 11.84 -47.72
C SER A 206 12.64 12.99 -47.57
N LEU A 207 12.61 13.72 -46.46
CA LEU A 207 13.51 14.83 -46.27
C LEU A 207 14.93 14.34 -45.97
N ILE A 208 15.03 13.22 -45.28
CA ILE A 208 16.34 12.61 -45.00
C ILE A 208 17.02 12.20 -46.33
N LYS A 209 16.25 11.57 -47.22
CA LYS A 209 16.74 11.25 -48.55
C LYS A 209 17.09 12.51 -49.32
N GLU A 210 16.21 13.48 -49.30
CA GLU A 210 16.48 14.75 -50.03
C GLU A 210 17.74 15.49 -49.51
N ALA A 211 17.96 15.47 -48.18
CA ALA A 211 19.15 16.19 -47.57
C ALA A 211 20.44 15.54 -47.96
N GLY A 212 20.41 14.25 -48.32
CA GLY A 212 21.62 13.56 -48.83
C GLY A 212 22.24 12.59 -47.86
N PHE A 213 21.51 12.14 -46.84
CA PHE A 213 22.07 11.15 -45.95
C PHE A 213 22.27 9.82 -46.73
N PRO A 214 23.41 9.15 -46.52
CA PRO A 214 23.59 7.85 -47.16
C PRO A 214 22.48 6.82 -46.83
N PRO A 215 22.17 5.94 -47.78
CA PRO A 215 21.11 4.95 -47.50
C PRO A 215 21.46 4.10 -46.31
N GLY A 216 20.48 3.79 -45.48
CA GLY A 216 20.60 2.92 -44.33
C GLY A 216 20.99 3.64 -43.07
N VAL A 217 21.34 4.93 -43.16
CA VAL A 217 21.61 5.68 -41.95
C VAL A 217 20.37 5.89 -41.10
N VAL A 218 19.24 6.22 -41.75
CA VAL A 218 17.96 6.29 -41.00
C VAL A 218 16.99 5.35 -41.70
N ASN A 219 16.47 4.42 -40.93
CA ASN A 219 15.43 3.56 -41.38
C ASN A 219 14.21 3.72 -40.44
N ILE A 220 13.00 3.63 -41.01
CA ILE A 220 11.80 3.93 -40.25
C ILE A 220 10.76 2.84 -40.50
N VAL A 221 10.37 2.15 -39.42
CA VAL A 221 9.44 1.06 -39.49
C VAL A 221 8.20 1.38 -38.65
N PRO A 222 7.14 1.87 -39.29
CA PRO A 222 5.85 2.01 -38.60
C PRO A 222 5.24 0.64 -38.27
N GLY A 223 4.37 0.62 -37.28
CA GLY A 223 3.72 -0.54 -36.82
C GLY A 223 3.57 -0.50 -35.30
N TYR A 224 3.14 -1.62 -34.76
CA TYR A 224 2.73 -1.76 -33.39
C TYR A 224 3.91 -2.06 -32.41
N GLY A 225 3.63 -2.04 -31.11
CA GLY A 225 4.66 -2.15 -30.09
C GLY A 225 5.16 -3.56 -29.94
N PRO A 226 4.26 -4.49 -29.54
CA PRO A 226 4.69 -5.86 -29.22
C PRO A 226 5.14 -6.62 -30.45
N THR A 227 4.96 -6.05 -31.63
CA THR A 227 5.43 -6.62 -32.92
C THR A 227 6.73 -5.92 -33.31
N ALA A 228 6.65 -4.76 -33.92
CA ALA A 228 7.84 -4.05 -34.41
C ALA A 228 8.72 -3.56 -33.25
N GLY A 229 8.13 -2.95 -32.21
CA GLY A 229 8.93 -2.48 -31.08
C GLY A 229 9.69 -3.59 -30.41
N ALA A 230 9.00 -4.71 -30.11
CA ALA A 230 9.63 -5.79 -29.43
C ALA A 230 10.69 -6.48 -30.28
N ALA A 231 10.54 -6.44 -31.62
CA ALA A 231 11.58 -7.01 -32.51
C ALA A 231 12.87 -6.23 -32.40
N ILE A 232 12.73 -4.91 -32.20
CA ILE A 232 13.92 -4.05 -31.99
C ILE A 232 14.59 -4.35 -30.64
N SER A 233 13.80 -4.39 -29.55
CA SER A 233 14.38 -4.58 -28.22
C SER A 233 15.06 -5.90 -28.08
N SER A 234 14.59 -6.94 -28.77
CA SER A 234 15.13 -8.30 -28.67
C SER A 234 16.14 -8.63 -29.79
N HIS A 235 16.44 -7.67 -30.65
CA HIS A 235 17.23 -7.99 -31.84
C HIS A 235 18.66 -8.30 -31.41
N MET A 236 19.25 -9.36 -31.95
CA MET A 236 20.59 -9.72 -31.63
C MET A 236 21.66 -8.86 -32.36
N ASP A 237 21.28 -8.01 -33.31
CA ASP A 237 22.26 -7.12 -33.96
C ASP A 237 21.96 -5.63 -33.82
N VAL A 238 21.15 -5.26 -32.85
CA VAL A 238 20.95 -3.85 -32.50
C VAL A 238 21.86 -3.58 -31.29
N ASP A 239 22.73 -2.56 -31.38
CA ASP A 239 23.66 -2.25 -30.30
C ASP A 239 23.12 -1.50 -29.11
N LYS A 240 22.10 -0.72 -29.35
CA LYS A 240 21.54 0.15 -28.36
C LYS A 240 20.07 0.36 -28.66
N VAL A 241 19.26 0.36 -27.61
CA VAL A 241 17.83 0.76 -27.76
C VAL A 241 17.60 2.02 -26.95
N ALA A 242 16.93 2.97 -27.51
CA ALA A 242 16.49 4.18 -26.82
C ALA A 242 14.97 4.22 -26.94
N PHE A 243 14.33 4.50 -25.85
CA PHE A 243 12.86 4.41 -25.75
C PHE A 243 12.29 5.56 -24.95
N THR A 244 11.20 6.15 -25.45
CA THR A 244 10.40 7.04 -24.67
C THR A 244 8.96 6.55 -24.67
N GLY A 245 8.38 6.43 -23.49
CA GLY A 245 7.04 5.87 -23.35
C GLY A 245 6.67 5.53 -21.93
N SER A 246 5.84 4.54 -21.78
CA SER A 246 5.38 4.13 -20.50
C SER A 246 6.46 3.42 -19.69
N THR A 247 6.41 3.63 -18.39
CA THR A 247 7.24 2.88 -17.46
C THR A 247 7.05 1.37 -17.64
N GLU A 248 5.80 0.94 -17.85
CA GLU A 248 5.52 -0.50 -18.04
C GLU A 248 6.24 -1.13 -19.23
N VAL A 249 6.22 -0.42 -20.36
CA VAL A 249 6.97 -0.84 -21.54
C VAL A 249 8.46 -0.69 -21.39
N GLY A 250 8.90 0.33 -20.69
CA GLY A 250 10.36 0.49 -20.43
C GLY A 250 10.92 -0.71 -19.69
N LYS A 251 10.15 -1.29 -18.74
CA LYS A 251 10.53 -2.52 -18.02
C LYS A 251 10.69 -3.71 -19.00
N LEU A 252 9.77 -3.83 -19.92
CA LEU A 252 9.89 -4.86 -20.97
C LEU A 252 11.15 -4.68 -21.83
N ILE A 253 11.40 -3.45 -22.18
CA ILE A 253 12.52 -3.12 -23.07
C ILE A 253 13.86 -3.52 -22.38
N LYS A 254 13.98 -3.17 -21.12
CA LYS A 254 15.20 -3.43 -20.40
C LYS A 254 15.37 -4.93 -20.23
N GLU A 255 14.30 -5.63 -19.86
N GLU A 255 14.32 -5.68 -19.89
CA GLU A 255 14.29 -7.09 -19.75
CA GLU A 255 14.41 -7.13 -19.79
C GLU A 255 14.70 -7.77 -21.08
C GLU A 255 14.79 -7.76 -21.13
N ALA A 256 14.12 -7.30 -22.19
CA ALA A 256 14.45 -7.84 -23.55
C ALA A 256 15.91 -7.64 -23.93
N ALA A 257 16.45 -6.48 -23.53
CA ALA A 257 17.85 -6.15 -23.77
C ALA A 257 18.78 -7.12 -22.99
N GLY A 258 18.43 -7.44 -21.77
CA GLY A 258 19.14 -8.43 -20.96
C GLY A 258 19.13 -9.83 -21.52
N LYS A 259 17.96 -10.27 -21.98
CA LYS A 259 17.78 -11.63 -22.42
C LYS A 259 18.41 -11.88 -23.77
N SER A 260 18.64 -10.82 -24.53
CA SER A 260 19.11 -10.98 -25.90
C SER A 260 20.59 -10.80 -26.12
N ASN A 261 21.07 -9.57 -26.26
CA ASN A 261 22.47 -9.33 -26.57
C ASN A 261 23.08 -8.25 -25.70
N LEU A 262 22.44 -7.95 -24.56
CA LEU A 262 23.02 -6.97 -23.60
C LEU A 262 23.17 -5.61 -24.20
N LYS A 263 22.28 -5.28 -25.17
CA LYS A 263 22.37 -3.97 -25.83
C LYS A 263 22.26 -2.85 -24.80
N ARG A 264 22.87 -1.74 -25.12
CA ARG A 264 22.80 -0.60 -24.26
C ARG A 264 21.36 -0.08 -24.21
N VAL A 265 20.95 0.50 -23.09
CA VAL A 265 19.55 0.93 -22.99
C VAL A 265 19.47 2.36 -22.44
N SER A 266 18.73 3.24 -23.10
CA SER A 266 18.29 4.49 -22.50
C SER A 266 16.81 4.62 -22.54
N LEU A 267 16.28 5.14 -21.47
CA LEU A 267 14.77 5.18 -21.29
C LEU A 267 14.34 6.52 -20.78
N GLU A 268 13.23 7.01 -21.32
CA GLU A 268 12.49 8.13 -20.74
C GLU A 268 11.07 7.63 -20.47
N LEU A 269 10.60 7.72 -19.24
CA LEU A 269 9.36 7.03 -18.88
C LEU A 269 8.25 7.81 -18.16
N GLY A 270 8.16 9.10 -18.35
CA GLY A 270 7.05 9.79 -17.71
C GLY A 270 7.28 9.99 -16.22
N GLY A 271 6.26 10.49 -15.53
CA GLY A 271 6.43 10.84 -14.15
C GLY A 271 5.17 11.19 -13.40
N LYS A 272 5.37 11.67 -12.18
CA LYS A 272 4.31 12.22 -11.37
C LYS A 272 4.93 13.41 -10.67
N SER A 273 5.28 14.40 -11.48
CA SER A 273 6.17 15.47 -11.07
C SER A 273 5.50 16.41 -10.04
N PRO A 274 6.21 16.70 -8.92
CA PRO A 274 5.69 17.60 -7.93
C PRO A 274 6.03 19.07 -8.27
N CYS A 275 5.08 19.95 -7.99
CA CYS A 275 5.28 21.39 -8.10
C CYS A 275 4.97 22.00 -6.73
N ILE A 276 5.99 22.57 -6.08
CA ILE A 276 5.88 22.99 -4.70
C ILE A 276 5.84 24.51 -4.68
N VAL A 277 4.76 25.04 -4.15
CA VAL A 277 4.55 26.48 -4.00
C VAL A 277 4.62 26.87 -2.52
N PHE A 278 5.70 27.56 -2.15
CA PHE A 278 5.84 28.09 -0.79
C PHE A 278 5.04 29.40 -0.63
N ALA A 279 4.67 29.70 0.61
CA ALA A 279 3.88 30.92 0.92
C ALA A 279 4.56 32.19 0.52
N ASP A 280 5.90 32.18 0.39
CA ASP A 280 6.63 33.39 0.04
C ASP A 280 6.77 33.56 -1.50
N ALA A 281 6.11 32.70 -2.28
CA ALA A 281 6.21 32.77 -3.76
C ALA A 281 5.43 33.93 -4.38
N ASP A 282 5.81 34.34 -5.58
CA ASP A 282 5.00 35.23 -6.39
C ASP A 282 3.84 34.38 -6.88
N LEU A 283 2.65 34.65 -6.36
CA LEU A 283 1.48 33.80 -6.68
C LEU A 283 0.98 33.87 -8.11
N ASP A 284 0.88 35.07 -8.69
CA ASP A 284 0.44 35.22 -10.08
C ASP A 284 1.30 34.34 -11.00
N ASN A 285 2.63 34.41 -10.80
CA ASN A 285 3.55 33.63 -11.60
C ASN A 285 3.37 32.14 -11.39
N ALA A 286 3.24 31.74 -10.14
CA ALA A 286 3.13 30.35 -9.79
C ALA A 286 1.83 29.73 -10.33
N VAL A 287 0.70 30.45 -10.20
CA VAL A 287 -0.56 29.91 -10.69
C VAL A 287 -0.49 29.60 -12.17
N GLU A 288 0.01 30.53 -12.98
CA GLU A 288 0.08 30.31 -14.42
C GLU A 288 1.07 29.21 -14.83
N PHE A 289 2.28 29.22 -14.24
CA PHE A 289 3.22 28.13 -14.58
C PHE A 289 2.69 26.76 -14.18
N ALA A 290 2.09 26.64 -13.00
CA ALA A 290 1.65 25.34 -12.52
C ALA A 290 0.49 24.89 -13.38
N HIS A 291 -0.34 25.85 -13.74
CA HIS A 291 -1.47 25.53 -14.62
C HIS A 291 -1.06 24.99 -15.98
N GLN A 292 -0.22 25.76 -16.71
CA GLN A 292 0.35 25.29 -17.97
C GLN A 292 1.12 23.99 -17.82
N GLY A 293 1.82 23.88 -16.68
CA GLY A 293 2.61 22.71 -16.35
C GLY A 293 1.89 21.43 -16.28
N VAL A 294 0.60 21.46 -15.99
CA VAL A 294 -0.19 20.26 -15.96
C VAL A 294 -1.15 20.11 -17.17
N PHE A 295 -1.68 21.21 -17.69
CA PHE A 295 -2.69 21.16 -18.76
C PHE A 295 -2.12 21.16 -20.20
N TYR A 296 -0.84 21.48 -20.36
CA TYR A 296 -0.26 21.56 -21.70
C TYR A 296 -0.56 20.26 -22.53
N HIS A 297 -0.92 20.47 -23.77
CA HIS A 297 -1.26 19.40 -24.72
C HIS A 297 -2.20 18.37 -24.08
N GLN A 298 -3.27 18.90 -23.48
CA GLN A 298 -4.32 18.08 -22.93
C GLN A 298 -3.77 17.14 -21.87
N GLY A 299 -2.77 17.60 -21.14
CA GLY A 299 -2.16 16.80 -20.08
C GLY A 299 -1.16 15.72 -20.52
N GLN A 300 -0.87 15.63 -21.83
CA GLN A 300 -0.17 14.49 -22.41
C GLN A 300 1.34 14.77 -22.48
N CYS A 301 1.90 15.10 -21.33
CA CYS A 301 3.32 15.50 -21.24
C CYS A 301 3.92 14.77 -20.10
N CYS A 302 5.07 14.21 -20.33
CA CYS A 302 5.79 13.42 -19.35
C CYS A 302 6.09 14.20 -18.12
N ILE A 303 6.38 15.50 -18.29
CA ILE A 303 6.68 16.43 -17.16
C ILE A 303 5.48 17.05 -16.47
N ALA A 304 4.25 16.58 -16.79
CA ALA A 304 3.06 17.22 -16.19
C ALA A 304 3.20 17.41 -14.68
N ALA A 305 2.89 18.61 -14.23
CA ALA A 305 2.94 19.02 -12.80
C ALA A 305 1.70 18.48 -12.10
N SER A 306 1.69 17.19 -11.88
CA SER A 306 0.50 16.48 -11.55
C SER A 306 0.36 16.22 -10.04
N ARG A 307 1.30 16.73 -9.25
CA ARG A 307 1.08 16.90 -7.82
C ARG A 307 1.46 18.31 -7.45
N LEU A 308 0.47 19.15 -7.29
CA LEU A 308 0.72 20.54 -6.91
C LEU A 308 0.58 20.69 -5.40
N PHE A 309 1.71 20.86 -4.73
CA PHE A 309 1.79 21.02 -3.28
C PHE A 309 1.83 22.50 -2.97
N VAL A 310 0.85 22.96 -2.20
CA VAL A 310 0.74 24.41 -1.84
C VAL A 310 0.74 24.59 -0.33
N GLU A 311 1.54 25.53 0.14
CA GLU A 311 1.67 25.77 1.57
C GLU A 311 0.33 26.22 2.16
N GLU A 312 0.06 25.74 3.37
CA GLU A 312 -1.28 25.82 3.93
C GLU A 312 -1.86 27.24 3.90
N SER A 313 -1.06 28.24 4.29
CA SER A 313 -1.54 29.61 4.43
C SER A 313 -2.01 30.24 3.12
N ILE A 314 -1.53 29.72 1.99
CA ILE A 314 -1.98 30.21 0.68
C ILE A 314 -2.79 29.20 -0.14
N TYR A 315 -3.08 28.04 0.45
CA TYR A 315 -3.70 26.91 -0.28
C TYR A 315 -5.09 27.24 -0.83
N ASP A 316 -5.98 27.78 -0.01
CA ASP A 316 -7.37 28.05 -0.46
C ASP A 316 -7.39 29.04 -1.62
N GLU A 317 -6.62 30.11 -1.48
CA GLU A 317 -6.48 31.07 -2.55
C GLU A 317 -5.91 30.40 -3.81
N PHE A 318 -4.87 29.57 -3.67
CA PHE A 318 -4.26 28.95 -4.84
C PHE A 318 -5.23 28.01 -5.57
N VAL A 319 -6.01 27.27 -4.78
CA VAL A 319 -7.06 26.44 -5.34
C VAL A 319 -8.04 27.31 -6.11
N ARG A 320 -8.55 28.34 -5.48
CA ARG A 320 -9.55 29.22 -6.10
C ARG A 320 -9.02 29.74 -7.45
N ARG A 321 -7.79 30.22 -7.46
CA ARG A 321 -7.20 30.82 -8.66
C ARG A 321 -6.98 29.78 -9.75
N SER A 322 -6.61 28.58 -9.34
CA SER A 322 -6.34 27.48 -10.27
C SER A 322 -7.62 27.01 -10.93
N VAL A 323 -8.68 26.99 -10.15
CA VAL A 323 -9.99 26.58 -10.65
C VAL A 323 -10.49 27.62 -11.67
N GLU A 324 -10.42 28.89 -11.30
CA GLU A 324 -10.79 29.98 -12.18
C GLU A 324 -10.06 29.88 -13.51
N ARG A 325 -8.75 29.58 -13.43
CA ARG A 325 -7.92 29.47 -14.62
C ARG A 325 -8.30 28.32 -15.53
N ALA A 326 -8.67 27.19 -14.94
CA ALA A 326 -9.07 25.98 -15.68
C ALA A 326 -10.39 26.08 -16.40
N LYS A 327 -11.15 27.12 -16.13
CA LYS A 327 -12.45 27.30 -16.76
C LYS A 327 -12.40 28.11 -18.05
N LYS A 328 -11.20 28.51 -18.45
CA LYS A 328 -11.00 29.39 -19.60
C LYS A 328 -10.65 28.69 -20.93
N TYR A 329 -11.28 27.58 -21.24
CA TYR A 329 -10.93 26.83 -22.44
C TYR A 329 -12.12 26.68 -23.37
N VAL A 330 -11.83 26.60 -24.67
CA VAL A 330 -12.81 26.27 -25.69
C VAL A 330 -12.35 24.93 -26.29
N LEU A 331 -13.16 23.88 -26.14
CA LEU A 331 -12.75 22.57 -26.67
C LEU A 331 -13.20 22.42 -28.10
N GLY A 332 -12.45 21.66 -28.87
CA GLY A 332 -12.87 21.40 -30.24
C GLY A 332 -11.77 20.92 -31.15
N ASN A 333 -12.03 21.01 -32.45
CA ASN A 333 -11.05 20.61 -33.45
C ASN A 333 -9.79 21.49 -33.32
N PRO A 334 -8.64 20.86 -33.11
CA PRO A 334 -7.45 21.72 -32.92
C PRO A 334 -6.94 22.50 -34.14
N LEU A 335 -7.55 22.29 -35.32
CA LEU A 335 -7.27 23.11 -36.48
C LEU A 335 -8.12 24.39 -36.51
N THR A 336 -9.12 24.49 -35.64
CA THR A 336 -10.15 25.54 -35.74
C THR A 336 -9.70 26.77 -34.96
N PRO A 337 -9.69 27.95 -35.60
CA PRO A 337 -9.26 29.15 -34.83
C PRO A 337 -10.16 29.36 -33.60
N GLY A 338 -9.57 29.71 -32.47
CA GLY A 338 -10.36 29.92 -31.27
C GLY A 338 -10.38 28.73 -30.33
N VAL A 339 -10.14 27.52 -30.82
CA VAL A 339 -10.07 26.33 -29.98
C VAL A 339 -8.80 26.32 -29.16
N SER A 340 -8.90 26.13 -27.86
CA SER A 340 -7.74 26.16 -26.98
C SER A 340 -7.54 24.84 -26.22
N GLN A 341 -8.36 23.83 -26.52
CA GLN A 341 -8.09 22.48 -26.02
C GLN A 341 -8.59 21.42 -27.00
N GLY A 342 -7.69 20.54 -27.44
CA GLY A 342 -8.05 19.50 -28.42
C GLY A 342 -8.40 18.23 -27.70
N PRO A 343 -8.42 17.10 -28.42
CA PRO A 343 -8.85 15.82 -27.86
C PRO A 343 -7.65 15.10 -27.27
N GLN A 344 -7.97 14.06 -26.48
CA GLN A 344 -6.95 13.09 -26.12
C GLN A 344 -6.68 12.19 -27.36
N ILE A 345 -5.56 11.46 -27.34
CA ILE A 345 -5.04 10.82 -28.56
C ILE A 345 -5.90 9.68 -29.08
N ASP A 346 -6.56 8.94 -28.18
CA ASP A 346 -7.29 7.75 -28.58
C ASP A 346 -8.19 7.22 -27.46
N LYS A 347 -8.94 6.18 -27.77
CA LYS A 347 -9.91 5.64 -26.86
C LYS A 347 -9.27 5.10 -25.60
N GLU A 348 -8.18 4.35 -25.74
CA GLU A 348 -7.49 3.79 -24.58
C GLU A 348 -7.13 4.89 -23.58
N GLN A 349 -6.50 5.97 -24.04
CA GLN A 349 -6.11 7.03 -23.14
C GLN A 349 -7.33 7.73 -22.53
N TYR A 350 -8.33 7.98 -23.37
CA TYR A 350 -9.58 8.59 -22.96
C TYR A 350 -10.19 7.79 -21.78
N GLU A 351 -10.32 6.46 -21.92
CA GLU A 351 -10.93 5.62 -20.88
C GLU A 351 -10.06 5.55 -19.63
N LYS A 352 -8.74 5.56 -19.80
CA LYS A 352 -7.83 5.57 -18.69
C LYS A 352 -8.00 6.82 -17.83
N ILE A 353 -8.13 7.96 -18.49
CA ILE A 353 -8.31 9.24 -17.80
C ILE A 353 -9.67 9.30 -17.07
N LEU A 354 -10.73 8.91 -17.75
CA LEU A 354 -12.05 8.88 -17.13
C LEU A 354 -12.12 7.95 -15.94
N ASP A 355 -11.47 6.81 -16.02
CA ASP A 355 -11.39 5.91 -14.90
C ASP A 355 -10.64 6.50 -13.71
N LEU A 356 -9.54 7.20 -13.96
CA LEU A 356 -8.82 7.87 -12.88
C LEU A 356 -9.60 9.06 -12.25
N ILE A 357 -10.28 9.83 -13.08
CA ILE A 357 -11.22 10.85 -12.59
C ILE A 357 -12.27 10.22 -11.67
N GLU A 358 -12.90 9.14 -12.12
CA GLU A 358 -13.82 8.39 -11.23
C GLU A 358 -13.19 7.97 -9.91
N SER A 359 -11.93 7.51 -9.94
CA SER A 359 -11.28 7.09 -8.71
C SER A 359 -11.11 8.27 -7.74
N GLY A 360 -10.81 9.47 -8.26
CA GLY A 360 -10.69 10.62 -7.41
C GLY A 360 -11.98 10.95 -6.66
N LYS A 361 -13.10 10.89 -7.37
CA LYS A 361 -14.43 11.09 -6.75
C LYS A 361 -14.70 10.02 -5.69
N LYS A 362 -14.45 8.76 -6.05
CA LYS A 362 -14.71 7.63 -5.13
C LYS A 362 -13.83 7.67 -3.91
N GLU A 363 -12.59 8.17 -4.06
CA GLU A 363 -11.63 8.18 -2.96
C GLU A 363 -11.66 9.48 -2.13
N GLY A 364 -12.55 10.41 -2.46
CA GLY A 364 -12.86 11.53 -1.60
C GLY A 364 -12.15 12.81 -1.96
N ALA A 365 -11.47 12.89 -3.11
CA ALA A 365 -10.88 14.16 -3.52
C ALA A 365 -12.03 15.10 -3.83
N LYS A 366 -11.81 16.39 -3.68
CA LYS A 366 -12.83 17.36 -3.96
C LYS A 366 -12.82 17.79 -5.41
N LEU A 367 -13.89 17.44 -6.13
CA LEU A 367 -13.99 17.85 -7.56
C LEU A 367 -14.36 19.31 -7.68
N GLU A 368 -13.45 20.13 -8.14
CA GLU A 368 -13.66 21.59 -8.20
C GLU A 368 -14.26 22.03 -9.52
N CYS A 369 -13.86 21.40 -10.62
CA CYS A 369 -14.45 21.68 -11.93
C CYS A 369 -14.16 20.55 -12.88
N GLY A 370 -14.90 20.51 -13.98
CA GLY A 370 -14.79 19.48 -15.01
C GLY A 370 -15.23 18.12 -14.51
N GLY A 371 -14.50 17.07 -14.88
CA GLY A 371 -14.77 15.74 -14.33
C GLY A 371 -15.52 14.79 -15.24
N GLY A 372 -15.66 15.16 -16.51
CA GLY A 372 -16.45 14.40 -17.47
C GLY A 372 -16.10 14.68 -18.91
N PRO A 373 -16.66 13.87 -19.80
CA PRO A 373 -16.43 14.01 -21.23
C PRO A 373 -17.18 15.20 -21.81
N TRP A 374 -16.81 15.55 -23.03
CA TRP A 374 -17.44 16.63 -23.75
C TRP A 374 -17.62 16.22 -25.21
N GLY A 375 -18.69 16.71 -25.81
CA GLY A 375 -18.91 16.62 -27.26
C GLY A 375 -19.53 15.31 -27.69
N ASN A 376 -19.81 15.16 -28.97
CA ASN A 376 -20.37 13.90 -29.47
C ASN A 376 -19.50 13.26 -30.55
N LYS A 377 -18.26 13.73 -30.69
CA LYS A 377 -17.30 13.13 -31.58
C LYS A 377 -15.89 13.49 -31.12
N GLY A 378 -14.95 12.54 -31.14
CA GLY A 378 -13.59 12.79 -30.69
C GLY A 378 -13.42 12.60 -29.19
N TYR A 379 -12.18 12.38 -28.73
CA TYR A 379 -11.91 11.97 -27.37
C TYR A 379 -11.67 13.16 -26.40
N PHE A 380 -12.70 13.96 -26.18
CA PHE A 380 -12.58 15.18 -25.40
C PHE A 380 -12.98 15.00 -23.95
N ILE A 381 -12.20 15.58 -23.05
CA ILE A 381 -12.46 15.52 -21.63
C ILE A 381 -12.38 16.94 -21.06
N GLN A 382 -13.37 17.34 -20.24
CA GLN A 382 -13.35 18.67 -19.64
C GLN A 382 -12.10 18.85 -18.75
N PRO A 383 -11.47 20.03 -18.80
CA PRO A 383 -10.33 20.24 -17.90
C PRO A 383 -10.80 20.14 -16.44
N THR A 384 -10.07 19.37 -15.65
CA THR A 384 -10.55 18.93 -14.34
C THR A 384 -9.57 19.31 -13.24
N VAL A 385 -10.09 19.83 -12.14
CA VAL A 385 -9.27 20.17 -10.99
C VAL A 385 -9.82 19.46 -9.76
N PHE A 386 -8.96 18.73 -9.08
CA PHE A 386 -9.26 18.14 -7.78
C PHE A 386 -8.45 18.83 -6.69
N SER A 387 -9.09 19.17 -5.56
CA SER A 387 -8.37 19.65 -4.38
C SER A 387 -8.54 18.65 -3.23
N ASP A 388 -7.91 18.94 -2.10
CA ASP A 388 -7.91 18.06 -0.92
C ASP A 388 -7.43 16.66 -1.31
N VAL A 389 -6.47 16.61 -2.24
CA VAL A 389 -5.90 15.37 -2.69
C VAL A 389 -4.86 14.89 -1.66
N THR A 390 -4.90 13.61 -1.32
CA THR A 390 -3.97 13.05 -0.36
C THR A 390 -3.11 11.99 -1.03
N ASP A 391 -1.99 11.66 -0.38
CA ASP A 391 -0.88 10.95 -1.07
C ASP A 391 -1.20 9.53 -1.50
N ASP A 392 -2.18 8.92 -0.84
CA ASP A 392 -2.54 7.51 -1.05
C ASP A 392 -3.56 7.32 -2.16
N MET A 393 -4.12 8.40 -2.68
CA MET A 393 -5.11 8.32 -3.72
C MET A 393 -4.49 7.89 -5.06
N ARG A 394 -5.24 7.15 -5.88
CA ARG A 394 -4.78 6.85 -7.25
C ARG A 394 -4.38 8.08 -8.06
N ILE A 395 -5.16 9.15 -7.99
CA ILE A 395 -4.81 10.33 -8.76
C ILE A 395 -3.55 11.03 -8.20
N ALA A 396 -3.14 10.72 -6.97
CA ALA A 396 -1.87 11.24 -6.45
C ALA A 396 -0.68 10.36 -6.81
N LYS A 397 -0.90 9.12 -7.24
CA LYS A 397 0.17 8.14 -7.43
C LYS A 397 0.44 7.77 -8.89
N GLU A 398 -0.62 7.63 -9.67
CA GLU A 398 -0.56 7.15 -11.03
C GLU A 398 -0.51 8.30 -12.06
N GLU A 399 0.32 8.14 -13.08
CA GLU A 399 0.37 9.12 -14.17
C GLU A 399 -0.94 9.07 -14.92
N ILE A 400 -1.63 10.19 -14.97
CA ILE A 400 -2.98 10.25 -15.57
C ILE A 400 -2.87 10.49 -17.11
N PHE A 401 -2.00 11.44 -17.47
CA PHE A 401 -1.80 11.80 -18.90
C PHE A 401 -3.07 12.39 -19.53
N GLY A 402 -3.82 13.14 -18.71
CA GLY A 402 -5.00 13.86 -19.14
C GLY A 402 -5.09 15.20 -18.46
N PRO A 403 -6.12 16.01 -18.80
CA PRO A 403 -6.23 17.36 -18.29
C PRO A 403 -6.81 17.36 -16.89
N VAL A 404 -5.99 16.91 -15.92
CA VAL A 404 -6.44 16.65 -14.58
C VAL A 404 -5.39 17.09 -13.58
N GLN A 405 -5.75 18.10 -12.79
CA GLN A 405 -4.83 18.76 -11.88
C GLN A 405 -5.16 18.37 -10.43
N GLN A 406 -4.15 17.98 -9.68
CA GLN A 406 -4.31 17.57 -8.27
C GLN A 406 -3.68 18.62 -7.40
N ILE A 407 -4.43 19.15 -6.43
CA ILE A 407 -3.87 20.16 -5.51
C ILE A 407 -3.92 19.64 -4.07
N MET A 408 -2.78 19.74 -3.38
CA MET A 408 -2.55 19.10 -2.09
C MET A 408 -1.94 20.18 -1.18
N LYS A 409 -2.20 20.11 0.11
CA LYS A 409 -1.63 21.12 1.00
C LYS A 409 -0.43 20.55 1.75
N PHE A 410 0.47 21.42 2.19
CA PHE A 410 1.53 21.05 3.15
C PHE A 410 1.80 22.17 4.14
N LYS A 411 2.42 21.81 5.25
CA LYS A 411 2.79 22.77 6.28
C LYS A 411 4.30 22.84 6.48
N SER A 412 4.98 21.71 6.45
CA SER A 412 6.38 21.64 6.81
C SER A 412 7.27 21.46 5.56
N LEU A 413 8.35 22.21 5.52
CA LEU A 413 9.34 22.04 4.48
C LEU A 413 9.89 20.60 4.44
N ASP A 414 10.27 20.04 5.58
CA ASP A 414 10.83 18.68 5.59
C ASP A 414 9.83 17.68 5.08
N ASP A 415 8.57 17.82 5.52
CA ASP A 415 7.41 16.98 5.10
C ASP A 415 7.19 17.05 3.59
N VAL A 416 7.15 18.26 3.03
CA VAL A 416 6.82 18.37 1.63
C VAL A 416 7.94 17.76 0.76
N ILE A 417 9.21 17.88 1.16
CA ILE A 417 10.27 17.25 0.40
C ILE A 417 10.11 15.72 0.42
N LYS A 418 9.82 15.20 1.59
CA LYS A 418 9.60 13.75 1.74
C LYS A 418 8.48 13.26 0.84
N ARG A 419 7.36 13.96 0.90
CA ARG A 419 6.18 13.59 0.09
C ARG A 419 6.44 13.70 -1.39
N ALA A 420 7.09 14.78 -1.78
CA ALA A 420 7.50 14.95 -3.17
C ALA A 420 8.35 13.80 -3.70
N ASN A 421 9.28 13.34 -2.87
CA ASN A 421 10.22 12.30 -3.26
C ASN A 421 9.64 10.92 -3.09
N ASN A 422 8.50 10.81 -2.42
CA ASN A 422 7.93 9.49 -2.13
C ASN A 422 7.12 8.94 -3.33
N THR A 423 7.85 8.49 -4.34
CA THR A 423 7.31 8.01 -5.58
C THR A 423 8.43 7.29 -6.28
N PHE A 424 8.10 6.31 -7.11
N PHE A 424 8.07 6.31 -7.13
CA PHE A 424 9.09 5.66 -7.93
CA PHE A 424 9.03 5.63 -7.96
C PHE A 424 9.46 6.50 -9.15
C PHE A 424 9.45 6.49 -9.16
N TYR A 425 8.67 7.55 -9.43
CA TYR A 425 8.98 8.46 -10.50
C TYR A 425 10.04 9.45 -10.06
N GLY A 426 10.69 10.03 -11.06
CA GLY A 426 11.59 11.16 -10.91
C GLY A 426 11.91 11.95 -12.17
N LEU A 427 10.91 12.40 -12.94
CA LEU A 427 11.25 13.11 -14.18
C LEU A 427 11.62 14.60 -14.01
N SER A 428 10.86 15.29 -13.17
CA SER A 428 10.92 16.72 -13.02
C SER A 428 10.23 17.20 -11.78
N ALA A 429 10.47 18.44 -11.44
CA ALA A 429 9.82 19.07 -10.31
C ALA A 429 9.92 20.53 -10.46
N GLY A 430 9.04 21.24 -9.78
CA GLY A 430 9.07 22.70 -9.75
C GLY A 430 9.06 23.22 -8.31
N ILE A 431 9.71 24.36 -8.06
CA ILE A 431 9.70 25.04 -6.80
C ILE A 431 9.44 26.52 -7.02
N PHE A 432 8.49 27.06 -6.27
CA PHE A 432 8.13 28.48 -6.33
C PHE A 432 8.36 29.11 -4.96
N THR A 433 9.31 30.06 -4.92
CA THR A 433 9.71 30.69 -3.68
C THR A 433 10.47 31.94 -4.02
N ASN A 434 10.48 32.90 -3.09
CA ASN A 434 11.38 34.06 -3.21
C ASN A 434 12.66 33.88 -2.34
N ASP A 435 12.85 32.71 -1.72
CA ASP A 435 13.94 32.51 -0.74
C ASP A 435 15.13 31.85 -1.47
N ILE A 436 16.26 32.54 -1.55
CA ILE A 436 17.49 31.99 -2.16
C ILE A 436 17.86 30.61 -1.57
N ASP A 437 17.80 30.50 -0.25
CA ASP A 437 18.22 29.28 0.39
C ASP A 437 17.35 28.14 0.06
N LYS A 438 16.04 28.38 0.00
CA LYS A 438 15.12 27.31 -0.40
C LYS A 438 15.32 26.94 -1.84
N ALA A 439 15.53 27.93 -2.70
CA ALA A 439 15.73 27.62 -4.10
C ALA A 439 16.85 26.62 -4.29
N ILE A 440 18.02 26.89 -3.67
CA ILE A 440 19.16 26.05 -3.83
C ILE A 440 19.06 24.74 -3.08
N THR A 441 18.68 24.80 -1.80
CA THR A 441 18.70 23.56 -0.98
C THR A 441 17.53 22.64 -1.34
N VAL A 442 16.36 23.21 -1.63
CA VAL A 442 15.24 22.33 -1.99
C VAL A 442 15.51 21.67 -3.36
N SER A 443 15.97 22.43 -4.36
CA SER A 443 16.32 21.84 -5.59
C SER A 443 17.41 20.73 -5.45
N SER A 444 18.38 20.90 -4.53
CA SER A 444 19.36 19.84 -4.26
C SER A 444 18.73 18.57 -3.70
N ALA A 445 17.70 18.75 -2.87
CA ALA A 445 17.07 17.64 -2.13
C ALA A 445 16.04 16.83 -2.93
N LEU A 446 15.49 17.41 -3.99
CA LEU A 446 14.42 16.73 -4.79
C LEU A 446 15.02 15.68 -5.72
N GLN A 447 14.46 14.48 -5.71
CA GLN A 447 14.96 13.38 -6.52
C GLN A 447 14.31 13.41 -7.91
N SER A 448 14.66 14.42 -8.69
CA SER A 448 14.10 14.69 -10.02
C SER A 448 15.18 15.13 -10.96
N GLY A 449 15.09 14.74 -12.22
CA GLY A 449 16.10 15.00 -13.19
C GLY A 449 16.22 16.46 -13.60
N THR A 450 15.07 17.14 -13.75
CA THR A 450 15.07 18.63 -14.01
C THR A 450 14.26 19.26 -12.87
N VAL A 451 14.80 20.29 -12.27
CA VAL A 451 14.13 21.04 -11.22
C VAL A 451 14.04 22.49 -11.68
N TRP A 452 12.83 22.98 -11.90
CA TRP A 452 12.60 24.38 -12.30
C TRP A 452 12.33 25.23 -11.06
N VAL A 453 12.87 26.44 -11.01
CA VAL A 453 12.67 27.37 -9.93
C VAL A 453 11.98 28.60 -10.46
N ASN A 454 10.79 28.88 -9.96
CA ASN A 454 9.95 30.01 -10.38
C ASN A 454 9.52 29.96 -11.85
N CYS A 455 9.51 28.75 -12.42
CA CYS A 455 9.03 28.48 -13.74
C CYS A 455 8.72 27.03 -13.82
N TYR A 456 8.30 26.57 -15.00
CA TYR A 456 8.00 25.18 -15.23
C TYR A 456 8.06 24.94 -16.73
N SER A 457 8.30 23.69 -17.15
CA SER A 457 8.20 23.25 -18.54
C SER A 457 9.25 23.89 -19.45
N VAL A 458 10.29 24.41 -18.89
CA VAL A 458 11.32 25.07 -19.71
C VAL A 458 12.37 24.03 -20.10
N VAL A 459 12.31 23.64 -21.37
CA VAL A 459 13.16 22.55 -21.92
C VAL A 459 13.87 23.13 -23.17
N SER A 460 15.18 22.95 -23.27
CA SER A 460 15.94 23.56 -24.36
C SER A 460 16.98 22.52 -24.77
N ALA A 461 17.39 22.57 -26.02
CA ALA A 461 18.31 21.55 -26.55
C ALA A 461 19.69 21.56 -25.82
N GLN A 462 20.03 22.70 -25.23
CA GLN A 462 21.29 22.80 -24.52
C GLN A 462 21.30 22.08 -23.18
N CYS A 463 20.15 21.69 -22.67
CA CYS A 463 20.04 21.07 -21.33
C CYS A 463 19.89 19.55 -21.42
N PRO A 464 20.60 18.79 -20.57
CA PRO A 464 20.33 17.35 -20.52
C PRO A 464 18.95 17.18 -19.89
N PHE A 465 18.24 16.13 -20.34
CA PHE A 465 16.89 15.88 -19.89
C PHE A 465 16.70 14.40 -19.67
N GLY A 466 16.21 14.05 -18.47
CA GLY A 466 15.83 12.65 -18.21
C GLY A 466 15.55 12.46 -16.73
N GLY A 467 15.28 11.22 -16.38
CA GLY A 467 14.68 10.90 -15.10
C GLY A 467 15.64 10.35 -14.08
N PHE A 468 15.34 10.60 -12.81
CA PHE A 468 15.81 9.79 -11.69
C PHE A 468 14.88 8.57 -11.51
N LYS A 469 15.37 7.52 -10.86
CA LYS A 469 14.53 6.36 -10.47
C LYS A 469 13.81 5.75 -11.70
N MET A 470 12.51 5.46 -11.61
CA MET A 470 11.81 4.80 -12.65
C MET A 470 11.26 5.74 -13.70
N SER A 471 11.63 7.02 -13.66
CA SER A 471 11.35 7.91 -14.74
C SER A 471 12.36 7.81 -15.89
N GLY A 472 13.46 7.10 -15.71
CA GLY A 472 14.38 6.91 -16.84
C GLY A 472 15.78 6.40 -16.50
N ASN A 473 16.55 6.13 -17.55
CA ASN A 473 17.98 5.82 -17.46
C ASN A 473 18.61 6.70 -18.51
N GLY A 474 19.62 7.46 -18.14
CA GLY A 474 20.36 8.26 -19.11
C GLY A 474 19.76 9.64 -19.28
N ARG A 475 20.45 10.45 -20.07
CA ARG A 475 19.99 11.80 -20.37
C ARG A 475 20.03 12.02 -21.91
N GLU A 476 19.12 12.88 -22.35
CA GLU A 476 19.03 13.24 -23.75
C GLU A 476 19.33 14.71 -23.88
N LEU A 477 19.95 15.01 -24.99
CA LEU A 477 20.34 16.37 -25.37
C LEU A 477 21.38 16.97 -24.38
N GLY A 478 21.71 18.21 -24.64
CA GLY A 478 22.87 18.81 -23.94
C GLY A 478 24.20 18.13 -24.29
N GLU A 479 25.30 18.59 -23.70
CA GLU A 479 26.50 17.90 -23.82
C GLU A 479 26.42 16.42 -23.37
N TYR A 480 25.72 16.21 -22.25
CA TYR A 480 25.70 14.92 -21.55
C TYR A 480 25.01 13.84 -22.35
N GLY A 481 23.95 14.24 -23.04
CA GLY A 481 23.19 13.35 -23.89
C GLY A 481 23.99 12.78 -25.00
N PHE A 482 24.86 13.60 -25.56
CA PHE A 482 25.54 13.24 -26.78
C PHE A 482 26.58 12.23 -26.52
N HIS A 483 27.24 12.38 -25.37
CA HIS A 483 28.25 11.41 -24.96
C HIS A 483 27.62 10.03 -24.81
N GLU A 484 26.37 9.93 -24.42
N GLU A 484 26.33 9.93 -24.45
CA GLU A 484 25.69 8.58 -24.41
CA GLU A 484 25.54 8.62 -24.43
C GLU A 484 25.26 7.95 -25.80
C GLU A 484 25.24 7.95 -25.81
N TYR A 485 25.50 8.65 -26.90
CA TYR A 485 25.47 8.02 -28.24
C TYR A 485 26.89 7.69 -28.78
N THR A 486 27.82 7.57 -27.85
CA THR A 486 29.19 7.16 -28.12
C THR A 486 29.58 5.89 -27.29
N GLU A 487 30.51 5.13 -27.80
CA GLU A 487 31.14 4.01 -27.16
C GLU A 487 32.65 4.31 -27.10
N VAL A 488 33.23 4.24 -25.90
CA VAL A 488 34.64 4.69 -25.69
C VAL A 488 35.60 3.53 -25.91
N LYS A 489 36.59 3.76 -26.75
CA LYS A 489 37.65 2.82 -27.03
C LYS A 489 38.96 3.42 -26.54
N THR A 490 39.72 2.62 -25.81
CA THR A 490 41.00 3.05 -25.30
C THR A 490 42.07 2.36 -26.15
N VAL A 491 43.00 3.14 -26.66
CA VAL A 491 44.10 2.59 -27.44
C VAL A 491 45.42 2.93 -26.76
N THR A 492 46.22 1.91 -26.49
CA THR A 492 47.43 2.05 -25.67
C THR A 492 48.64 1.49 -26.47
N ILE A 493 49.58 2.35 -26.78
CA ILE A 493 50.66 2.01 -27.70
C ILE A 493 51.99 2.03 -26.92
N LYS A 494 52.74 0.95 -26.99
CA LYS A 494 54.06 0.90 -26.33
C LYS A 494 55.01 1.86 -27.04
N ILE A 495 55.80 2.58 -26.25
CA ILE A 495 56.79 3.47 -26.80
C ILE A 495 58.08 3.32 -26.00
N SER A 496 59.19 3.71 -26.63
CA SER A 496 60.50 3.55 -26.00
C SER A 496 60.61 4.35 -24.70
N GLN A 497 60.14 5.60 -24.72
N GLN A 497 60.15 5.61 -24.71
CA GLN A 497 60.19 6.46 -23.54
CA GLN A 497 60.17 6.43 -23.50
C GLN A 497 59.12 7.53 -23.66
C GLN A 497 59.13 7.53 -23.66
N LYS A 498 58.29 7.67 -22.62
CA LYS A 498 57.29 8.74 -22.54
C LYS A 498 57.90 10.00 -21.94
N ASN A 499 57.42 11.16 -22.38
CA ASN A 499 57.67 12.38 -21.73
C ASN A 499 56.38 13.14 -21.55
N SER A 500 56.32 13.94 -20.50
CA SER A 500 55.18 14.75 -20.19
C SER A 500 54.91 15.77 -21.30
N ASP B 7 61.95 -5.19 -2.43
CA ASP B 7 61.97 -6.64 -2.67
C ASP B 7 60.56 -7.13 -2.45
N VAL B 8 60.43 -8.44 -2.50
CA VAL B 8 59.22 -9.10 -2.03
C VAL B 8 59.52 -9.80 -0.70
N PRO B 9 58.81 -9.42 0.37
CA PRO B 9 59.03 -10.13 1.62
C PRO B 9 58.51 -11.57 1.58
N ALA B 10 58.98 -12.39 2.50
CA ALA B 10 58.39 -13.68 2.68
C ALA B 10 56.92 -13.54 3.05
N PRO B 11 56.08 -14.43 2.51
CA PRO B 11 54.69 -14.40 2.92
C PRO B 11 54.50 -14.81 4.34
N LEU B 12 53.37 -14.47 4.94
CA LEU B 12 52.99 -15.04 6.28
C LEU B 12 52.56 -16.52 6.09
N THR B 13 52.58 -17.31 7.15
CA THR B 13 51.97 -18.64 7.08
C THR B 13 51.08 -18.76 8.31
N ASN B 14 50.17 -19.74 8.33
CA ASN B 14 49.44 -19.97 9.58
C ASN B 14 48.62 -18.70 9.84
N LEU B 15 47.95 -18.18 8.82
CA LEU B 15 47.20 -16.97 9.04
C LEU B 15 46.12 -17.21 10.02
N GLN B 16 45.94 -16.30 10.98
CA GLN B 16 44.77 -16.35 11.87
C GLN B 16 43.66 -15.46 11.35
N PHE B 17 42.47 -16.01 11.10
CA PHE B 17 41.39 -15.22 10.53
C PHE B 17 40.58 -14.53 11.60
N LYS B 18 40.07 -13.35 11.26
CA LYS B 18 39.42 -12.45 12.20
C LYS B 18 38.11 -11.96 11.68
N TYR B 19 38.07 -11.53 10.42
CA TYR B 19 36.91 -10.89 9.83
C TYR B 19 36.19 -11.87 8.94
N THR B 20 35.13 -12.40 9.52
CA THR B 20 34.39 -13.51 8.94
C THR B 20 32.90 -13.28 8.92
N LYS B 21 32.48 -12.07 9.24
CA LYS B 21 31.06 -11.73 9.37
C LYS B 21 30.55 -10.74 8.31
N ILE B 22 29.25 -10.47 8.32
CA ILE B 22 28.62 -9.50 7.44
C ILE B 22 28.84 -8.12 8.02
N PHE B 23 29.29 -7.17 7.17
CA PHE B 23 29.68 -5.80 7.57
C PHE B 23 28.58 -4.81 7.17
N ILE B 24 27.89 -4.28 8.17
CA ILE B 24 26.77 -3.35 7.96
C ILE B 24 26.88 -2.25 9.04
N ASN B 25 26.80 -0.97 8.61
CA ASN B 25 26.85 0.15 9.51
C ASN B 25 28.10 0.11 10.40
N ASN B 26 29.20 -0.30 9.77
CA ASN B 26 30.52 -0.38 10.44
C ASN B 26 30.53 -1.34 11.63
N GLU B 27 29.60 -2.31 11.65
CA GLU B 27 29.58 -3.36 12.67
C GLU B 27 29.55 -4.70 11.95
N TRP B 28 29.94 -5.71 12.68
CA TRP B 28 30.00 -7.13 12.24
C TRP B 28 28.76 -7.87 12.76
N HIS B 29 28.02 -8.47 11.84
CA HIS B 29 26.75 -9.20 12.09
C HIS B 29 26.87 -10.69 11.73
N SER B 30 26.25 -11.53 12.48
CA SER B 30 25.99 -12.89 12.07
C SER B 30 24.95 -12.88 10.95
N SER B 31 24.89 -13.96 10.15
CA SER B 31 23.83 -14.02 9.12
C SER B 31 22.52 -14.12 9.91
N VAL B 32 21.45 -13.63 9.26
CA VAL B 32 20.10 -13.73 9.87
C VAL B 32 19.69 -15.18 10.10
N SER B 33 20.03 -16.03 9.17
CA SER B 33 19.71 -17.46 9.26
C SER B 33 20.57 -18.22 10.25
N GLY B 34 21.72 -17.66 10.56
CA GLY B 34 22.77 -18.36 11.32
C GLY B 34 23.71 -19.23 10.49
N LYS B 35 23.45 -19.41 9.18
CA LYS B 35 24.28 -20.29 8.39
C LYS B 35 25.65 -19.61 8.12
N LYS B 36 26.62 -20.49 7.97
CA LYS B 36 27.94 -20.12 7.52
C LYS B 36 28.32 -20.98 6.30
N PHE B 37 29.34 -20.55 5.58
CA PHE B 37 29.87 -21.34 4.49
C PHE B 37 31.37 -21.42 4.52
N PRO B 38 31.92 -22.51 4.04
CA PRO B 38 33.38 -22.72 4.12
C PRO B 38 34.11 -22.02 3.02
N VAL B 39 35.32 -21.57 3.33
CA VAL B 39 36.22 -20.98 2.37
C VAL B 39 37.50 -21.80 2.31
N PHE B 40 37.98 -22.09 1.08
CA PHE B 40 39.09 -23.02 0.86
C PHE B 40 40.32 -22.41 0.19
N ASN B 41 41.45 -23.09 0.40
CA ASN B 41 42.67 -22.79 -0.32
C ASN B 41 42.73 -23.71 -1.54
N PRO B 42 42.67 -23.14 -2.77
CA PRO B 42 42.61 -24.02 -3.96
C PRO B 42 43.86 -24.81 -4.26
N ALA B 43 45.00 -24.41 -3.66
CA ALA B 43 46.25 -25.15 -3.85
C ALA B 43 46.33 -26.40 -3.00
N THR B 44 45.66 -26.40 -1.86
CA THR B 44 45.75 -27.53 -0.90
C THR B 44 44.43 -28.25 -0.70
N GLU B 45 43.32 -27.64 -1.12
CA GLU B 45 41.96 -28.07 -0.84
C GLU B 45 41.54 -27.99 0.63
N GLU B 46 42.36 -27.37 1.48
CA GLU B 46 42.01 -27.29 2.88
C GLU B 46 41.17 -26.05 3.19
N LYS B 47 40.32 -26.21 4.22
CA LYS B 47 39.45 -25.12 4.63
C LYS B 47 40.25 -24.07 5.36
N LEU B 48 40.08 -22.81 5.00
CA LEU B 48 40.76 -21.70 5.67
C LEU B 48 39.99 -21.23 6.89
N CYS B 49 38.68 -21.07 6.70
CA CYS B 49 37.75 -20.67 7.73
C CYS B 49 36.33 -20.76 7.19
N GLU B 50 35.37 -20.42 8.06
CA GLU B 50 33.96 -20.33 7.71
C GLU B 50 33.53 -18.88 7.78
N VAL B 51 32.62 -18.50 6.91
CA VAL B 51 32.20 -17.10 6.85
C VAL B 51 30.67 -17.08 6.97
N GLU B 52 30.12 -16.03 7.58
CA GLU B 52 28.67 -15.88 7.62
C GLU B 52 28.04 -15.87 6.19
N GLU B 53 26.97 -16.62 6.02
CA GLU B 53 26.32 -16.77 4.68
C GLU B 53 25.19 -15.79 4.56
N GLY B 54 25.48 -14.71 3.92
CA GLY B 54 24.47 -13.68 3.67
C GLY B 54 23.48 -14.13 2.60
N ASP B 55 22.23 -13.70 2.77
CA ASP B 55 21.18 -14.01 1.84
C ASP B 55 20.31 -12.76 1.74
N LYS B 56 19.13 -12.91 1.15
CA LYS B 56 18.21 -11.77 0.96
C LYS B 56 17.96 -10.92 2.20
N GLU B 57 17.76 -11.53 3.37
N GLU B 57 17.77 -11.54 3.36
CA GLU B 57 17.47 -10.74 4.58
CA GLU B 57 17.47 -10.79 4.56
C GLU B 57 18.67 -9.90 5.01
C GLU B 57 18.67 -9.91 5.00
N ASP B 58 19.89 -10.39 4.77
CA ASP B 58 21.11 -9.68 5.08
C ASP B 58 21.32 -8.52 4.12
N VAL B 59 21.06 -8.79 2.85
CA VAL B 59 21.09 -7.74 1.86
C VAL B 59 20.09 -6.64 2.21
N ASP B 60 18.90 -7.03 2.64
CA ASP B 60 17.86 -6.08 2.99
C ASP B 60 18.38 -5.11 4.05
N LYS B 61 19.05 -5.66 5.05
CA LYS B 61 19.65 -4.84 6.14
C LYS B 61 20.73 -3.91 5.63
N ALA B 62 21.53 -4.42 4.71
CA ALA B 62 22.66 -3.65 4.19
C ALA B 62 22.12 -2.49 3.32
N VAL B 63 21.13 -2.76 2.51
CA VAL B 63 20.55 -1.70 1.67
C VAL B 63 19.84 -0.62 2.51
N LYS B 64 19.11 -1.01 3.58
CA LYS B 64 18.59 -0.02 4.49
C LYS B 64 19.68 0.89 5.08
N ALA B 65 20.82 0.28 5.44
CA ALA B 65 21.95 1.05 5.98
C ALA B 65 22.54 1.99 4.97
N ALA B 66 22.70 1.51 3.76
CA ALA B 66 23.31 2.33 2.71
C ALA B 66 22.37 3.49 2.37
N ARG B 67 21.08 3.21 2.39
CA ARG B 67 20.08 4.27 2.10
C ARG B 67 20.05 5.36 3.16
N GLN B 68 20.10 4.95 4.42
CA GLN B 68 20.13 5.90 5.50
C GLN B 68 21.37 6.77 5.42
N ALA B 69 22.48 6.15 5.05
CA ALA B 69 23.79 6.93 4.97
C ALA B 69 23.77 7.91 3.84
N PHE B 70 22.91 7.68 2.85
CA PHE B 70 22.79 8.55 1.67
C PHE B 70 21.74 9.69 1.83
N GLN B 71 21.00 9.71 2.94
CA GLN B 71 19.94 10.73 3.11
C GLN B 71 20.53 12.15 3.12
N ILE B 72 19.84 13.07 2.46
CA ILE B 72 20.15 14.49 2.56
C ILE B 72 20.38 14.85 4.05
N GLY B 73 21.46 15.58 4.31
CA GLY B 73 21.79 15.99 5.68
C GLY B 73 22.69 15.05 6.41
N SER B 74 22.88 13.84 5.87
CA SER B 74 23.75 12.84 6.54
C SER B 74 25.22 13.22 6.49
N PRO B 75 26.02 12.66 7.37
CA PRO B 75 27.45 13.06 7.33
C PRO B 75 28.11 12.80 5.95
N TRP B 76 27.73 11.73 5.24
CA TRP B 76 28.35 11.40 3.98
C TRP B 76 27.87 12.33 2.85
N ARG B 77 26.61 12.76 2.91
CA ARG B 77 26.09 13.72 1.90
C ARG B 77 26.59 15.13 2.14
N THR B 78 26.81 15.53 3.41
CA THR B 78 27.20 16.93 3.69
C THR B 78 28.71 17.16 3.78
N MET B 79 29.48 16.10 3.86
CA MET B 79 30.95 16.36 4.00
C MET B 79 31.52 16.95 2.75
N ASP B 80 32.61 17.71 2.92
CA ASP B 80 33.29 18.25 1.75
C ASP B 80 33.72 17.12 0.79
N ALA B 81 33.59 17.35 -0.53
CA ALA B 81 34.10 16.42 -1.51
C ALA B 81 35.61 16.14 -1.24
N SER B 82 36.32 17.16 -0.87
CA SER B 82 37.74 16.99 -0.60
C SER B 82 38.04 16.02 0.54
N GLU B 83 37.13 15.98 1.51
CA GLU B 83 37.23 15.09 2.65
C GLU B 83 36.96 13.66 2.24
N ARG B 84 36.06 13.44 1.26
CA ARG B 84 35.89 12.10 0.70
C ARG B 84 37.20 11.65 0.10
N GLY B 85 37.90 12.53 -0.57
CA GLY B 85 39.20 12.24 -1.12
C GLY B 85 40.19 11.91 -0.04
N ARG B 86 40.21 12.69 1.03
CA ARG B 86 41.17 12.41 2.09
C ARG B 86 40.92 11.04 2.70
N LEU B 87 39.66 10.70 2.88
CA LEU B 87 39.32 9.39 3.41
C LEU B 87 39.77 8.22 2.53
N LEU B 88 39.62 8.37 1.21
CA LEU B 88 40.10 7.36 0.28
C LEU B 88 41.63 7.22 0.34
N ASN B 89 42.34 8.35 0.45
CA ASN B 89 43.78 8.25 0.64
C ASN B 89 44.21 7.62 1.92
N LYS B 90 43.46 7.85 3.00
CA LYS B 90 43.73 7.20 4.28
C LYS B 90 43.47 5.70 4.23
N LEU B 91 42.47 5.31 3.47
CA LEU B 91 42.21 3.89 3.21
C LEU B 91 43.42 3.28 2.45
N ALA B 92 43.91 3.98 1.43
CA ALA B 92 45.07 3.50 0.72
C ALA B 92 46.31 3.36 1.62
N ASP B 93 46.52 4.33 2.53
CA ASP B 93 47.59 4.20 3.54
C ASP B 93 47.46 2.95 4.40
N LEU B 94 46.22 2.60 4.75
CA LEU B 94 46.03 1.41 5.58
C LEU B 94 46.28 0.13 4.77
N ILE B 95 45.90 0.13 3.47
CA ILE B 95 46.23 -1.00 2.60
C ILE B 95 47.75 -1.15 2.52
N GLU B 96 48.48 -0.04 2.38
CA GLU B 96 49.96 -0.14 2.38
CA GLU B 96 49.93 -0.13 2.38
C GLU B 96 50.46 -0.75 3.69
N ARG B 97 49.90 -0.33 4.82
CA ARG B 97 50.35 -0.83 6.14
C ARG B 97 50.13 -2.36 6.21
N ASP B 98 48.98 -2.76 5.72
CA ASP B 98 48.54 -4.15 5.82
C ASP B 98 48.83 -4.96 4.53
N ARG B 99 49.80 -4.52 3.75
CA ARG B 99 50.05 -5.08 2.43
C ARG B 99 50.47 -6.54 2.47
N LEU B 100 51.33 -6.90 3.40
CA LEU B 100 51.84 -8.26 3.48
C LEU B 100 50.72 -9.23 3.91
N LEU B 101 49.94 -8.85 4.88
CA LEU B 101 48.78 -9.64 5.27
C LEU B 101 47.80 -9.83 4.16
N LEU B 102 47.38 -8.75 3.56
CA LEU B 102 46.45 -8.83 2.46
C LEU B 102 46.96 -9.67 1.28
N ALA B 103 48.20 -9.47 0.87
CA ALA B 103 48.78 -10.25 -0.24
C ALA B 103 48.88 -11.70 0.10
N THR B 104 49.30 -12.03 1.32
CA THR B 104 49.26 -13.44 1.77
C THR B 104 47.87 -14.04 1.74
N MET B 105 46.93 -13.30 2.28
CA MET B 105 45.51 -13.77 2.29
C MET B 105 45.02 -13.99 0.91
N GLU B 106 45.34 -13.04 0.01
CA GLU B 106 44.84 -13.12 -1.36
C GLU B 106 45.41 -14.35 -2.05
N ALA B 107 46.69 -14.62 -1.79
CA ALA B 107 47.39 -15.76 -2.39
C ALA B 107 46.80 -17.10 -1.90
N MET B 108 46.57 -17.18 -0.61
CA MET B 108 46.02 -18.37 0.00
C MET B 108 44.61 -18.64 -0.44
N ASN B 109 43.75 -17.62 -0.40
CA ASN B 109 42.32 -17.82 -0.76
C ASN B 109 42.11 -17.88 -2.27
N GLY B 110 42.94 -17.14 -3.03
CA GLY B 110 42.73 -17.05 -4.47
C GLY B 110 43.55 -17.95 -5.38
N GLY B 111 44.50 -18.74 -4.82
CA GLY B 111 45.37 -19.58 -5.60
C GLY B 111 46.24 -18.69 -6.50
N LYS B 112 46.60 -17.54 -5.97
CA LYS B 112 47.29 -16.50 -6.72
C LYS B 112 48.77 -16.43 -6.32
N LEU B 113 49.68 -16.43 -7.30
CA LEU B 113 51.13 -16.36 -7.04
C LEU B 113 51.41 -15.20 -6.08
N PHE B 114 52.15 -15.49 -5.01
CA PHE B 114 52.32 -14.52 -3.94
C PHE B 114 53.05 -13.27 -4.41
N SER B 115 54.11 -13.43 -5.19
N SER B 115 54.12 -13.43 -5.18
CA SER B 115 54.84 -12.27 -5.64
CA SER B 115 54.86 -12.24 -5.63
C SER B 115 53.97 -11.34 -6.48
C SER B 115 53.98 -11.33 -6.49
N ASN B 116 53.13 -11.94 -7.33
CA ASN B 116 52.18 -11.15 -8.10
C ASN B 116 51.13 -10.47 -7.24
N ALA B 117 50.62 -11.19 -6.23
CA ALA B 117 49.66 -10.63 -5.30
C ALA B 117 50.26 -9.42 -4.58
N TYR B 118 51.52 -9.54 -4.18
CA TYR B 118 52.17 -8.48 -3.40
C TYR B 118 52.51 -7.27 -4.26
N LEU B 119 53.07 -7.53 -5.42
CA LEU B 119 53.60 -6.45 -6.30
C LEU B 119 52.51 -5.89 -7.14
N MET B 120 51.81 -6.74 -7.86
CA MET B 120 50.82 -6.31 -8.84
C MET B 120 49.45 -6.02 -8.26
N ASP B 121 48.82 -7.02 -7.65
CA ASP B 121 47.49 -6.79 -7.15
C ASP B 121 47.48 -5.69 -6.12
N LEU B 122 48.31 -5.83 -5.08
CA LEU B 122 48.26 -4.89 -3.97
C LEU B 122 48.74 -3.49 -4.43
N GLY B 123 49.74 -3.45 -5.32
CA GLY B 123 50.15 -2.20 -5.90
C GLY B 123 49.03 -1.50 -6.67
N GLY B 124 48.30 -2.26 -7.50
CA GLY B 124 47.16 -1.76 -8.22
C GLY B 124 46.05 -1.30 -7.30
N CYS B 125 45.87 -1.98 -6.17
CA CYS B 125 44.82 -1.62 -5.20
C CYS B 125 45.10 -0.21 -4.65
N ILE B 126 46.36 -0.01 -4.25
CA ILE B 126 46.81 1.28 -3.71
C ILE B 126 46.70 2.38 -4.79
N LYS B 127 47.23 2.13 -5.98
CA LYS B 127 47.20 3.11 -7.09
C LYS B 127 45.77 3.47 -7.48
N THR B 128 44.89 2.48 -7.49
CA THR B 128 43.48 2.74 -7.85
C THR B 128 42.85 3.69 -6.86
N LEU B 129 43.05 3.43 -5.57
CA LEU B 129 42.49 4.30 -4.55
C LEU B 129 43.08 5.71 -4.63
N ARG B 130 44.36 5.83 -4.86
CA ARG B 130 44.97 7.18 -4.94
C ARG B 130 44.43 7.95 -6.13
N TYR B 131 44.20 7.24 -7.21
CA TYR B 131 43.57 7.91 -8.39
C TYR B 131 42.17 8.38 -8.11
N CYS B 132 41.32 7.48 -7.56
CA CYS B 132 39.97 7.79 -7.12
C CYS B 132 39.90 8.98 -6.13
N ALA B 133 40.80 9.00 -5.17
CA ALA B 133 40.80 10.02 -4.16
C ALA B 133 40.94 11.39 -4.80
N GLY B 134 41.77 11.44 -5.83
CA GLY B 134 42.03 12.68 -6.50
C GLY B 134 40.86 13.23 -7.28
N TRP B 135 39.95 12.38 -7.74
CA TRP B 135 38.72 12.83 -8.50
C TRP B 135 37.65 13.45 -7.62
N ALA B 136 37.68 13.17 -6.30
CA ALA B 136 36.47 13.45 -5.49
C ALA B 136 35.93 14.89 -5.57
N ASP B 137 36.84 15.88 -5.52
CA ASP B 137 36.47 17.29 -5.53
C ASP B 137 36.75 17.94 -6.91
N LYS B 138 36.78 17.11 -7.95
CA LYS B 138 36.92 17.51 -9.32
C LYS B 138 35.78 17.01 -10.23
N ILE B 139 34.81 16.34 -9.62
CA ILE B 139 33.56 15.97 -10.31
C ILE B 139 32.66 17.22 -10.29
N GLN B 140 32.42 17.76 -11.47
CA GLN B 140 31.76 19.07 -11.62
C GLN B 140 30.58 18.94 -12.54
N GLY B 141 29.62 19.83 -12.37
CA GLY B 141 28.57 20.03 -13.38
C GLY B 141 28.87 21.24 -14.27
N ARG B 142 27.81 21.77 -14.86
CA ARG B 142 27.92 22.81 -15.89
C ARG B 142 27.06 23.99 -15.58
N THR B 143 27.40 25.13 -16.15
CA THR B 143 26.49 26.21 -16.35
C THR B 143 26.24 26.35 -17.85
N ILE B 144 24.99 26.53 -18.24
CA ILE B 144 24.54 26.25 -19.62
C ILE B 144 23.80 27.44 -20.19
N PRO B 145 24.26 27.99 -21.36
CA PRO B 145 23.62 29.18 -21.94
C PRO B 145 22.36 28.82 -22.76
N MET B 146 21.36 28.30 -22.05
CA MET B 146 20.09 27.89 -22.63
C MET B 146 19.32 29.09 -23.21
N ASP B 147 18.38 28.81 -24.12
CA ASP B 147 17.51 29.81 -24.66
C ASP B 147 16.61 30.41 -23.59
N GLY B 148 16.37 31.71 -23.73
CA GLY B 148 15.43 32.44 -22.87
C GLY B 148 16.08 32.98 -21.60
N ASN B 149 15.24 33.70 -20.84
CA ASN B 149 15.72 34.40 -19.63
C ASN B 149 15.75 33.48 -18.43
N PHE B 150 16.75 32.63 -18.43
CA PHE B 150 16.97 31.62 -17.34
C PHE B 150 18.41 31.50 -17.02
N PHE B 151 18.69 31.15 -15.77
CA PHE B 151 20.00 30.68 -15.34
C PHE B 151 19.87 29.18 -15.15
N THR B 152 20.66 28.40 -15.90
CA THR B 152 20.62 26.90 -15.83
C THR B 152 21.96 26.32 -15.48
N TYR B 153 21.98 25.42 -14.49
CA TYR B 153 23.17 24.70 -14.16
C TYR B 153 22.84 23.26 -13.94
N THR B 154 23.87 22.44 -13.88
CA THR B 154 23.68 21.03 -13.56
C THR B 154 24.49 20.67 -12.31
N ARG B 155 23.95 19.68 -11.59
CA ARG B 155 24.63 19.06 -10.51
C ARG B 155 24.98 17.63 -10.92
N SER B 156 26.22 17.27 -10.69
CA SER B 156 26.68 15.89 -10.89
C SER B 156 26.55 15.21 -9.56
N GLU B 157 25.33 14.72 -9.26
CA GLU B 157 25.05 14.12 -7.95
C GLU B 157 25.53 12.70 -7.94
N PRO B 158 25.69 12.12 -6.77
CA PRO B 158 25.89 10.66 -6.77
C PRO B 158 24.57 9.99 -7.19
N VAL B 159 24.67 8.78 -7.73
CA VAL B 159 23.49 8.01 -8.11
C VAL B 159 22.72 7.56 -6.88
N GLY B 160 23.42 7.15 -5.80
CA GLY B 160 22.75 6.69 -4.60
C GLY B 160 23.29 5.39 -4.07
N VAL B 161 22.38 4.46 -3.81
CA VAL B 161 22.76 3.17 -3.27
C VAL B 161 23.16 2.24 -4.43
N CYS B 162 24.45 1.84 -4.43
CA CYS B 162 25.03 1.02 -5.49
C CYS B 162 25.36 -0.37 -5.04
N GLY B 163 24.71 -1.37 -5.63
CA GLY B 163 24.99 -2.76 -5.39
C GLY B 163 26.13 -3.22 -6.28
N GLN B 164 27.13 -3.90 -5.73
CA GLN B 164 28.40 -4.16 -6.45
C GLN B 164 28.76 -5.63 -6.23
N ILE B 165 28.73 -6.38 -7.31
CA ILE B 165 28.89 -7.83 -7.29
C ILE B 165 30.16 -8.16 -8.06
N ILE B 166 31.05 -8.92 -7.41
CA ILE B 166 32.39 -9.05 -7.92
C ILE B 166 32.84 -10.49 -7.97
N PRO B 167 33.83 -10.80 -8.80
CA PRO B 167 34.32 -12.18 -8.97
C PRO B 167 35.55 -12.54 -8.13
N TRP B 168 36.06 -13.75 -8.38
CA TRP B 168 37.10 -14.37 -7.52
C TRP B 168 38.53 -14.27 -8.06
N ASN B 169 38.70 -13.74 -9.29
CA ASN B 169 40.00 -13.78 -9.94
C ASN B 169 40.94 -12.69 -9.48
N PHE B 170 40.40 -11.51 -9.20
CA PHE B 170 41.17 -10.41 -8.59
C PHE B 170 40.34 -9.84 -7.47
N PRO B 171 40.15 -10.63 -6.37
CA PRO B 171 39.11 -10.23 -5.39
C PRO B 171 39.28 -8.85 -4.77
N LEU B 172 40.50 -8.55 -4.31
CA LEU B 172 40.74 -7.26 -3.65
C LEU B 172 40.82 -6.10 -4.66
N LEU B 173 41.46 -6.33 -5.79
CA LEU B 173 41.53 -5.30 -6.78
C LEU B 173 40.15 -4.95 -7.27
N MET B 174 39.29 -5.94 -7.46
N MET B 174 39.27 -5.92 -7.50
CA MET B 174 37.96 -5.70 -8.01
CA MET B 174 37.94 -5.64 -8.02
C MET B 174 37.04 -5.04 -6.98
C MET B 174 37.05 -4.99 -6.97
N PHE B 175 37.28 -5.35 -5.71
CA PHE B 175 36.60 -4.68 -4.60
C PHE B 175 36.91 -3.20 -4.60
N LEU B 176 38.15 -2.83 -4.83
CA LEU B 176 38.51 -1.41 -4.86
C LEU B 176 38.18 -0.70 -6.18
N TRP B 177 38.29 -1.38 -7.29
CA TRP B 177 37.73 -0.85 -8.53
C TRP B 177 36.26 -0.41 -8.40
N LYS B 178 35.45 -1.16 -7.65
CA LYS B 178 34.11 -0.81 -7.36
C LYS B 178 33.95 0.29 -6.34
N ILE B 179 34.49 0.10 -5.11
CA ILE B 179 34.19 1.06 -4.07
C ILE B 179 34.89 2.43 -4.27
N GLY B 180 36.06 2.41 -4.87
CA GLY B 180 36.84 3.64 -5.06
C GLY B 180 36.05 4.73 -5.81
N PRO B 181 35.62 4.42 -7.03
CA PRO B 181 34.93 5.44 -7.82
C PRO B 181 33.58 5.77 -7.24
N ALA B 182 32.89 4.75 -6.70
CA ALA B 182 31.57 4.97 -6.15
C ALA B 182 31.61 5.94 -5.01
N LEU B 183 32.61 5.78 -4.12
CA LEU B 183 32.76 6.60 -2.94
C LEU B 183 33.29 7.96 -3.32
N SER B 184 34.24 7.98 -4.23
CA SER B 184 34.81 9.28 -4.69
C SER B 184 33.69 10.25 -5.12
N CYS B 185 32.68 9.70 -5.80
CA CYS B 185 31.49 10.40 -6.30
C CYS B 185 30.38 10.62 -5.24
N GLY B 186 30.51 10.05 -4.04
CA GLY B 186 29.60 10.30 -2.98
C GLY B 186 28.47 9.29 -2.82
N ASN B 187 28.59 8.17 -3.50
CA ASN B 187 27.60 7.08 -3.37
C ASN B 187 27.78 6.30 -2.08
N THR B 188 26.78 5.46 -1.76
CA THR B 188 26.93 4.44 -0.73
C THR B 188 26.82 3.10 -1.45
N VAL B 189 27.38 2.05 -0.85
CA VAL B 189 27.48 0.76 -1.53
C VAL B 189 27.14 -0.48 -0.68
N VAL B 190 26.71 -1.53 -1.39
CA VAL B 190 26.47 -2.87 -0.84
C VAL B 190 27.24 -3.81 -1.74
N VAL B 191 28.34 -4.34 -1.20
CA VAL B 191 29.26 -5.16 -1.98
C VAL B 191 29.01 -6.62 -1.68
N LYS B 192 29.01 -7.42 -2.73
CA LYS B 192 28.83 -8.84 -2.67
C LYS B 192 30.07 -9.54 -3.29
N PRO B 193 31.05 -9.88 -2.42
CA PRO B 193 32.21 -10.58 -2.90
C PRO B 193 31.88 -12.00 -3.35
N ALA B 194 32.74 -12.57 -4.20
CA ALA B 194 32.54 -13.93 -4.68
C ALA B 194 32.51 -14.89 -3.52
N GLU B 195 31.64 -15.90 -3.58
CA GLU B 195 31.67 -16.91 -2.53
C GLU B 195 33.02 -17.57 -2.39
N GLN B 196 33.79 -17.69 -3.48
CA GLN B 196 35.10 -18.35 -3.35
C GLN B 196 36.08 -17.55 -2.52
N THR B 197 35.96 -16.22 -2.58
CA THR B 197 36.99 -15.30 -2.15
C THR B 197 36.47 -14.09 -1.39
N PRO B 198 35.82 -14.32 -0.23
CA PRO B 198 35.37 -13.18 0.59
C PRO B 198 36.41 -12.50 1.51
N LEU B 199 37.55 -13.16 1.77
CA LEU B 199 38.30 -12.86 2.96
C LEU B 199 39.03 -11.49 2.92
N THR B 200 39.64 -11.17 1.80
CA THR B 200 40.30 -9.85 1.74
C THR B 200 39.29 -8.69 1.81
N ALA B 201 38.13 -8.86 1.20
CA ALA B 201 37.04 -7.91 1.30
C ALA B 201 36.61 -7.68 2.69
N LEU B 202 36.49 -8.73 3.47
CA LEU B 202 36.10 -8.55 4.85
C LEU B 202 37.16 -7.86 5.65
N HIS B 203 38.42 -8.19 5.42
CA HIS B 203 39.46 -7.42 6.08
C HIS B 203 39.32 -5.94 5.73
N MET B 204 39.00 -5.64 4.47
CA MET B 204 38.78 -4.25 4.12
C MET B 204 37.69 -3.58 4.93
N GLY B 205 36.61 -4.29 5.35
CA GLY B 205 35.65 -3.65 6.23
C GLY B 205 36.28 -3.04 7.46
N SER B 206 37.22 -3.74 8.10
CA SER B 206 37.89 -3.23 9.28
C SER B 206 38.67 -1.94 8.95
N LEU B 207 39.27 -1.91 7.75
CA LEU B 207 40.02 -0.74 7.36
C LEU B 207 39.16 0.46 7.00
N ILE B 208 38.01 0.20 6.41
CA ILE B 208 37.05 1.23 6.11
C ILE B 208 36.56 1.91 7.40
N LYS B 209 36.24 1.09 8.41
CA LYS B 209 35.91 1.65 9.71
C LYS B 209 37.04 2.45 10.31
N GLU B 210 38.24 1.85 10.31
CA GLU B 210 39.41 2.49 10.88
C GLU B 210 39.74 3.83 10.19
N ALA B 211 39.56 3.92 8.87
CA ALA B 211 39.83 5.15 8.10
C ALA B 211 38.89 6.28 8.46
N GLY B 212 37.70 5.92 8.96
CA GLY B 212 36.73 6.92 9.43
C GLY B 212 35.55 7.15 8.50
N PHE B 213 35.25 6.21 7.61
CA PHE B 213 34.06 6.37 6.77
C PHE B 213 32.82 6.27 7.66
N PRO B 214 31.82 7.13 7.41
CA PRO B 214 30.58 7.05 8.21
C PRO B 214 29.93 5.67 8.07
N PRO B 215 29.24 5.25 9.12
CA PRO B 215 28.58 3.93 9.03
C PRO B 215 27.56 3.90 7.90
N GLY B 216 27.51 2.77 7.19
CA GLY B 216 26.54 2.56 6.14
C GLY B 216 27.05 2.98 4.76
N VAL B 217 28.20 3.65 4.69
CA VAL B 217 28.74 4.05 3.39
C VAL B 217 29.24 2.81 2.58
N VAL B 218 29.94 1.89 3.26
CA VAL B 218 30.27 0.60 2.66
C VAL B 218 29.72 -0.51 3.52
N ASN B 219 28.91 -1.35 2.91
CA ASN B 219 28.39 -2.57 3.55
C ASN B 219 28.82 -3.74 2.69
N ILE B 220 29.07 -4.88 3.32
CA ILE B 220 29.70 -6.04 2.65
C ILE B 220 28.98 -7.28 3.06
N VAL B 221 28.37 -7.96 2.11
CA VAL B 221 27.56 -9.14 2.32
C VAL B 221 28.10 -10.35 1.58
N PRO B 222 28.95 -11.14 2.27
CA PRO B 222 29.42 -12.38 1.67
C PRO B 222 28.32 -13.36 1.52
N GLY B 223 28.49 -14.30 0.58
CA GLY B 223 27.51 -15.32 0.34
C GLY B 223 27.46 -15.64 -1.16
N TYR B 224 26.46 -16.41 -1.54
CA TYR B 224 26.34 -16.96 -2.87
C TYR B 224 25.64 -16.00 -3.87
N GLY B 225 25.63 -16.39 -5.12
CA GLY B 225 25.14 -15.59 -6.22
C GLY B 225 23.62 -15.53 -6.33
N PRO B 226 22.99 -16.67 -6.54
CA PRO B 226 21.53 -16.62 -6.76
C PRO B 226 20.77 -16.25 -5.46
N THR B 227 21.49 -16.14 -4.35
CA THR B 227 20.89 -15.74 -3.10
C THR B 227 21.20 -14.25 -2.83
N ALA B 228 22.36 -13.96 -2.30
CA ALA B 228 22.77 -12.59 -2.00
C ALA B 228 22.90 -11.72 -3.26
N GLY B 229 23.58 -12.20 -4.30
CA GLY B 229 23.68 -11.44 -5.53
C GLY B 229 22.37 -11.09 -6.19
N ALA B 230 21.52 -12.08 -6.36
CA ALA B 230 20.21 -11.87 -6.94
C ALA B 230 19.30 -10.97 -6.08
N ALA B 231 19.47 -10.97 -4.76
CA ALA B 231 18.70 -10.04 -3.89
C ALA B 231 19.10 -8.62 -4.17
N ILE B 232 20.37 -8.41 -4.52
CA ILE B 232 20.85 -7.08 -4.88
C ILE B 232 20.29 -6.62 -6.24
N SER B 233 20.42 -7.47 -7.27
CA SER B 233 19.93 -7.11 -8.60
C SER B 233 18.46 -6.84 -8.66
N SER B 234 17.66 -7.53 -7.84
CA SER B 234 16.20 -7.38 -7.86
C SER B 234 15.68 -6.41 -6.80
N HIS B 235 16.58 -5.75 -6.09
CA HIS B 235 16.16 -4.99 -4.92
C HIS B 235 15.46 -3.73 -5.37
N MET B 236 14.33 -3.42 -4.75
CA MET B 236 13.57 -2.22 -5.19
C MET B 236 14.15 -0.89 -4.71
N ASP B 237 15.17 -0.91 -3.85
CA ASP B 237 15.73 0.31 -3.30
C ASP B 237 17.21 0.42 -3.53
N VAL B 238 17.70 -0.35 -4.50
CA VAL B 238 19.06 -0.21 -4.98
C VAL B 238 18.98 0.62 -6.29
N ASP B 239 19.70 1.72 -6.35
CA ASP B 239 19.66 2.60 -7.52
C ASP B 239 20.39 2.09 -8.74
N LYS B 240 21.45 1.37 -8.48
CA LYS B 240 22.45 1.01 -9.50
C LYS B 240 23.12 -0.28 -9.13
N VAL B 241 23.23 -1.19 -10.07
CA VAL B 241 24.02 -2.41 -9.86
C VAL B 241 25.22 -2.40 -10.80
N ALA B 242 26.39 -2.70 -10.29
CA ALA B 242 27.61 -2.85 -11.06
C ALA B 242 28.12 -4.29 -10.84
N PHE B 243 28.37 -4.99 -11.91
CA PHE B 243 28.70 -6.37 -11.87
C PHE B 243 29.93 -6.65 -12.74
N THR B 244 30.81 -7.49 -12.24
CA THR B 244 31.88 -8.11 -13.01
C THR B 244 31.79 -9.62 -12.83
N GLY B 245 31.80 -10.33 -13.93
CA GLY B 245 31.64 -11.77 -13.95
C GLY B 245 31.32 -12.36 -15.29
N SER B 246 30.56 -13.44 -15.28
CA SER B 246 30.26 -14.16 -16.46
C SER B 246 29.19 -13.43 -17.29
N THR B 247 29.30 -13.60 -18.61
CA THR B 247 28.31 -13.06 -19.53
C THR B 247 26.92 -13.62 -19.20
N GLU B 248 26.87 -14.88 -18.80
CA GLU B 248 25.62 -15.50 -18.43
C GLU B 248 24.89 -14.83 -17.28
N VAL B 249 25.65 -14.54 -16.22
CA VAL B 249 25.09 -13.89 -15.06
C VAL B 249 24.79 -12.43 -15.36
N GLY B 250 25.64 -11.77 -16.18
CA GLY B 250 25.32 -10.40 -16.56
C GLY B 250 23.94 -10.29 -17.19
N LYS B 251 23.57 -11.26 -18.00
CA LYS B 251 22.25 -11.25 -18.63
C LYS B 251 21.16 -11.32 -17.57
N LEU B 252 21.38 -12.15 -16.55
CA LEU B 252 20.40 -12.26 -15.41
C LEU B 252 20.27 -10.96 -14.66
N ILE B 253 21.42 -10.27 -14.46
CA ILE B 253 21.45 -9.03 -13.74
C ILE B 253 20.61 -8.00 -14.50
N LYS B 254 20.84 -7.86 -15.80
CA LYS B 254 20.19 -6.84 -16.57
C LYS B 254 18.71 -7.11 -16.65
N GLU B 255 18.36 -8.37 -16.86
CA GLU B 255 16.92 -8.74 -16.84
C GLU B 255 16.24 -8.44 -15.46
N ALA B 256 16.92 -8.78 -14.35
CA ALA B 256 16.46 -8.43 -12.98
C ALA B 256 16.26 -6.97 -12.68
N ALA B 257 17.15 -6.15 -13.24
CA ALA B 257 17.06 -4.70 -13.12
C ALA B 257 15.81 -4.21 -13.83
N GLY B 258 15.53 -4.77 -15.02
CA GLY B 258 14.34 -4.42 -15.77
C GLY B 258 13.06 -4.78 -15.09
N LYS B 259 13.02 -5.97 -14.52
CA LYS B 259 11.80 -6.47 -13.92
C LYS B 259 11.50 -5.76 -12.60
N SER B 260 12.50 -5.17 -11.97
CA SER B 260 12.28 -4.67 -10.63
C SER B 260 12.02 -3.17 -10.58
N ASN B 261 13.09 -2.39 -10.58
CA ASN B 261 12.95 -0.95 -10.37
C ASN B 261 13.78 -0.12 -11.43
N LEU B 262 14.12 -0.76 -12.55
CA LEU B 262 14.86 -0.04 -13.64
C LEU B 262 16.13 0.54 -13.15
N LYS B 263 16.74 -0.06 -12.13
CA LYS B 263 18.06 0.38 -11.66
C LYS B 263 19.07 0.50 -12.80
N ARG B 264 19.99 1.45 -12.62
CA ARG B 264 21.05 1.61 -13.59
C ARG B 264 21.95 0.38 -13.55
N VAL B 265 22.49 0.01 -14.71
CA VAL B 265 23.29 -1.22 -14.81
C VAL B 265 24.57 -1.04 -15.62
N SER B 266 25.68 -1.40 -14.97
CA SER B 266 27.00 -1.47 -15.57
C SER B 266 27.51 -2.91 -15.40
N LEU B 267 28.17 -3.40 -16.43
CA LEU B 267 28.63 -4.77 -16.50
C LEU B 267 29.99 -4.88 -17.13
N GLU B 268 30.84 -5.67 -16.51
CA GLU B 268 32.01 -6.18 -17.18
C GLU B 268 32.06 -7.70 -17.21
N LEU B 269 32.19 -8.25 -18.41
CA LEU B 269 31.75 -9.63 -18.61
C LEU B 269 32.72 -10.59 -19.32
N GLY B 270 34.00 -10.36 -19.26
CA GLY B 270 34.87 -11.32 -19.90
C GLY B 270 34.86 -11.22 -21.41
N GLY B 271 35.61 -12.11 -22.05
CA GLY B 271 35.85 -11.97 -23.46
C GLY B 271 36.50 -13.14 -24.15
N LYS B 272 36.84 -12.91 -25.40
CA LYS B 272 37.54 -13.88 -26.23
C LYS B 272 38.45 -13.05 -27.12
N SER B 273 39.38 -12.38 -26.44
CA SER B 273 40.12 -11.27 -27.03
C SER B 273 41.13 -11.74 -28.09
N PRO B 274 41.12 -11.08 -29.26
CA PRO B 274 42.05 -11.45 -30.32
C PRO B 274 43.37 -10.69 -30.18
N CYS B 275 44.45 -11.38 -30.49
CA CYS B 275 45.76 -10.78 -30.51
C CYS B 275 46.30 -11.05 -31.92
N ILE B 276 46.55 -9.99 -32.68
CA ILE B 276 46.90 -10.10 -34.08
C ILE B 276 48.37 -9.70 -34.29
N VAL B 277 49.14 -10.65 -34.79
CA VAL B 277 50.58 -10.46 -35.06
C VAL B 277 50.82 -10.48 -36.55
N PHE B 278 51.14 -9.30 -37.06
CA PHE B 278 51.51 -9.15 -38.47
C PHE B 278 52.97 -9.57 -38.68
N ALA B 279 53.27 -9.98 -39.91
CA ALA B 279 54.65 -10.44 -40.30
C ALA B 279 55.69 -9.38 -40.10
N ASP B 280 55.30 -8.11 -40.10
CA ASP B 280 56.23 -7.03 -39.88
C ASP B 280 56.47 -6.69 -38.38
N ALA B 281 55.89 -7.45 -37.46
CA ALA B 281 56.08 -7.21 -36.01
C ALA B 281 57.46 -7.59 -35.47
N ASP B 282 57.85 -6.98 -34.35
CA ASP B 282 58.99 -7.43 -33.57
C ASP B 282 58.58 -8.70 -32.88
N LEU B 283 59.13 -9.82 -33.34
CA LEU B 283 58.66 -11.13 -32.84
C LEU B 283 58.97 -11.45 -31.39
N ASP B 284 60.19 -11.17 -30.92
CA ASP B 284 60.55 -11.37 -29.51
C ASP B 284 59.51 -10.68 -28.60
N ASN B 285 59.18 -9.43 -28.93
CA ASN B 285 58.25 -8.65 -28.12
C ASN B 285 56.86 -9.23 -28.16
N ALA B 286 56.42 -9.61 -29.37
CA ALA B 286 55.09 -10.17 -29.56
C ALA B 286 54.89 -11.52 -28.90
N VAL B 287 55.88 -12.41 -29.00
CA VAL B 287 55.80 -13.72 -28.35
C VAL B 287 55.58 -13.59 -26.85
N GLU B 288 56.40 -12.78 -26.18
CA GLU B 288 56.27 -12.64 -24.74
C GLU B 288 54.96 -11.95 -24.31
N PHE B 289 54.56 -10.87 -24.99
CA PHE B 289 53.32 -10.19 -24.60
C PHE B 289 52.11 -11.10 -24.85
N ALA B 290 52.09 -11.82 -25.95
CA ALA B 290 50.94 -12.67 -26.25
C ALA B 290 50.90 -13.84 -25.26
N HIS B 291 52.06 -14.33 -24.92
CA HIS B 291 52.15 -15.41 -23.94
C HIS B 291 51.62 -14.99 -22.58
N GLN B 292 52.18 -13.94 -22.01
CA GLN B 292 51.69 -13.41 -20.74
C GLN B 292 50.22 -13.01 -20.80
N GLY B 293 49.84 -12.50 -21.97
CA GLY B 293 48.48 -12.09 -22.25
C GLY B 293 47.43 -13.16 -22.17
N VAL B 294 47.80 -14.42 -22.37
CA VAL B 294 46.86 -15.51 -22.18
C VAL B 294 47.08 -16.29 -20.89
N PHE B 295 48.34 -16.46 -20.46
CA PHE B 295 48.63 -17.30 -19.28
C PHE B 295 48.59 -16.63 -17.91
N TYR B 296 48.55 -15.29 -17.86
CA TYR B 296 48.58 -14.60 -16.59
C TYR B 296 47.50 -15.12 -15.62
N HIS B 297 47.90 -15.29 -14.37
CA HIS B 297 47.01 -15.80 -13.31
C HIS B 297 46.27 -17.06 -13.73
N GLN B 298 47.03 -18.03 -14.24
CA GLN B 298 46.47 -19.31 -14.67
C GLN B 298 45.35 -19.16 -15.69
N GLY B 299 45.49 -18.17 -16.57
CA GLY B 299 44.47 -17.89 -17.56
C GLY B 299 43.21 -17.15 -17.10
N GLN B 300 43.12 -16.82 -15.82
CA GLN B 300 41.86 -16.38 -15.17
C GLN B 300 41.74 -14.85 -15.24
N CYS B 301 41.86 -14.31 -16.46
CA CYS B 301 41.79 -12.90 -16.72
C CYS B 301 40.79 -12.65 -17.80
N CYS B 302 39.93 -11.67 -17.58
CA CYS B 302 38.89 -11.30 -18.56
C CYS B 302 39.47 -10.97 -19.93
N ILE B 303 40.62 -10.32 -19.92
CA ILE B 303 41.31 -9.87 -21.16
C ILE B 303 42.19 -10.94 -21.83
N ALA B 304 42.18 -12.19 -21.36
CA ALA B 304 43.07 -13.23 -21.90
C ALA B 304 43.09 -13.21 -23.43
N ALA B 305 44.31 -13.20 -23.98
CA ALA B 305 44.56 -13.19 -25.41
C ALA B 305 44.36 -14.58 -25.98
N SER B 306 43.11 -14.97 -26.03
CA SER B 306 42.74 -16.34 -26.21
C SER B 306 42.44 -16.73 -27.66
N ARG B 307 42.60 -15.76 -28.58
CA ARG B 307 42.69 -16.09 -30.00
C ARG B 307 43.92 -15.35 -30.57
N LEU B 308 45.00 -16.10 -30.75
CA LEU B 308 46.25 -15.51 -31.24
C LEU B 308 46.31 -15.77 -32.75
N PHE B 309 46.08 -14.72 -33.53
CA PHE B 309 46.12 -14.75 -34.99
C PHE B 309 47.49 -14.33 -35.46
N VAL B 310 48.16 -15.23 -36.16
CA VAL B 310 49.52 -14.97 -36.63
C VAL B 310 49.63 -15.09 -38.17
N GLU B 311 50.27 -14.11 -38.79
CA GLU B 311 50.31 -14.06 -40.24
C GLU B 311 51.06 -15.27 -40.75
N GLU B 312 50.61 -15.80 -41.87
CA GLU B 312 51.06 -17.09 -42.34
C GLU B 312 52.57 -17.23 -42.41
N SER B 313 53.26 -16.22 -42.97
CA SER B 313 54.70 -16.32 -43.19
C SER B 313 55.54 -16.46 -41.91
N ILE B 314 54.99 -16.04 -40.76
CA ILE B 314 55.70 -16.17 -39.49
C ILE B 314 55.04 -17.14 -38.51
N TYR B 315 53.95 -17.79 -38.95
CA TYR B 315 53.12 -18.65 -38.07
C TYR B 315 53.90 -19.82 -37.44
N ASP B 316 54.62 -20.58 -38.26
CA ASP B 316 55.32 -21.79 -37.74
C ASP B 316 56.35 -21.42 -36.68
N GLU B 317 57.13 -20.39 -36.97
CA GLU B 317 58.10 -19.88 -36.00
C GLU B 317 57.42 -19.35 -34.74
N PHE B 318 56.31 -18.63 -34.90
CA PHE B 318 55.61 -18.13 -33.73
C PHE B 318 55.06 -19.27 -32.84
N VAL B 319 54.54 -20.31 -33.48
CA VAL B 319 54.06 -21.47 -32.74
C VAL B 319 55.24 -22.10 -31.98
N ARG B 320 56.33 -22.37 -32.67
CA ARG B 320 57.51 -22.99 -32.09
C ARG B 320 57.99 -22.21 -30.85
N ARG B 321 58.14 -20.90 -30.98
CA ARG B 321 58.53 -20.09 -29.83
C ARG B 321 57.50 -20.05 -28.71
N SER B 322 56.21 -20.05 -29.07
CA SER B 322 55.16 -19.99 -28.07
C SER B 322 55.11 -21.30 -27.25
N VAL B 323 55.39 -22.40 -27.91
CA VAL B 323 55.37 -23.70 -27.26
C VAL B 323 56.56 -23.78 -26.32
N GLU B 324 57.70 -23.37 -26.82
CA GLU B 324 58.93 -23.36 -26.01
C GLU B 324 58.65 -22.55 -24.74
N ARG B 325 58.01 -21.41 -24.89
CA ARG B 325 57.78 -20.49 -23.78
C ARG B 325 56.83 -21.10 -22.71
N ALA B 326 55.83 -21.83 -23.17
CA ALA B 326 54.82 -22.43 -22.29
C ALA B 326 55.33 -23.62 -21.49
N LYS B 327 56.49 -24.16 -21.85
CA LYS B 327 57.09 -25.30 -21.13
C LYS B 327 57.94 -24.88 -19.90
N LYS B 328 58.08 -23.59 -19.62
CA LYS B 328 59.00 -23.09 -18.57
C LYS B 328 58.37 -22.80 -17.18
N TYR B 329 57.36 -23.54 -16.79
CA TYR B 329 56.65 -23.21 -15.56
C TYR B 329 56.92 -24.27 -14.52
N VAL B 330 56.90 -23.85 -13.27
CA VAL B 330 56.97 -24.73 -12.14
C VAL B 330 55.63 -24.64 -11.41
N LEU B 331 54.87 -25.71 -11.39
CA LEU B 331 53.54 -25.63 -10.77
C LEU B 331 53.64 -25.94 -9.32
N GLY B 332 52.74 -25.36 -8.52
CA GLY B 332 52.71 -25.70 -7.11
C GLY B 332 51.99 -24.68 -6.26
N ASN B 333 52.27 -24.75 -4.96
CA ASN B 333 51.66 -23.84 -4.01
C ASN B 333 52.13 -22.41 -4.30
N PRO B 334 51.18 -21.49 -4.49
CA PRO B 334 51.63 -20.16 -4.93
C PRO B 334 52.32 -19.33 -3.83
N LEU B 335 52.37 -19.83 -2.60
CA LEU B 335 53.20 -19.25 -1.54
C LEU B 335 54.64 -19.74 -1.54
N THR B 336 54.94 -20.77 -2.33
CA THR B 336 56.27 -21.39 -2.29
C THR B 336 57.23 -20.65 -3.23
N PRO B 337 58.42 -20.22 -2.71
CA PRO B 337 59.34 -19.56 -3.62
C PRO B 337 59.70 -20.44 -4.83
N GLY B 338 59.75 -19.87 -6.01
CA GLY B 338 60.12 -20.62 -7.18
C GLY B 338 58.95 -21.15 -7.98
N VAL B 339 57.76 -21.24 -7.37
CA VAL B 339 56.58 -21.65 -8.12
C VAL B 339 56.18 -20.52 -9.01
N SER B 340 55.88 -20.83 -10.29
CA SER B 340 55.49 -19.82 -11.26
C SER B 340 54.11 -20.08 -11.85
N GLN B 341 53.42 -21.11 -11.39
CA GLN B 341 52.01 -21.31 -11.78
C GLN B 341 51.25 -21.97 -10.65
N GLY B 342 50.20 -21.31 -10.21
CA GLY B 342 49.34 -21.82 -9.12
C GLY B 342 48.17 -22.58 -9.66
N PRO B 343 47.18 -22.87 -8.80
CA PRO B 343 46.01 -23.69 -9.20
C PRO B 343 44.92 -22.83 -9.79
N GLN B 344 43.98 -23.48 -10.45
CA GLN B 344 42.71 -22.85 -10.76
C GLN B 344 41.87 -22.68 -9.47
N ILE B 345 40.86 -21.82 -9.52
CA ILE B 345 40.18 -21.40 -8.29
C ILE B 345 39.39 -22.51 -7.60
N ASP B 346 38.80 -23.40 -8.37
CA ASP B 346 37.90 -24.39 -7.79
C ASP B 346 37.61 -25.51 -8.78
N LYS B 347 36.85 -26.48 -8.29
CA LYS B 347 36.53 -27.67 -9.06
C LYS B 347 35.71 -27.37 -10.29
N GLU B 348 34.73 -26.48 -10.18
CA GLU B 348 33.89 -26.11 -11.34
C GLU B 348 34.74 -25.58 -12.46
N GLN B 349 35.64 -24.65 -12.16
CA GLN B 349 36.46 -24.05 -13.22
C GLN B 349 37.42 -25.08 -13.80
N TYR B 350 38.04 -25.86 -12.91
CA TYR B 350 38.92 -26.94 -13.28
C TYR B 350 38.26 -27.89 -14.29
N GLU B 351 37.05 -28.40 -13.98
CA GLU B 351 36.34 -29.32 -14.88
C GLU B 351 35.97 -28.63 -16.20
N LYS B 352 35.60 -27.35 -16.15
CA LYS B 352 35.23 -26.59 -17.33
C LYS B 352 36.42 -26.50 -18.30
N ILE B 353 37.58 -26.24 -17.75
CA ILE B 353 38.81 -26.16 -18.55
C ILE B 353 39.17 -27.51 -19.16
N LEU B 354 39.14 -28.58 -18.34
CA LEU B 354 39.51 -29.90 -18.82
C LEU B 354 38.58 -30.30 -19.95
N ASP B 355 37.30 -29.97 -19.83
CA ASP B 355 36.33 -30.30 -20.84
C ASP B 355 36.60 -29.54 -22.14
N LEU B 356 36.99 -28.28 -22.03
CA LEU B 356 37.32 -27.50 -23.22
C LEU B 356 38.65 -27.97 -23.91
N ILE B 357 39.63 -28.35 -23.09
CA ILE B 357 40.84 -29.02 -23.62
C ILE B 357 40.47 -30.28 -24.40
N GLU B 358 39.64 -31.16 -23.79
CA GLU B 358 39.13 -32.34 -24.50
C GLU B 358 38.44 -32.00 -25.84
N SER B 359 37.60 -30.94 -25.87
CA SER B 359 36.95 -30.56 -27.11
C SER B 359 37.98 -30.13 -28.18
N GLY B 360 39.08 -29.47 -27.78
CA GLY B 360 40.11 -29.10 -28.75
C GLY B 360 40.76 -30.31 -29.41
N LYS B 361 41.06 -31.32 -28.61
CA LYS B 361 41.60 -32.58 -29.14
C LYS B 361 40.58 -33.21 -30.08
N LYS B 362 39.33 -33.31 -29.64
CA LYS B 362 38.30 -33.97 -30.43
C LYS B 362 38.01 -33.28 -31.74
N GLU B 363 38.07 -31.96 -31.72
CA GLU B 363 37.71 -31.17 -32.88
C GLU B 363 38.90 -30.97 -33.84
N GLY B 364 40.07 -31.53 -33.51
CA GLY B 364 41.18 -31.57 -34.44
C GLY B 364 42.24 -30.52 -34.25
N ALA B 365 42.20 -29.73 -33.18
CA ALA B 365 43.28 -28.74 -32.97
C ALA B 365 44.53 -29.55 -32.68
N LYS B 366 45.69 -28.99 -32.98
CA LYS B 366 46.94 -29.66 -32.72
C LYS B 366 47.48 -29.37 -31.31
N LEU B 367 47.48 -30.40 -30.46
CA LEU B 367 47.98 -30.25 -29.08
C LEU B 367 49.51 -30.20 -29.05
N GLU B 368 50.06 -29.00 -28.80
CA GLU B 368 51.48 -28.81 -28.84
C GLU B 368 52.15 -29.17 -27.53
N CYS B 369 51.50 -28.91 -26.40
CA CYS B 369 52.02 -29.23 -25.09
C CYS B 369 50.89 -29.16 -24.05
N GLY B 370 51.17 -29.73 -22.88
CA GLY B 370 50.24 -29.79 -21.76
C GLY B 370 49.04 -30.64 -22.09
N GLY B 371 47.86 -30.18 -21.71
CA GLY B 371 46.63 -30.87 -22.08
C GLY B 371 46.04 -31.78 -21.04
N GLY B 372 46.51 -31.65 -19.80
CA GLY B 372 46.08 -32.48 -18.73
C GLY B 372 46.33 -31.90 -17.36
N PRO B 373 45.81 -32.59 -16.33
CA PRO B 373 45.99 -32.16 -14.94
C PRO B 373 47.40 -32.44 -14.45
N TRP B 374 47.73 -31.84 -13.30
CA TRP B 374 49.01 -32.08 -12.65
C TRP B 374 48.78 -32.20 -11.14
N GLY B 375 49.60 -33.02 -10.50
CA GLY B 375 49.70 -33.09 -9.03
C GLY B 375 48.67 -34.00 -8.42
N ASN B 376 48.70 -34.17 -7.11
CA ASN B 376 47.70 -35.02 -6.45
C ASN B 376 46.89 -34.27 -5.39
N LYS B 377 46.96 -32.94 -5.39
CA LYS B 377 45.98 -32.15 -4.64
C LYS B 377 45.99 -30.72 -5.21
N GLY B 378 44.85 -30.09 -5.13
CA GLY B 378 44.69 -28.75 -5.69
C GLY B 378 44.40 -28.80 -7.18
N TYR B 379 43.84 -27.72 -7.72
CA TYR B 379 43.22 -27.73 -9.05
C TYR B 379 44.20 -27.29 -10.09
N PHE B 380 45.21 -28.11 -10.35
CA PHE B 380 46.30 -27.72 -11.23
C PHE B 380 46.13 -28.31 -12.62
N ILE B 381 46.41 -27.49 -13.63
CA ILE B 381 46.31 -27.88 -15.03
C ILE B 381 47.57 -27.47 -15.75
N GLN B 382 48.18 -28.40 -16.51
CA GLN B 382 49.41 -28.08 -17.25
C GLN B 382 49.17 -26.98 -18.28
N PRO B 383 50.09 -26.02 -18.39
CA PRO B 383 49.91 -24.98 -19.39
C PRO B 383 49.84 -25.61 -20.77
N THR B 384 48.81 -25.25 -21.54
CA THR B 384 48.43 -25.97 -22.76
C THR B 384 48.47 -25.04 -23.96
N VAL B 385 49.04 -25.51 -25.08
CA VAL B 385 49.06 -24.72 -26.32
C VAL B 385 48.43 -25.60 -27.41
N PHE B 386 47.45 -25.02 -28.09
CA PHE B 386 46.90 -25.61 -29.30
C PHE B 386 47.24 -24.77 -30.51
N SER B 387 47.72 -25.39 -31.58
CA SER B 387 47.88 -24.71 -32.88
C SER B 387 46.89 -25.30 -33.90
N ASP B 388 46.91 -24.72 -35.12
CA ASP B 388 45.96 -25.10 -36.21
C ASP B 388 44.52 -24.99 -35.67
N VAL B 389 44.27 -23.98 -34.86
CA VAL B 389 42.94 -23.72 -34.34
C VAL B 389 42.13 -23.01 -35.42
N THR B 390 40.88 -23.41 -35.62
CA THR B 390 40.00 -22.75 -36.58
C THR B 390 38.78 -22.14 -35.86
N ASP B 391 38.05 -21.26 -36.58
CA ASP B 391 37.11 -20.33 -35.92
C ASP B 391 35.88 -21.00 -35.32
N ASP B 392 35.56 -22.17 -35.83
CA ASP B 392 34.36 -22.88 -35.45
C ASP B 392 34.54 -23.76 -34.21
N MET B 393 35.77 -23.92 -33.74
CA MET B 393 36.06 -24.80 -32.62
C MET B 393 35.58 -24.19 -31.32
N ARG B 394 35.15 -25.02 -30.37
CA ARG B 394 34.79 -24.51 -29.06
C ARG B 394 35.88 -23.68 -28.42
N ILE B 395 37.14 -24.15 -28.53
CA ILE B 395 38.24 -23.42 -27.88
C ILE B 395 38.48 -22.09 -28.57
N ALA B 396 37.99 -21.88 -29.78
CA ALA B 396 38.07 -20.59 -30.47
C ALA B 396 36.90 -19.65 -30.16
N LYS B 397 35.81 -20.17 -29.60
CA LYS B 397 34.58 -19.42 -29.38
C LYS B 397 34.26 -19.10 -27.93
N GLU B 398 34.50 -20.06 -27.04
CA GLU B 398 34.14 -19.97 -25.64
C GLU B 398 35.30 -19.51 -24.75
N GLU B 399 34.98 -18.67 -23.77
CA GLU B 399 35.96 -18.24 -22.81
C GLU B 399 36.36 -19.42 -21.95
N ILE B 400 37.64 -19.79 -21.99
CA ILE B 400 38.09 -20.96 -21.26
C ILE B 400 38.40 -20.65 -19.77
N PHE B 401 39.08 -19.53 -19.56
CA PHE B 401 39.48 -19.09 -18.21
C PHE B 401 40.43 -20.08 -17.57
N GLY B 402 41.33 -20.64 -18.39
CA GLY B 402 42.39 -21.52 -17.94
C GLY B 402 43.63 -21.30 -18.78
N PRO B 403 44.71 -22.04 -18.42
CA PRO B 403 46.00 -21.79 -19.05
C PRO B 403 46.05 -22.52 -20.38
N VAL B 404 45.32 -21.99 -21.35
CA VAL B 404 45.13 -22.65 -22.64
C VAL B 404 45.19 -21.61 -23.75
N GLN B 405 46.20 -21.75 -24.60
CA GLN B 405 46.50 -20.79 -25.67
C GLN B 405 46.10 -21.35 -27.02
N GLN B 406 45.35 -20.57 -27.80
CA GLN B 406 44.95 -20.94 -29.16
C GLN B 406 45.73 -20.17 -30.18
N ILE B 407 46.36 -20.83 -31.14
CA ILE B 407 47.11 -20.15 -32.19
C ILE B 407 46.49 -20.50 -33.54
N MET B 408 46.21 -19.46 -34.32
N MET B 408 46.21 -19.46 -34.32
CA MET B 408 45.45 -19.52 -35.58
CA MET B 408 45.45 -19.53 -35.58
C MET B 408 46.23 -18.76 -36.64
C MET B 408 46.23 -18.76 -36.64
N LYS B 409 46.16 -19.18 -37.90
CA LYS B 409 46.87 -18.45 -38.95
C LYS B 409 45.91 -17.55 -39.75
N PHE B 410 46.47 -16.49 -40.35
CA PHE B 410 45.72 -15.68 -41.31
C PHE B 410 46.64 -15.25 -42.42
N LYS B 411 46.04 -14.83 -43.51
CA LYS B 411 46.76 -14.33 -44.66
C LYS B 411 46.38 -12.88 -44.99
N SER B 412 45.10 -12.54 -44.89
CA SER B 412 44.59 -11.28 -45.39
C SER B 412 44.26 -10.32 -44.22
N LEU B 413 44.67 -9.06 -44.35
CA LEU B 413 44.33 -8.05 -43.38
C LEU B 413 42.79 -7.92 -43.21
N ASP B 414 42.07 -7.84 -44.32
CA ASP B 414 40.61 -7.71 -44.22
C ASP B 414 39.98 -8.90 -43.54
N ASP B 415 40.54 -10.06 -43.88
N ASP B 415 40.43 -10.09 -43.89
CA ASP B 415 40.06 -11.32 -43.35
CA ASP B 415 39.90 -11.29 -43.28
C ASP B 415 40.23 -11.40 -41.83
C ASP B 415 40.22 -11.42 -41.77
N VAL B 416 41.43 -11.05 -41.37
CA VAL B 416 41.73 -11.17 -39.94
C VAL B 416 40.92 -10.19 -39.10
N ILE B 417 40.61 -8.99 -39.60
CA ILE B 417 39.76 -8.05 -38.89
C ILE B 417 38.35 -8.62 -38.75
N LYS B 418 37.84 -9.18 -39.84
CA LYS B 418 36.52 -9.78 -39.86
C LYS B 418 36.47 -10.92 -38.83
N ARG B 419 37.45 -11.79 -38.88
CA ARG B 419 37.48 -12.93 -37.93
C ARG B 419 37.62 -12.48 -36.48
N ALA B 420 38.50 -11.50 -36.24
CA ALA B 420 38.68 -10.95 -34.88
C ALA B 420 37.37 -10.39 -34.32
N ASN B 421 36.59 -9.73 -35.18
CA ASN B 421 35.33 -9.10 -34.82
C ASN B 421 34.16 -10.07 -34.78
N ASN B 422 34.35 -11.28 -35.31
CA ASN B 422 33.23 -12.23 -35.45
C ASN B 422 33.03 -13.01 -34.14
N THR B 423 32.52 -12.30 -33.15
CA THR B 423 32.27 -12.83 -31.81
C THR B 423 31.25 -11.89 -31.16
N PHE B 424 30.45 -12.44 -30.21
CA PHE B 424 29.62 -11.57 -29.36
C PHE B 424 30.43 -10.83 -28.26
N TYR B 425 31.68 -11.27 -28.00
CA TYR B 425 32.55 -10.60 -27.07
C TYR B 425 33.20 -9.39 -27.71
N GLY B 426 33.70 -8.47 -26.87
CA GLY B 426 34.43 -7.30 -27.34
C GLY B 426 35.23 -6.56 -26.29
N LEU B 427 35.93 -7.26 -25.41
CA LEU B 427 36.56 -6.60 -24.30
C LEU B 427 37.84 -5.87 -24.66
N SER B 428 38.72 -6.56 -25.35
CA SER B 428 40.07 -6.08 -25.61
C SER B 428 40.65 -6.80 -26.80
N ALA B 429 41.74 -6.24 -27.33
CA ALA B 429 42.42 -6.82 -28.44
C ALA B 429 43.84 -6.31 -28.43
N GLY B 430 44.72 -7.02 -29.12
CA GLY B 430 46.12 -6.59 -29.32
C GLY B 430 46.50 -6.65 -30.79
N ILE B 431 47.37 -5.73 -31.20
CA ILE B 431 47.93 -5.68 -32.55
C ILE B 431 49.43 -5.49 -32.45
N PHE B 432 50.17 -6.34 -33.13
CA PHE B 432 51.63 -6.25 -33.21
C PHE B 432 52.06 -6.01 -34.64
N THR B 433 52.68 -4.84 -34.84
CA THR B 433 53.09 -4.43 -36.18
C THR B 433 54.07 -3.31 -36.04
N ASN B 434 54.91 -3.13 -37.04
CA ASN B 434 55.77 -1.93 -37.13
C ASN B 434 55.19 -0.86 -38.09
N ASP B 435 53.97 -1.06 -38.57
CA ASP B 435 53.39 -0.20 -39.59
C ASP B 435 52.49 0.83 -38.91
N ILE B 436 52.81 2.10 -39.04
CA ILE B 436 51.99 3.18 -38.45
C ILE B 436 50.50 3.11 -38.90
N ASP B 437 50.32 2.89 -40.18
CA ASP B 437 49.00 2.93 -40.75
C ASP B 437 48.18 1.80 -40.19
N LYS B 438 48.79 0.62 -40.10
CA LYS B 438 48.05 -0.52 -39.54
C LYS B 438 47.73 -0.26 -38.10
N ALA B 439 48.68 0.29 -37.37
CA ALA B 439 48.45 0.52 -35.94
C ALA B 439 47.19 1.37 -35.70
N ILE B 440 47.06 2.46 -36.43
CA ILE B 440 45.93 3.33 -36.26
C ILE B 440 44.65 2.78 -36.89
N THR B 441 44.72 2.32 -38.14
CA THR B 441 43.50 1.94 -38.85
C THR B 441 42.97 0.58 -38.32
N VAL B 442 43.87 -0.34 -38.00
CA VAL B 442 43.35 -1.62 -37.46
C VAL B 442 42.76 -1.41 -36.08
N SER B 443 43.41 -0.61 -35.23
CA SER B 443 42.83 -0.34 -33.91
C SER B 443 41.47 0.36 -34.01
N SER B 444 41.29 1.24 -35.00
CA SER B 444 39.96 1.85 -35.23
C SER B 444 38.92 0.82 -35.64
N ALA B 445 39.33 -0.20 -36.40
CA ALA B 445 38.39 -1.19 -36.96
C ALA B 445 37.98 -2.31 -36.04
N LEU B 446 38.76 -2.55 -34.99
CA LEU B 446 38.45 -3.64 -34.06
C LEU B 446 37.34 -3.26 -33.08
N GLN B 447 36.34 -4.13 -32.96
CA GLN B 447 35.22 -3.89 -32.08
C GLN B 447 35.57 -4.38 -30.66
N SER B 448 36.51 -3.69 -30.03
CA SER B 448 37.02 -4.02 -28.67
C SER B 448 37.17 -2.76 -27.86
N GLY B 449 36.88 -2.82 -26.57
CA GLY B 449 36.98 -1.67 -25.67
C GLY B 449 38.36 -1.12 -25.45
N THR B 450 39.34 -2.00 -25.26
CA THR B 450 40.74 -1.58 -25.18
C THR B 450 41.54 -2.29 -26.27
N VAL B 451 42.36 -1.54 -27.01
CA VAL B 451 43.20 -2.08 -28.05
C VAL B 451 44.64 -1.72 -27.76
N TRP B 452 45.48 -2.73 -27.51
CA TRP B 452 46.91 -2.53 -27.26
C TRP B 452 47.69 -2.64 -28.55
N VAL B 453 48.71 -1.79 -28.72
CA VAL B 453 49.56 -1.82 -29.92
C VAL B 453 50.99 -2.09 -29.44
N ASN B 454 51.52 -3.22 -29.88
CA ASN B 454 52.86 -3.68 -29.51
C ASN B 454 53.05 -3.94 -28.01
N CYS B 455 51.94 -4.20 -27.35
CA CYS B 455 51.93 -4.61 -25.95
C CYS B 455 50.61 -5.29 -25.72
N TYR B 456 50.37 -5.70 -24.48
CA TYR B 456 49.13 -6.36 -24.08
C TYR B 456 49.03 -6.26 -22.54
N SER B 457 47.80 -6.32 -22.01
CA SER B 457 47.53 -6.34 -20.58
C SER B 457 47.92 -5.07 -19.84
N VAL B 458 48.10 -3.95 -20.51
CA VAL B 458 48.45 -2.72 -19.86
C VAL B 458 47.21 -1.93 -19.44
N VAL B 459 46.95 -1.95 -18.14
CA VAL B 459 45.69 -1.45 -17.55
C VAL B 459 46.11 -0.49 -16.44
N SER B 460 45.64 0.76 -16.45
CA SER B 460 46.07 1.75 -15.49
C SER B 460 44.82 2.47 -15.04
N ALA B 461 44.87 3.03 -13.82
CA ALA B 461 43.68 3.68 -13.27
C ALA B 461 43.20 4.88 -14.09
N GLN B 462 44.12 5.49 -14.84
CA GLN B 462 43.80 6.65 -15.61
C GLN B 462 42.98 6.29 -16.86
N CYS B 463 42.90 5.01 -17.23
CA CYS B 463 42.28 4.60 -18.51
C CYS B 463 40.89 4.06 -18.24
N PRO B 464 39.92 4.47 -19.07
CA PRO B 464 38.59 3.80 -18.96
C PRO B 464 38.75 2.40 -19.47
N PHE B 465 38.00 1.49 -18.88
CA PHE B 465 38.09 0.09 -19.20
C PHE B 465 36.69 -0.54 -19.22
N GLY B 466 36.41 -1.28 -20.30
CA GLY B 466 35.19 -2.05 -20.40
C GLY B 466 34.99 -2.52 -21.85
N GLY B 467 33.88 -3.22 -22.06
CA GLY B 467 33.64 -3.94 -23.28
C GLY B 467 32.73 -3.30 -24.28
N PHE B 468 33.00 -3.62 -25.54
CA PHE B 468 31.97 -3.55 -26.64
C PHE B 468 31.07 -4.79 -26.57
N LYS B 469 29.87 -4.68 -27.17
CA LYS B 469 29.00 -5.86 -27.36
C LYS B 469 28.71 -6.56 -26.01
N MET B 470 28.78 -7.87 -25.99
CA MET B 470 28.41 -8.65 -24.81
C MET B 470 29.58 -8.79 -23.83
N SER B 471 30.66 -8.08 -24.02
CA SER B 471 31.68 -7.99 -23.01
C SER B 471 31.36 -6.95 -21.97
N GLY B 472 30.33 -6.12 -22.16
CA GLY B 472 30.03 -5.16 -21.13
C GLY B 472 29.13 -4.02 -21.48
N ASN B 473 28.71 -3.28 -20.47
CA ASN B 473 28.00 -2.02 -20.61
C ASN B 473 28.72 -1.03 -19.69
N GLY B 474 29.08 0.11 -20.21
CA GLY B 474 29.75 1.16 -19.44
C GLY B 474 31.27 0.98 -19.32
N ARG B 475 31.92 1.98 -18.70
CA ARG B 475 33.35 1.92 -18.47
C ARG B 475 33.60 2.11 -16.98
N GLU B 476 34.70 1.52 -16.54
CA GLU B 476 35.23 1.71 -15.20
C GLU B 476 36.60 2.41 -15.22
N LEU B 477 36.81 3.27 -14.22
CA LEU B 477 38.03 4.05 -14.02
C LEU B 477 38.23 5.09 -15.11
N GLY B 478 39.35 5.81 -15.04
CA GLY B 478 39.53 6.99 -15.90
C GLY B 478 38.52 8.08 -15.61
N GLU B 479 38.61 9.15 -16.34
CA GLU B 479 37.62 10.18 -16.23
C GLU B 479 36.21 9.65 -16.55
N TYR B 480 36.09 8.82 -17.57
CA TYR B 480 34.76 8.39 -18.10
CA TYR B 480 34.76 8.41 -18.09
C TYR B 480 34.04 7.53 -17.12
N GLY B 481 34.80 6.71 -16.39
CA GLY B 481 34.22 5.79 -15.44
C GLY B 481 33.57 6.50 -14.32
N PHE B 482 34.16 7.61 -13.92
CA PHE B 482 33.70 8.31 -12.75
C PHE B 482 32.40 8.96 -13.00
N HIS B 483 32.23 9.50 -14.18
CA HIS B 483 31.04 10.26 -14.44
C HIS B 483 29.87 9.26 -14.52
N GLU B 484 30.11 7.99 -14.75
CA GLU B 484 29.06 6.94 -14.64
C GLU B 484 28.63 6.52 -13.18
N TYR B 485 29.29 7.05 -12.15
CA TYR B 485 28.77 6.94 -10.74
C TYR B 485 28.06 8.21 -10.30
N THR B 486 27.62 9.01 -11.30
CA THR B 486 26.89 10.24 -11.07
C THR B 486 25.54 10.20 -11.77
N GLU B 487 24.62 10.99 -11.27
CA GLU B 487 23.29 11.20 -11.80
C GLU B 487 23.12 12.69 -12.04
N VAL B 488 22.86 13.10 -13.28
CA VAL B 488 22.84 14.50 -13.64
C VAL B 488 21.45 15.14 -13.36
N LYS B 489 21.44 16.22 -12.61
CA LYS B 489 20.27 17.01 -12.33
C LYS B 489 20.44 18.36 -13.03
N THR B 490 19.42 18.79 -13.75
CA THR B 490 19.44 20.10 -14.36
C THR B 490 18.58 21.02 -13.49
N VAL B 491 19.10 22.20 -13.17
CA VAL B 491 18.30 23.19 -12.44
C VAL B 491 18.17 24.49 -13.24
N THR B 492 16.93 24.89 -13.47
CA THR B 492 16.65 26.05 -14.37
C THR B 492 15.81 27.11 -13.63
N ILE B 493 16.42 28.26 -13.41
CA ILE B 493 15.87 29.30 -12.57
C ILE B 493 15.46 30.50 -13.46
N LYS B 494 14.24 30.91 -13.35
CA LYS B 494 13.76 32.08 -14.11
C LYS B 494 14.41 33.34 -13.57
N ILE B 495 14.88 34.19 -14.47
CA ILE B 495 15.46 35.48 -14.10
C ILE B 495 14.90 36.59 -14.99
N SER B 496 15.01 37.84 -14.51
CA SER B 496 14.41 38.97 -15.18
C SER B 496 15.02 39.18 -16.57
N GLN B 497 16.35 39.11 -16.65
N GLN B 497 16.34 39.27 -16.65
CA GLN B 497 17.06 39.23 -17.94
CA GLN B 497 17.05 39.22 -17.92
C GLN B 497 18.40 38.51 -17.80
C GLN B 497 18.37 38.50 -17.79
N LYS B 498 18.69 37.67 -18.78
CA LYS B 498 19.99 36.98 -18.88
C LYS B 498 20.97 37.84 -19.67
N ASN B 499 22.26 37.78 -19.30
CA ASN B 499 23.33 38.26 -20.10
C ASN B 499 24.37 37.18 -20.28
N SER B 500 25.08 37.24 -21.41
CA SER B 500 26.16 36.35 -21.69
C SER B 500 27.35 36.48 -20.68
N ASP C 7 -45.50 -16.15 -14.16
CA ASP C 7 -44.95 -15.80 -15.50
C ASP C 7 -44.03 -14.64 -15.28
N VAL C 8 -43.05 -14.49 -16.15
CA VAL C 8 -42.22 -13.28 -16.15
C VAL C 8 -42.61 -12.44 -17.37
N PRO C 9 -43.14 -11.25 -17.13
CA PRO C 9 -43.45 -10.42 -18.29
C PRO C 9 -42.20 -9.94 -19.03
N ALA C 10 -42.38 -9.48 -20.25
CA ALA C 10 -41.32 -8.81 -20.94
C ALA C 10 -40.89 -7.55 -20.17
N PRO C 11 -39.56 -7.28 -20.07
CA PRO C 11 -39.15 -6.03 -19.50
C PRO C 11 -39.58 -4.79 -20.28
N LEU C 12 -39.61 -3.63 -19.73
CA LEU C 12 -39.81 -2.35 -20.46
C LEU C 12 -38.48 -1.97 -21.17
N THR C 13 -38.23 -1.25 -22.03
CA THR C 13 -37.10 -0.68 -22.75
C THR C 13 -37.30 0.82 -22.89
N ASN C 14 -36.55 1.68 -23.13
CA ASN C 14 -36.85 3.08 -23.40
C ASN C 14 -37.40 3.67 -22.11
N LEU C 15 -36.84 3.27 -20.98
CA LEU C 15 -37.33 3.78 -19.71
C LEU C 15 -37.14 5.28 -19.68
N GLN C 16 -38.19 6.00 -19.30
CA GLN C 16 -38.07 7.46 -19.07
C GLN C 16 -37.88 7.72 -17.60
N PHE C 17 -36.77 8.39 -17.25
CA PHE C 17 -36.45 8.64 -15.85
C PHE C 17 -37.13 9.92 -15.33
N LYS C 18 -37.52 9.84 -14.06
CA LYS C 18 -38.34 10.87 -13.43
C LYS C 18 -37.78 11.33 -12.11
N TYR C 19 -37.35 10.40 -11.27
CA TYR C 19 -36.87 10.67 -9.93
C TYR C 19 -35.36 10.64 -9.88
N THR C 20 -34.81 11.85 -9.97
CA THR C 20 -33.39 12.06 -10.12
C THR C 20 -32.81 12.96 -9.03
N LYS C 21 -33.63 13.41 -8.09
CA LYS C 21 -33.28 14.41 -7.10
C LYS C 21 -33.08 13.88 -5.67
N ILE C 22 -32.63 14.74 -4.76
CA ILE C 22 -32.50 14.44 -3.35
C ILE C 22 -33.88 14.53 -2.71
N PHE C 23 -34.23 13.53 -1.90
CA PHE C 23 -35.59 13.42 -1.30
C PHE C 23 -35.50 13.77 0.17
N ILE C 24 -36.07 14.91 0.53
CA ILE C 24 -36.05 15.40 1.93
C ILE C 24 -37.43 15.99 2.24
N ASN C 25 -38.06 15.53 3.35
CA ASN C 25 -39.32 16.03 3.78
C ASN C 25 -40.39 15.85 2.70
N ASN C 26 -40.30 14.70 2.04
CA ASN C 26 -41.28 14.31 0.99
C ASN C 26 -41.27 15.30 -0.19
N GLU C 27 -40.16 16.04 -0.41
CA GLU C 27 -40.00 16.93 -1.55
C GLU C 27 -38.67 16.58 -2.19
N TRP C 28 -38.59 16.93 -3.46
CA TRP C 28 -37.40 16.72 -4.34
C TRP C 28 -36.60 18.03 -4.42
N HIS C 29 -35.31 17.94 -4.08
CA HIS C 29 -34.38 19.06 -3.99
C HIS C 29 -33.24 18.86 -5.02
N SER C 30 -32.78 19.96 -5.56
CA SER C 30 -31.48 19.99 -6.22
C SER C 30 -30.36 19.89 -5.20
N SER C 31 -29.18 19.42 -5.60
CA SER C 31 -28.06 19.41 -4.68
C SER C 31 -27.76 20.91 -4.32
N VAL C 32 -27.21 21.11 -3.12
CA VAL C 32 -26.87 22.47 -2.69
C VAL C 32 -25.80 23.06 -3.58
N SER C 33 -24.87 22.24 -4.04
CA SER C 33 -23.83 22.68 -4.96
C SER C 33 -24.27 22.89 -6.38
N GLY C 34 -25.38 22.26 -6.75
CA GLY C 34 -25.85 22.18 -8.12
C GLY C 34 -25.20 21.06 -8.94
N LYS C 35 -24.22 20.32 -8.39
CA LYS C 35 -23.60 19.24 -9.16
C LYS C 35 -24.55 18.05 -9.32
N LYS C 36 -24.32 17.35 -10.43
CA LYS C 36 -25.02 16.11 -10.74
C LYS C 36 -23.96 15.09 -11.09
N PHE C 37 -24.32 13.83 -11.01
CA PHE C 37 -23.42 12.75 -11.41
C PHE C 37 -24.14 11.78 -12.34
N PRO C 38 -23.42 11.19 -13.27
CA PRO C 38 -24.03 10.31 -14.26
C PRO C 38 -24.21 8.92 -13.68
N VAL C 39 -25.27 8.26 -14.14
CA VAL C 39 -25.56 6.91 -13.79
C VAL C 39 -25.61 6.06 -15.10
N PHE C 40 -24.91 4.93 -15.10
CA PHE C 40 -24.71 4.10 -16.29
C PHE C 40 -25.35 2.71 -16.24
N ASN C 41 -25.55 2.16 -17.43
CA ASN C 41 -25.91 0.76 -17.59
C ASN C 41 -24.65 -0.07 -17.80
N PRO C 42 -24.30 -0.98 -16.85
CA PRO C 42 -23.00 -1.70 -16.95
C PRO C 42 -22.92 -2.69 -18.07
N ALA C 43 -24.06 -3.08 -18.65
CA ALA C 43 -24.06 -3.99 -19.82
C ALA C 43 -23.69 -3.29 -21.15
N THR C 44 -24.03 -2.01 -21.26
CA THR C 44 -23.86 -1.25 -22.49
C THR C 44 -22.89 -0.07 -22.36
N GLU C 45 -22.53 0.31 -21.15
CA GLU C 45 -21.73 1.50 -20.82
C GLU C 45 -22.42 2.82 -21.16
N GLU C 46 -23.69 2.78 -21.50
CA GLU C 46 -24.39 4.03 -21.80
C GLU C 46 -24.99 4.70 -20.58
N LYS C 47 -25.07 6.03 -20.66
CA LYS C 47 -25.59 6.82 -19.57
C LYS C 47 -27.10 6.67 -19.55
N LEU C 48 -27.66 6.34 -18.39
CA LEU C 48 -29.10 6.29 -18.21
C LEU C 48 -29.69 7.64 -17.94
N CYS C 49 -29.05 8.37 -17.03
CA CYS C 49 -29.46 9.69 -16.65
C CYS C 49 -28.42 10.27 -15.71
N GLU C 50 -28.71 11.48 -15.25
CA GLU C 50 -27.91 12.17 -14.26
C GLU C 50 -28.71 12.37 -13.00
N VAL C 51 -28.04 12.34 -11.86
CA VAL C 51 -28.75 12.42 -10.60
C VAL C 51 -28.08 13.53 -9.78
N GLU C 52 -28.86 14.25 -8.97
CA GLU C 52 -28.30 15.26 -8.09
C GLU C 52 -27.23 14.65 -7.10
N GLU C 53 -26.09 15.29 -7.01
CA GLU C 53 -24.94 14.80 -6.23
C GLU C 53 -25.01 15.39 -4.83
N GLY C 54 -25.51 14.58 -3.90
CA GLY C 54 -25.53 14.99 -2.52
C GLY C 54 -24.19 14.94 -1.86
N ASP C 55 -23.94 15.87 -0.95
CA ASP C 55 -22.75 15.95 -0.23
C ASP C 55 -23.12 16.36 1.19
N LYS C 56 -22.12 16.76 1.96
CA LYS C 56 -22.33 17.10 3.39
C LYS C 56 -23.50 18.07 3.65
N GLU C 57 -23.65 19.08 2.80
N GLU C 57 -23.66 19.13 2.86
CA GLU C 57 -24.65 20.12 3.00
CA GLU C 57 -24.69 20.10 3.13
C GLU C 57 -26.06 19.57 2.81
C GLU C 57 -26.08 19.52 2.85
N ASP C 58 -26.19 18.58 1.92
CA ASP C 58 -27.45 17.88 1.63
C ASP C 58 -27.79 16.91 2.76
N VAL C 59 -26.78 16.19 3.21
CA VAL C 59 -26.95 15.31 4.36
C VAL C 59 -27.42 16.11 5.60
N ASP C 60 -26.79 17.24 5.85
CA ASP C 60 -27.20 18.02 7.02
C ASP C 60 -28.70 18.37 6.92
N LYS C 61 -29.15 18.80 5.73
CA LYS C 61 -30.61 19.09 5.55
C LYS C 61 -31.45 17.89 5.84
N ALA C 62 -31.00 16.74 5.37
CA ALA C 62 -31.78 15.50 5.53
C ALA C 62 -31.83 15.12 7.01
N VAL C 63 -30.73 15.20 7.69
CA VAL C 63 -30.70 14.86 9.12
C VAL C 63 -31.59 15.81 9.94
N LYS C 64 -31.57 17.13 9.63
CA LYS C 64 -32.50 18.06 10.29
C LYS C 64 -33.96 17.63 10.06
N ALA C 65 -34.29 17.21 8.84
CA ALA C 65 -35.65 16.73 8.55
C ALA C 65 -35.99 15.51 9.36
N ALA C 66 -35.08 14.56 9.41
CA ALA C 66 -35.33 13.31 10.15
C ALA C 66 -35.47 13.58 11.63
N ARG C 67 -34.66 14.50 12.16
CA ARG C 67 -34.74 14.85 13.57
C ARG C 67 -36.09 15.49 13.90
N GLN C 68 -36.54 16.40 13.05
CA GLN C 68 -37.79 17.07 13.30
C GLN C 68 -38.93 16.07 13.29
N ALA C 69 -38.86 15.12 12.37
CA ALA C 69 -39.95 14.14 12.25
C ALA C 69 -40.00 13.21 13.46
N PHE C 70 -38.88 13.08 14.18
CA PHE C 70 -38.75 12.21 15.34
C PHE C 70 -39.09 12.92 16.69
N GLN C 71 -39.41 14.22 16.65
CA GLN C 71 -39.64 14.96 17.88
C GLN C 71 -40.90 14.40 18.57
N ILE C 72 -40.83 14.34 19.88
CA ILE C 72 -42.02 14.02 20.73
C ILE C 72 -43.18 14.88 20.28
N GLY C 73 -44.37 14.27 20.10
CA GLY C 73 -45.54 14.94 19.63
C GLY C 73 -45.72 15.06 18.16
N SER C 74 -44.68 14.67 17.39
CA SER C 74 -44.81 14.63 15.92
C SER C 74 -45.78 13.53 15.42
N PRO C 75 -46.28 13.71 14.21
CA PRO C 75 -47.22 12.63 13.70
C PRO C 75 -46.60 11.19 13.72
N TRP C 76 -45.31 11.07 13.45
CA TRP C 76 -44.66 9.77 13.37
C TRP C 76 -44.43 9.18 14.78
N ARG C 77 -44.18 10.03 15.75
CA ARG C 77 -44.01 9.55 17.15
C ARG C 77 -45.31 9.23 17.84
N THR C 78 -46.37 9.92 17.49
CA THR C 78 -47.67 9.72 18.13
C THR C 78 -48.58 8.73 17.44
N MET C 79 -48.32 8.39 16.20
CA MET C 79 -49.30 7.49 15.52
C MET C 79 -49.27 6.10 16.12
N ASP C 80 -50.38 5.41 15.99
CA ASP C 80 -50.41 4.05 16.51
C ASP C 80 -49.33 3.20 15.83
N ALA C 81 -48.69 2.33 16.61
CA ALA C 81 -47.76 1.35 16.04
C ALA C 81 -48.44 0.53 14.92
N SER C 82 -49.70 0.18 15.15
CA SER C 82 -50.44 -0.56 14.11
C SER C 82 -50.54 0.19 12.76
N GLU C 83 -50.63 1.51 12.83
CA GLU C 83 -50.71 2.38 11.65
C GLU C 83 -49.33 2.45 10.94
N ARG C 84 -48.24 2.38 11.71
CA ARG C 84 -46.91 2.20 11.05
C ARG C 84 -46.89 0.94 10.22
N GLY C 85 -47.46 -0.13 10.77
CA GLY C 85 -47.62 -1.40 10.04
C GLY C 85 -48.46 -1.25 8.77
N ARG C 86 -49.60 -0.56 8.88
CA ARG C 86 -50.50 -0.40 7.76
C ARG C 86 -49.78 0.35 6.62
N LEU C 87 -48.97 1.35 7.01
CA LEU C 87 -48.20 2.13 6.04
C LEU C 87 -47.18 1.30 5.32
N LEU C 88 -46.50 0.41 6.06
CA LEU C 88 -45.52 -0.45 5.45
C LEU C 88 -46.18 -1.41 4.47
N ASN C 89 -47.35 -1.95 4.83
CA ASN C 89 -48.05 -2.79 3.90
C ASN C 89 -48.53 -2.05 2.67
N LYS C 90 -48.94 -0.79 2.82
CA LYS C 90 -49.35 0.03 1.69
C LYS C 90 -48.16 0.23 0.76
N LEU C 91 -46.99 0.50 1.34
CA LEU C 91 -45.78 0.64 0.56
C LEU C 91 -45.51 -0.67 -0.23
N ALA C 92 -45.70 -1.84 0.41
CA ALA C 92 -45.50 -3.10 -0.30
C ALA C 92 -46.49 -3.25 -1.48
N ASP C 93 -47.75 -2.84 -1.26
CA ASP C 93 -48.77 -2.83 -2.34
C ASP C 93 -48.32 -1.99 -3.53
N LEU C 94 -47.72 -0.86 -3.23
CA LEU C 94 -47.26 0.03 -4.34
C LEU C 94 -46.08 -0.58 -5.06
N ILE C 95 -45.18 -1.24 -4.32
CA ILE C 95 -44.06 -1.96 -4.98
C ILE C 95 -44.63 -3.05 -5.89
N GLU C 96 -45.64 -3.80 -5.42
N GLU C 96 -45.67 -3.79 -5.49
CA GLU C 96 -46.29 -4.78 -6.28
CA GLU C 96 -46.30 -4.77 -6.38
C GLU C 96 -46.85 -4.11 -7.58
C GLU C 96 -46.82 -4.07 -7.63
N ARG C 97 -47.46 -2.93 -7.44
CA ARG C 97 -48.10 -2.24 -8.57
C ARG C 97 -47.00 -1.88 -9.57
N ASP C 98 -45.92 -1.40 -9.03
CA ASP C 98 -44.80 -0.88 -9.83
C ASP C 98 -43.69 -1.92 -10.06
N ARG C 99 -44.01 -3.19 -9.98
CA ARG C 99 -43.01 -4.27 -9.96
C ARG C 99 -42.27 -4.37 -11.24
N LEU C 100 -42.95 -4.24 -12.38
CA LEU C 100 -42.32 -4.36 -13.67
C LEU C 100 -41.36 -3.17 -13.93
N LEU C 101 -41.79 -1.96 -13.63
CA LEU C 101 -40.90 -0.79 -13.73
C LEU C 101 -39.67 -0.97 -12.89
N LEU C 102 -39.90 -1.22 -11.60
CA LEU C 102 -38.77 -1.37 -10.70
C LEU C 102 -37.79 -2.46 -11.11
N ALA C 103 -38.30 -3.62 -11.53
CA ALA C 103 -37.43 -4.73 -11.95
C ALA C 103 -36.64 -4.38 -13.19
N THR C 104 -37.30 -3.74 -14.16
CA THR C 104 -36.60 -3.26 -15.35
C THR C 104 -35.51 -2.28 -14.99
N MET C 105 -35.85 -1.30 -14.18
CA MET C 105 -34.86 -0.32 -13.71
C MET C 105 -33.70 -0.94 -13.00
N GLU C 106 -34.00 -1.89 -12.09
CA GLU C 106 -32.97 -2.56 -11.34
C GLU C 106 -32.01 -3.33 -12.26
N ALA C 107 -32.58 -3.98 -13.28
CA ALA C 107 -31.80 -4.75 -14.24
C ALA C 107 -30.90 -3.85 -15.09
N MET C 108 -31.46 -2.74 -15.55
CA MET C 108 -30.71 -1.78 -16.37
C MET C 108 -29.59 -1.09 -15.61
N ASN C 109 -29.91 -0.59 -14.41
CA ASN C 109 -28.92 0.12 -13.59
C ASN C 109 -27.95 -0.79 -12.84
N GLY C 110 -28.36 -2.02 -12.56
CA GLY C 110 -27.54 -2.96 -11.78
C GLY C 110 -26.82 -4.05 -12.49
N GLY C 111 -27.01 -4.19 -13.82
CA GLY C 111 -26.43 -5.27 -14.59
C GLY C 111 -26.97 -6.61 -14.10
N LYS C 112 -28.22 -6.59 -13.69
CA LYS C 112 -28.82 -7.76 -12.98
C LYS C 112 -29.81 -8.47 -13.91
N LEU C 113 -29.69 -9.80 -14.04
CA LEU C 113 -30.58 -10.59 -14.88
C LEU C 113 -32.04 -10.23 -14.58
N PHE C 114 -32.79 -9.88 -15.63
CA PHE C 114 -34.14 -9.35 -15.46
C PHE C 114 -35.08 -10.37 -14.77
N SER C 115 -35.06 -11.63 -15.17
CA SER C 115 -35.98 -12.57 -14.53
C SER C 115 -35.69 -12.70 -13.05
N ASN C 116 -34.41 -12.69 -12.68
CA ASN C 116 -34.09 -12.67 -11.28
C ASN C 116 -34.54 -11.41 -10.55
N ALA C 117 -34.32 -10.24 -11.18
CA ALA C 117 -34.74 -8.98 -10.61
C ALA C 117 -36.28 -9.01 -10.37
N TYR C 118 -37.02 -9.53 -11.34
CA TYR C 118 -38.45 -9.53 -11.25
C TYR C 118 -38.98 -10.52 -10.22
N LEU C 119 -38.43 -11.73 -10.25
CA LEU C 119 -38.91 -12.82 -9.39
C LEU C 119 -38.30 -12.75 -8.01
N MET C 120 -36.98 -12.75 -7.95
CA MET C 120 -36.26 -12.82 -6.67
C MET C 120 -36.12 -11.50 -5.93
N ASP C 121 -35.50 -10.51 -6.56
CA ASP C 121 -35.28 -9.27 -5.88
C ASP C 121 -36.61 -8.65 -5.50
N LEU C 122 -37.48 -8.47 -6.49
CA LEU C 122 -38.71 -7.72 -6.21
C LEU C 122 -39.63 -8.52 -5.28
N GLY C 123 -39.64 -9.82 -5.45
CA GLY C 123 -40.38 -10.67 -4.51
C GLY C 123 -39.90 -10.56 -3.10
N GLY C 124 -38.57 -10.60 -2.89
CA GLY C 124 -37.98 -10.39 -1.60
C GLY C 124 -38.28 -9.01 -1.03
N CYS C 125 -38.35 -8.00 -1.89
CA CYS C 125 -38.65 -6.64 -1.45
C CYS C 125 -40.06 -6.59 -0.79
N ILE C 126 -41.01 -7.17 -1.50
CA ILE C 126 -42.41 -7.24 -1.02
C ILE C 126 -42.48 -8.05 0.27
N LYS C 127 -41.90 -9.23 0.27
CA LYS C 127 -41.92 -10.10 1.44
C LYS C 127 -41.28 -9.46 2.67
N THR C 128 -40.17 -8.74 2.45
CA THR C 128 -39.47 -8.11 3.53
C THR C 128 -40.36 -7.05 4.18
N LEU C 129 -41.00 -6.24 3.34
CA LEU C 129 -41.92 -5.22 3.87
C LEU C 129 -43.11 -5.80 4.57
N ARG C 130 -43.66 -6.87 4.06
CA ARG C 130 -44.81 -7.52 4.73
C ARG C 130 -44.42 -8.06 6.11
N TYR C 131 -43.21 -8.60 6.16
CA TYR C 131 -42.74 -9.17 7.47
C TYR C 131 -42.54 -8.01 8.47
N CYS C 132 -41.82 -6.95 8.04
CA CYS C 132 -41.61 -5.76 8.83
C CYS C 132 -42.93 -5.12 9.34
N ALA C 133 -43.90 -5.00 8.47
CA ALA C 133 -45.19 -4.44 8.83
C ALA C 133 -45.82 -5.14 10.00
N GLY C 134 -45.69 -6.47 10.01
CA GLY C 134 -46.29 -7.28 11.05
C GLY C 134 -45.65 -7.12 12.41
N TRP C 135 -44.37 -6.71 12.47
CA TRP C 135 -43.70 -6.48 13.75
C TRP C 135 -44.07 -5.17 14.45
N ALA C 136 -44.59 -4.20 13.73
CA ALA C 136 -44.67 -2.82 14.24
C ALA C 136 -45.34 -2.70 15.62
N ASP C 137 -46.49 -3.38 15.79
CA ASP C 137 -47.23 -3.28 17.02
C ASP C 137 -47.04 -4.50 17.93
N LYS C 138 -45.96 -5.22 17.70
CA LYS C 138 -45.55 -6.34 18.49
C LYS C 138 -44.14 -6.19 19.11
N ILE C 139 -43.55 -5.01 18.93
CA ILE C 139 -42.31 -4.65 19.63
C ILE C 139 -42.74 -4.18 21.03
N GLN C 140 -42.34 -4.94 22.04
CA GLN C 140 -42.82 -4.75 23.41
C GLN C 140 -41.68 -4.62 24.36
N GLY C 141 -41.90 -3.88 25.45
CA GLY C 141 -40.96 -3.91 26.59
C GLY C 141 -41.44 -4.91 27.67
N ARG C 142 -40.99 -4.67 28.91
CA ARG C 142 -41.17 -5.62 30.02
C ARG C 142 -41.69 -4.93 31.25
N THR C 143 -42.28 -5.72 32.10
CA THR C 143 -42.49 -5.34 33.48
C THR C 143 -41.61 -6.28 34.31
N ILE C 144 -40.91 -5.71 35.27
CA ILE C 144 -39.75 -6.39 35.89
C ILE C 144 -39.89 -6.44 37.39
N PRO C 145 -39.82 -7.65 37.95
CA PRO C 145 -39.92 -7.85 39.39
C PRO C 145 -38.62 -7.51 40.11
N MET C 146 -38.28 -6.23 40.12
CA MET C 146 -37.07 -5.73 40.77
C MET C 146 -37.21 -5.74 42.29
N ASP C 147 -36.08 -5.71 42.97
CA ASP C 147 -36.02 -5.63 44.42
C ASP C 147 -36.57 -4.30 44.93
N GLY C 148 -37.27 -4.38 46.05
CA GLY C 148 -37.79 -3.22 46.76
C GLY C 148 -39.18 -2.79 46.26
N ASN C 149 -39.68 -1.74 46.92
CA ASN C 149 -41.04 -1.28 46.71
C ASN C 149 -41.07 -0.34 45.52
N PHE C 150 -41.01 -0.94 44.34
CA PHE C 150 -40.99 -0.17 43.06
C PHE C 150 -41.78 -0.92 42.01
N PHE C 151 -42.35 -0.15 41.08
CA PHE C 151 -42.93 -0.66 39.85
C PHE C 151 -41.98 -0.27 38.75
N THR C 152 -41.41 -1.28 38.08
CA THR C 152 -40.44 -1.05 37.00
C THR C 152 -40.91 -1.65 35.69
N TYR C 153 -40.81 -0.86 34.65
CA TYR C 153 -41.08 -1.32 33.30
C TYR C 153 -40.06 -0.81 32.36
N THR C 154 -40.04 -1.37 31.16
CA THR C 154 -39.15 -0.84 30.12
C THR C 154 -40.00 -0.45 28.89
N ARG C 155 -39.49 0.55 28.20
CA ARG C 155 -40.00 0.95 26.90
C ARG C 155 -38.97 0.60 25.83
N SER C 156 -39.46 -0.07 24.79
CA SER C 156 -38.63 -0.37 23.62
C SER C 156 -38.86 0.79 22.67
N GLU C 157 -38.09 1.86 22.87
CA GLU C 157 -38.25 3.08 22.04
C GLU C 157 -37.53 2.90 20.73
N PRO C 158 -37.88 3.70 19.74
CA PRO C 158 -36.98 3.77 18.58
C PRO C 158 -35.66 4.42 19.00
N VAL C 159 -34.59 4.12 18.28
CA VAL C 159 -33.30 4.73 18.51
C VAL C 159 -33.26 6.19 18.10
N GLY C 160 -33.92 6.53 17.01
CA GLY C 160 -34.00 7.91 16.58
C GLY C 160 -33.67 8.08 15.12
N VAL C 161 -32.71 8.96 14.83
CA VAL C 161 -32.33 9.24 13.46
C VAL C 161 -31.26 8.20 13.02
N CYS C 162 -31.60 7.39 12.04
CA CYS C 162 -30.76 6.30 11.59
C CYS C 162 -30.21 6.58 10.18
N GLY C 163 -28.90 6.71 10.06
CA GLY C 163 -28.25 6.83 8.78
C GLY C 163 -27.99 5.46 8.19
N GLN C 164 -28.31 5.26 6.93
CA GLN C 164 -28.31 3.93 6.31
C GLN C 164 -27.61 3.98 4.95
N ILE C 165 -26.46 3.33 4.87
CA ILE C 165 -25.58 3.39 3.72
C ILE C 165 -25.54 2.00 3.09
N ILE C 166 -25.85 1.93 1.79
CA ILE C 166 -26.09 0.68 1.14
C ILE C 166 -25.34 0.52 -0.16
N PRO C 167 -25.11 -0.74 -0.56
CA PRO C 167 -24.35 -1.04 -1.72
C PRO C 167 -25.14 -1.22 -3.02
N TRP C 168 -24.43 -1.62 -4.07
CA TRP C 168 -24.95 -1.63 -5.45
C TRP C 168 -25.41 -3.00 -5.96
N ASN C 169 -25.19 -4.05 -5.17
CA ASN C 169 -25.38 -5.40 -5.66
C ASN C 169 -26.85 -5.86 -5.57
N PHE C 170 -27.54 -5.42 -4.52
CA PHE C 170 -29.01 -5.60 -4.42
C PHE C 170 -29.61 -4.29 -3.99
N PRO C 171 -29.66 -3.31 -4.91
CA PRO C 171 -29.93 -1.94 -4.43
C PRO C 171 -31.28 -1.77 -3.75
N LEU C 172 -32.34 -2.26 -4.41
CA LEU C 172 -33.70 -2.08 -3.90
C LEU C 172 -33.94 -2.98 -2.69
N LEU C 173 -33.47 -4.22 -2.77
CA LEU C 173 -33.66 -5.11 -1.66
C LEU C 173 -32.95 -4.56 -0.41
N MET C 174 -31.72 -4.09 -0.54
N MET C 174 -31.73 -4.07 -0.56
CA MET C 174 -30.99 -3.54 0.58
CA MET C 174 -30.99 -3.54 0.57
C MET C 174 -31.64 -2.27 1.12
C MET C 174 -31.61 -2.25 1.11
N PHE C 175 -32.17 -1.43 0.23
CA PHE C 175 -32.94 -0.24 0.63
C PHE C 175 -34.08 -0.61 1.53
N LEU C 176 -34.79 -1.67 1.19
CA LEU C 176 -35.93 -2.13 2.02
C LEU C 176 -35.52 -2.94 3.28
N TRP C 177 -34.47 -3.75 3.18
CA TRP C 177 -33.89 -4.31 4.38
C TRP C 177 -33.58 -3.26 5.46
N LYS C 178 -33.11 -2.08 5.03
CA LYS C 178 -32.82 -0.98 5.96
C LYS C 178 -34.05 -0.25 6.43
N ILE C 179 -34.90 0.27 5.49
CA ILE C 179 -35.97 1.13 5.92
C ILE C 179 -37.12 0.36 6.61
N GLY C 180 -37.31 -0.87 6.21
CA GLY C 180 -38.42 -1.69 6.72
C GLY C 180 -38.35 -1.82 8.25
N PRO C 181 -37.21 -2.33 8.75
CA PRO C 181 -37.17 -2.57 10.20
C PRO C 181 -37.08 -1.26 10.95
N ALA C 182 -36.36 -0.31 10.38
CA ALA C 182 -36.22 0.93 11.05
C ALA C 182 -37.54 1.65 11.27
N LEU C 183 -38.40 1.62 10.25
CA LEU C 183 -39.66 2.30 10.27
C LEU C 183 -40.65 1.52 11.10
N SER C 184 -40.57 0.20 10.99
CA SER C 184 -41.49 -0.67 11.80
C SER C 184 -41.37 -0.31 13.29
N CYS C 185 -40.13 -0.04 13.70
CA CYS C 185 -39.81 0.31 15.08
C CYS C 185 -39.98 1.78 15.45
N GLY C 186 -40.31 2.63 14.48
CA GLY C 186 -40.57 4.01 14.76
C GLY C 186 -39.48 5.01 14.56
N ASN C 187 -38.39 4.57 13.96
CA ASN C 187 -37.26 5.44 13.63
C ASN C 187 -37.53 6.33 12.46
N THR C 188 -36.67 7.33 12.26
CA THR C 188 -36.63 8.10 10.99
C THR C 188 -35.26 7.85 10.40
N VAL C 189 -35.16 8.02 9.09
CA VAL C 189 -33.96 7.60 8.36
C VAL C 189 -33.43 8.55 7.30
N VAL C 190 -32.11 8.44 7.13
CA VAL C 190 -31.40 9.15 6.04
C VAL C 190 -30.62 8.07 5.29
N VAL C 191 -31.08 7.78 4.08
CA VAL C 191 -30.55 6.69 3.24
C VAL C 191 -29.58 7.24 2.20
N LYS C 192 -28.46 6.57 2.04
CA LYS C 192 -27.43 6.91 1.10
C LYS C 192 -27.16 5.73 0.14
N PRO C 193 -27.92 5.69 -0.95
CA PRO C 193 -27.73 4.60 -1.92
C PRO C 193 -26.33 4.66 -2.55
N ALA C 194 -25.86 3.54 -3.08
CA ALA C 194 -24.59 3.50 -3.79
C ALA C 194 -24.59 4.45 -4.94
N GLU C 195 -23.47 5.13 -5.15
CA GLU C 195 -23.38 6.01 -6.36
C GLU C 195 -23.69 5.26 -7.64
N GLN C 196 -23.32 3.98 -7.72
CA GLN C 196 -23.58 3.22 -8.96
C GLN C 196 -25.07 3.05 -9.26
N THR C 197 -25.87 2.95 -8.19
CA THR C 197 -27.23 2.46 -8.25
C THR C 197 -28.24 3.24 -7.41
N PRO C 198 -28.46 4.54 -7.76
CA PRO C 198 -29.44 5.30 -6.97
C PRO C 198 -30.92 5.17 -7.40
N LEU C 199 -31.16 4.69 -8.63
CA LEU C 199 -32.40 5.00 -9.31
C LEU C 199 -33.66 4.31 -8.70
N THR C 200 -33.57 3.03 -8.34
CA THR C 200 -34.71 2.40 -7.71
C THR C 200 -35.05 3.02 -6.33
N ALA C 201 -34.06 3.36 -5.55
CA ALA C 201 -34.20 4.07 -4.32
C ALA C 201 -34.90 5.36 -4.48
N LEU C 202 -34.59 6.13 -5.53
CA LEU C 202 -35.28 7.38 -5.73
C LEU C 202 -36.71 7.17 -6.14
N HIS C 203 -36.96 6.18 -7.00
CA HIS C 203 -38.33 5.86 -7.29
C HIS C 203 -39.09 5.55 -5.98
N MET C 204 -38.46 4.82 -5.06
CA MET C 204 -39.09 4.51 -3.81
C MET C 204 -39.46 5.75 -3.02
N GLY C 205 -38.71 6.89 -3.11
CA GLY C 205 -39.19 8.10 -2.51
C GLY C 205 -40.58 8.51 -2.92
N SER C 206 -40.92 8.41 -4.22
CA SER C 206 -42.23 8.75 -4.68
C SER C 206 -43.31 7.84 -4.06
N LEU C 207 -42.95 6.57 -3.86
CA LEU C 207 -43.90 5.63 -3.27
C LEU C 207 -44.07 5.83 -1.80
N ILE C 208 -43.02 6.22 -1.13
CA ILE C 208 -43.10 6.56 0.28
C ILE C 208 -44.04 7.74 0.51
N LYS C 209 -43.90 8.76 -0.30
CA LYS C 209 -44.84 9.88 -0.25
C LYS C 209 -46.27 9.45 -0.53
N GLU C 210 -46.44 8.69 -1.61
CA GLU C 210 -47.73 8.26 -2.01
C GLU C 210 -48.40 7.39 -0.93
N ALA C 211 -47.64 6.55 -0.25
CA ALA C 211 -48.19 5.65 0.78
C ALA C 211 -48.68 6.41 1.98
N GLY C 212 -48.14 7.62 2.18
CA GLY C 212 -48.63 8.52 3.24
C GLY C 212 -47.71 8.66 4.43
N PHE C 213 -46.46 8.26 4.30
CA PHE C 213 -45.51 8.44 5.42
C PHE C 213 -45.33 9.97 5.67
N PRO C 214 -45.28 10.40 6.94
CA PRO C 214 -45.09 11.80 7.24
C PRO C 214 -43.74 12.30 6.67
N PRO C 215 -43.72 13.57 6.25
CA PRO C 215 -42.43 14.14 5.76
C PRO C 215 -41.31 14.00 6.77
N GLY C 216 -40.15 13.61 6.26
CA GLY C 216 -38.94 13.55 7.07
C GLY C 216 -38.72 12.17 7.70
N VAL C 217 -39.67 11.24 7.56
CA VAL C 217 -39.52 9.87 8.09
C VAL C 217 -38.50 9.07 7.22
N VAL C 218 -38.55 9.24 5.86
CA VAL C 218 -37.50 8.74 5.00
C VAL C 218 -36.93 9.88 4.14
N ASN C 219 -35.61 10.07 4.22
CA ASN C 219 -34.90 11.02 3.37
C ASN C 219 -33.86 10.21 2.64
N ILE C 220 -33.58 10.62 1.42
CA ILE C 220 -32.71 9.82 0.53
C ILE C 220 -31.74 10.75 -0.15
N VAL C 221 -30.45 10.55 0.10
CA VAL C 221 -29.38 11.41 -0.41
C VAL C 221 -28.42 10.61 -1.29
N PRO C 222 -28.66 10.64 -2.62
CA PRO C 222 -27.72 10.02 -3.53
C PRO C 222 -26.43 10.82 -3.59
N GLY C 223 -25.35 10.12 -3.95
CA GLY C 223 -24.02 10.70 -4.03
C GLY C 223 -22.96 9.70 -3.65
N TYR C 224 -21.76 10.21 -3.51
CA TYR C 224 -20.55 9.38 -3.30
C TYR C 224 -20.34 9.02 -1.79
N GLY C 225 -19.38 8.15 -1.57
CA GLY C 225 -19.10 7.59 -0.24
C GLY C 225 -18.38 8.54 0.70
N PRO C 226 -17.16 8.96 0.33
CA PRO C 226 -16.41 9.78 1.27
C PRO C 226 -16.99 11.19 1.41
N THR C 227 -18.01 11.50 0.62
CA THR C 227 -18.70 12.78 0.75
C THR C 227 -20.00 12.60 1.54
N ALA C 228 -21.06 12.12 0.88
CA ALA C 228 -22.37 11.92 1.53
C ALA C 228 -22.30 10.83 2.59
N GLY C 229 -21.69 9.68 2.28
CA GLY C 229 -21.61 8.62 3.27
C GLY C 229 -20.86 9.01 4.54
N ALA C 230 -19.67 9.58 4.39
CA ALA C 230 -18.91 10.00 5.49
C ALA C 230 -19.58 11.12 6.28
N ALA C 231 -20.34 12.00 5.63
CA ALA C 231 -21.09 13.04 6.36
C ALA C 231 -22.08 12.37 7.33
N ILE C 232 -22.64 11.24 6.93
CA ILE C 232 -23.59 10.50 7.78
C ILE C 232 -22.86 9.86 8.95
N SER C 233 -21.78 9.13 8.68
CA SER C 233 -21.05 8.44 9.73
C SER C 233 -20.47 9.36 10.77
N SER C 234 -20.12 10.60 10.36
N SER C 234 -20.14 10.60 10.37
CA SER C 234 -19.51 11.57 11.29
CA SER C 234 -19.53 11.56 11.28
C SER C 234 -20.49 12.57 11.88
C SER C 234 -20.49 12.57 11.88
N HIS C 235 -21.77 12.44 11.56
CA HIS C 235 -22.71 13.46 11.89
C HIS C 235 -22.97 13.46 13.40
N MET C 236 -22.96 14.65 14.01
CA MET C 236 -23.17 14.72 15.46
C MET C 236 -24.62 14.54 15.90
N ASP C 237 -25.57 14.48 14.97
CA ASP C 237 -26.97 14.32 15.31
C ASP C 237 -27.61 13.12 14.65
N VAL C 238 -26.80 12.17 14.23
CA VAL C 238 -27.28 10.89 13.76
C VAL C 238 -27.08 9.89 14.93
N ASP C 239 -28.18 9.24 15.38
CA ASP C 239 -28.10 8.35 16.52
C ASP C 239 -27.49 6.99 16.23
N LYS C 240 -27.70 6.52 14.99
CA LYS C 240 -27.29 5.19 14.62
C LYS C 240 -26.91 5.16 13.14
N VAL C 241 -25.87 4.40 12.80
CA VAL C 241 -25.54 4.18 11.40
C VAL C 241 -25.57 2.70 11.11
N ALA C 242 -26.18 2.34 10.00
CA ALA C 242 -26.25 0.96 9.56
C ALA C 242 -25.66 0.94 8.15
N PHE C 243 -24.78 0.00 7.91
CA PHE C 243 -23.97 -0.03 6.72
C PHE C 243 -23.83 -1.45 6.18
N THR C 244 -23.98 -1.60 4.88
CA THR C 244 -23.67 -2.80 4.18
C THR C 244 -22.71 -2.47 3.05
N GLY C 245 -21.60 -3.19 2.98
CA GLY C 245 -20.53 -2.91 2.04
C GLY C 245 -19.24 -3.58 2.39
N SER C 246 -18.15 -2.95 2.00
CA SER C 246 -16.86 -3.49 2.13
C SER C 246 -16.40 -3.44 3.61
N THR C 247 -15.59 -4.43 3.97
CA THR C 247 -14.93 -4.43 5.27
C THR C 247 -14.08 -3.17 5.47
N GLU C 248 -13.41 -2.71 4.42
CA GLU C 248 -12.58 -1.52 4.53
C GLU C 248 -13.35 -0.27 4.93
N VAL C 249 -14.51 -0.07 4.30
CA VAL C 249 -15.36 1.04 4.62
C VAL C 249 -16.06 0.87 5.97
N GLY C 250 -16.43 -0.36 6.32
CA GLY C 250 -16.98 -0.62 7.63
C GLY C 250 -16.06 -0.17 8.75
N LYS C 251 -14.76 -0.39 8.58
CA LYS C 251 -13.78 0.10 9.54
C LYS C 251 -13.83 1.64 9.66
N LEU C 252 -13.90 2.32 8.55
CA LEU C 252 -13.96 3.80 8.53
C LEU C 252 -15.25 4.30 9.22
N ILE C 253 -16.36 3.62 8.99
CA ILE C 253 -17.60 3.97 9.62
C ILE C 253 -17.54 3.82 11.16
N LYS C 254 -17.00 2.71 11.63
CA LYS C 254 -16.93 2.50 13.06
C LYS C 254 -16.00 3.49 13.69
N GLU C 255 -14.87 3.78 13.04
N GLU C 255 -14.88 3.79 13.04
CA GLU C 255 -13.96 4.80 13.57
CA GLU C 255 -13.94 4.78 13.55
C GLU C 255 -14.61 6.17 13.63
C GLU C 255 -14.58 6.16 13.61
N ALA C 256 -15.28 6.54 12.54
CA ALA C 256 -16.05 7.82 12.50
C ALA C 256 -17.11 8.00 13.56
N ALA C 257 -17.79 6.90 13.86
CA ALA C 257 -18.78 6.87 14.93
C ALA C 257 -18.15 7.10 16.25
N GLY C 258 -16.97 6.54 16.46
CA GLY C 258 -16.18 6.76 17.68
C GLY C 258 -15.70 8.17 17.88
N LYS C 259 -15.15 8.73 16.82
CA LYS C 259 -14.62 10.07 16.83
C LYS C 259 -15.65 11.15 17.02
N SER C 260 -16.91 10.85 16.64
CA SER C 260 -17.90 11.91 16.57
C SER C 260 -18.83 11.94 17.77
N ASN C 261 -19.88 11.13 17.76
CA ASN C 261 -20.87 11.21 18.81
C ASN C 261 -21.22 9.83 19.41
N LEU C 262 -20.39 8.84 19.15
CA LEU C 262 -20.63 7.47 19.73
C LEU C 262 -21.86 6.83 19.23
N LYS C 263 -22.32 7.24 18.04
CA LYS C 263 -23.55 6.64 17.45
C LYS C 263 -23.48 5.12 17.45
N ARG C 264 -24.65 4.49 17.54
CA ARG C 264 -24.74 3.05 17.47
C ARG C 264 -24.35 2.61 16.05
N VAL C 265 -23.72 1.44 15.93
CA VAL C 265 -23.23 0.99 14.63
C VAL C 265 -23.63 -0.46 14.39
N SER C 266 -24.18 -0.72 13.17
CA SER C 266 -24.34 -2.07 12.69
C SER C 266 -23.80 -2.14 11.27
N LEU C 267 -23.13 -3.29 11.08
CA LEU C 267 -22.38 -3.50 9.84
C LEU C 267 -22.64 -4.87 9.29
N GLU C 268 -23.07 -5.00 8.03
CA GLU C 268 -22.91 -6.25 7.30
C GLU C 268 -21.87 -6.09 6.18
N LEU C 269 -20.87 -6.95 6.19
CA LEU C 269 -19.63 -6.66 5.49
C LEU C 269 -19.13 -7.70 4.50
N GLY C 270 -19.75 -8.57 4.02
CA GLY C 270 -19.02 -9.44 3.04
C GLY C 270 -18.29 -10.58 3.72
N GLY C 271 -17.68 -11.43 2.90
CA GLY C 271 -17.31 -12.73 3.39
C GLY C 271 -16.31 -13.47 2.53
N LYS C 272 -15.88 -14.62 3.04
CA LYS C 272 -15.13 -15.60 2.29
C LYS C 272 -15.65 -16.98 2.73
N SER C 273 -16.93 -17.18 2.44
CA SER C 273 -17.70 -18.23 3.07
C SER C 273 -17.30 -19.63 2.59
N PRO C 274 -17.08 -20.56 3.56
CA PRO C 274 -16.70 -21.91 3.21
C PRO C 274 -17.92 -22.78 2.96
N CYS C 275 -17.81 -23.65 1.98
CA CYS C 275 -18.83 -24.63 1.67
C CYS C 275 -18.14 -25.98 1.75
N ILE C 276 -18.55 -26.81 2.71
CA ILE C 276 -17.87 -28.05 3.01
C ILE C 276 -18.73 -29.24 2.54
N VAL C 277 -18.17 -30.01 1.60
CA VAL C 277 -18.81 -31.20 1.07
C VAL C 277 -18.10 -32.46 1.55
N PHE C 278 -18.77 -33.19 2.44
CA PHE C 278 -18.29 -34.47 2.90
C PHE C 278 -18.59 -35.59 1.88
N ALA C 279 -17.78 -36.64 1.90
CA ALA C 279 -17.92 -37.77 0.98
C ALA C 279 -19.26 -38.46 1.09
N ASP C 280 -19.94 -38.31 2.23
CA ASP C 280 -21.25 -38.94 2.42
C ASP C 280 -22.42 -38.06 1.94
N ALA C 281 -22.12 -36.91 1.31
CA ALA C 281 -23.17 -36.01 0.80
C ALA C 281 -23.88 -36.50 -0.48
N ASP C 282 -25.10 -36.01 -0.70
CA ASP C 282 -25.78 -36.19 -1.98
C ASP C 282 -25.09 -35.27 -2.96
N LEU C 283 -24.33 -35.83 -3.89
CA LEU C 283 -23.47 -35.02 -4.78
C LEU C 283 -24.21 -34.14 -5.77
N ASP C 284 -25.24 -34.67 -6.44
CA ASP C 284 -26.05 -33.86 -7.37
C ASP C 284 -26.52 -32.57 -6.67
N ASN C 285 -27.06 -32.72 -5.48
CA ASN C 285 -27.59 -31.58 -4.72
C ASN C 285 -26.49 -30.61 -4.35
N ALA C 286 -25.37 -31.15 -3.89
CA ALA C 286 -24.25 -30.33 -3.45
C ALA C 286 -23.58 -29.56 -4.59
N VAL C 287 -23.43 -30.22 -5.74
CA VAL C 287 -22.83 -29.51 -6.90
C VAL C 287 -23.64 -28.29 -7.28
N GLU C 288 -24.97 -28.45 -7.43
CA GLU C 288 -25.79 -27.33 -7.85
C GLU C 288 -25.85 -26.21 -6.80
N PHE C 289 -26.02 -26.53 -5.54
CA PHE C 289 -26.10 -25.49 -4.52
C PHE C 289 -24.78 -24.76 -4.39
N ALA C 290 -23.66 -25.46 -4.45
CA ALA C 290 -22.36 -24.81 -4.32
C ALA C 290 -22.08 -23.95 -5.52
N HIS C 291 -22.51 -24.44 -6.67
CA HIS C 291 -22.38 -23.67 -7.91
C HIS C 291 -23.17 -22.36 -7.88
N GLN C 292 -24.48 -22.44 -7.66
CA GLN C 292 -25.30 -21.24 -7.53
C GLN C 292 -24.79 -20.35 -6.38
N GLY C 293 -24.31 -21.00 -5.33
CA GLY C 293 -23.82 -20.30 -4.15
C GLY C 293 -22.64 -19.38 -4.38
N VAL C 294 -21.82 -19.66 -5.39
CA VAL C 294 -20.73 -18.77 -5.72
C VAL C 294 -21.01 -17.91 -6.96
N PHE C 295 -21.73 -18.42 -7.96
CA PHE C 295 -21.96 -17.67 -9.19
C PHE C 295 -23.13 -16.70 -9.26
N TYR C 296 -24.06 -16.81 -8.28
CA TYR C 296 -25.26 -15.95 -8.32
C TYR C 296 -24.94 -14.47 -8.47
N HIS C 297 -25.72 -13.80 -9.31
CA HIS C 297 -25.52 -12.40 -9.64
C HIS C 297 -24.06 -12.08 -9.95
N GLN C 298 -23.46 -12.86 -10.84
CA GLN C 298 -22.09 -12.65 -11.31
C GLN C 298 -21.09 -12.65 -10.18
N GLY C 299 -21.37 -13.47 -9.17
CA GLY C 299 -20.54 -13.55 -7.98
C GLY C 299 -20.65 -12.41 -6.96
N GLN C 300 -21.55 -11.46 -7.19
CA GLN C 300 -21.60 -10.19 -6.43
C GLN C 300 -22.55 -10.33 -5.21
N CYS C 301 -22.32 -11.37 -4.38
CA CYS C 301 -23.10 -11.67 -3.22
C CYS C 301 -22.20 -11.82 -2.04
N CYS C 302 -22.57 -11.15 -0.96
CA CYS C 302 -21.80 -11.20 0.30
C CYS C 302 -21.55 -12.63 0.75
N ILE C 303 -22.56 -13.50 0.52
CA ILE C 303 -22.51 -14.91 0.98
C ILE C 303 -21.79 -15.88 0.04
N ALA C 304 -21.17 -15.38 -1.03
CA ALA C 304 -20.62 -16.26 -2.07
C ALA C 304 -19.81 -17.38 -1.47
N ALA C 305 -20.08 -18.60 -1.92
CA ALA C 305 -19.40 -19.82 -1.48
C ALA C 305 -18.05 -19.94 -2.14
N SER C 306 -17.17 -19.08 -1.71
CA SER C 306 -15.95 -18.79 -2.42
C SER C 306 -14.76 -19.57 -1.92
N ARG C 307 -14.99 -20.46 -0.95
CA ARG C 307 -14.05 -21.54 -0.65
C ARG C 307 -14.84 -22.86 -0.59
N LEU C 308 -14.71 -23.65 -1.63
CA LEU C 308 -15.42 -24.93 -1.72
C LEU C 308 -14.47 -26.06 -1.35
N PHE C 309 -14.65 -26.59 -0.13
CA PHE C 309 -13.86 -27.68 0.44
C PHE C 309 -14.52 -29.00 0.17
N VAL C 310 -13.85 -29.87 -0.57
CA VAL C 310 -14.42 -31.17 -0.95
C VAL C 310 -13.55 -32.30 -0.46
N GLU C 311 -14.17 -33.29 0.17
CA GLU C 311 -13.41 -34.39 0.77
C GLU C 311 -12.64 -35.14 -0.33
N GLU C 312 -11.44 -35.61 -0.01
CA GLU C 312 -10.50 -36.09 -1.00
C GLU C 312 -11.09 -37.15 -1.93
N SER C 313 -11.81 -38.13 -1.36
CA SER C 313 -12.33 -39.25 -2.13
C SER C 313 -13.35 -38.86 -3.23
N ILE C 314 -14.01 -37.72 -3.09
CA ILE C 314 -14.95 -37.24 -4.10
C ILE C 314 -14.49 -35.96 -4.82
N TYR C 315 -13.28 -35.50 -4.53
CA TYR C 315 -12.80 -34.22 -5.02
C TYR C 315 -12.73 -34.17 -6.56
N ASP C 316 -12.08 -35.14 -7.19
CA ASP C 316 -11.86 -35.08 -8.66
C ASP C 316 -13.20 -35.06 -9.39
N GLU C 317 -14.12 -35.90 -8.96
CA GLU C 317 -15.46 -35.91 -9.52
C GLU C 317 -16.19 -34.59 -9.28
N PHE C 318 -16.07 -34.02 -8.07
CA PHE C 318 -16.70 -32.76 -7.81
C PHE C 318 -16.16 -31.62 -8.68
N VAL C 319 -14.86 -31.62 -8.89
CA VAL C 319 -14.24 -30.64 -9.77
C VAL C 319 -14.77 -30.81 -11.19
N ARG C 320 -14.73 -32.03 -11.69
CA ARG C 320 -15.18 -32.32 -13.04
C ARG C 320 -16.62 -31.81 -13.26
N ARG C 321 -17.50 -32.10 -12.32
CA ARG C 321 -18.89 -31.70 -12.46
C ARG C 321 -19.09 -30.19 -12.31
N SER C 322 -18.28 -29.57 -11.46
CA SER C 322 -18.35 -28.13 -11.24
C SER C 322 -17.88 -27.35 -12.49
N VAL C 323 -16.90 -27.90 -13.16
CA VAL C 323 -16.37 -27.25 -14.36
C VAL C 323 -17.40 -27.38 -15.47
N GLU C 324 -17.94 -28.57 -15.61
CA GLU C 324 -18.96 -28.81 -16.61
C GLU C 324 -20.10 -27.82 -16.40
N ARG C 325 -20.50 -27.62 -15.14
CA ARG C 325 -21.62 -26.75 -14.80
C ARG C 325 -21.37 -25.28 -15.15
N ALA C 326 -20.14 -24.82 -14.92
CA ALA C 326 -19.75 -23.45 -15.18
C ALA C 326 -19.64 -23.07 -16.64
N LYS C 327 -19.60 -24.04 -17.54
CA LYS C 327 -19.52 -23.77 -18.96
C LYS C 327 -20.89 -23.52 -19.63
N LYS C 328 -21.99 -23.60 -18.89
CA LYS C 328 -23.35 -23.52 -19.45
C LYS C 328 -23.98 -22.11 -19.41
N TYR C 329 -23.23 -21.04 -19.58
CA TYR C 329 -23.79 -19.71 -19.47
C TYR C 329 -23.79 -18.98 -20.81
N VAL C 330 -24.76 -18.08 -20.99
CA VAL C 330 -24.83 -17.21 -22.12
C VAL C 330 -24.65 -15.82 -21.58
N LEU C 331 -23.55 -15.15 -21.93
CA LEU C 331 -23.34 -13.82 -21.43
C LEU C 331 -23.97 -12.80 -22.31
N GLY C 332 -24.40 -11.70 -21.72
CA GLY C 332 -24.97 -10.63 -22.50
C GLY C 332 -25.78 -9.66 -21.70
N ASN C 333 -26.59 -8.88 -22.44
CA ASN C 333 -27.45 -7.89 -21.84
C ASN C 333 -28.48 -8.59 -20.93
N PRO C 334 -28.54 -8.19 -19.66
CA PRO C 334 -29.44 -8.96 -18.78
C PRO C 334 -30.93 -8.74 -19.01
N LEU C 335 -31.30 -7.82 -19.92
CA LEU C 335 -32.65 -7.66 -20.35
C LEU C 335 -33.03 -8.59 -21.51
N THR C 336 -32.06 -9.26 -22.10
CA THR C 336 -32.28 -10.06 -23.31
C THR C 336 -32.71 -11.47 -22.95
N PRO C 337 -33.86 -11.95 -23.52
CA PRO C 337 -34.25 -13.32 -23.20
C PRO C 337 -33.13 -14.31 -23.54
N GLY C 338 -32.89 -15.29 -22.69
CA GLY C 338 -31.88 -16.29 -22.99
C GLY C 338 -30.52 -16.00 -22.34
N VAL C 339 -30.27 -14.76 -21.96
CA VAL C 339 -28.98 -14.41 -21.30
C VAL C 339 -29.06 -14.93 -19.87
N SER C 340 -28.03 -15.65 -19.45
CA SER C 340 -28.00 -16.23 -18.11
C SER C 340 -26.81 -15.68 -17.29
N GLN C 341 -26.03 -14.74 -17.82
CA GLN C 341 -25.00 -14.04 -17.06
C GLN C 341 -24.84 -12.61 -17.55
N GLY C 342 -25.00 -11.67 -16.64
CA GLY C 342 -24.86 -10.25 -16.98
C GLY C 342 -23.46 -9.76 -16.67
N PRO C 343 -23.26 -8.43 -16.69
CA PRO C 343 -21.93 -7.84 -16.46
C PRO C 343 -21.67 -7.65 -14.99
N GLN C 344 -20.40 -7.40 -14.68
CA GLN C 344 -20.07 -6.87 -13.37
C GLN C 344 -20.49 -5.37 -13.32
N ILE C 345 -20.56 -4.80 -12.13
CA ILE C 345 -21.22 -3.50 -11.93
C ILE C 345 -20.49 -2.33 -12.56
N ASP C 346 -19.17 -2.40 -12.58
CA ASP C 346 -18.38 -1.25 -13.03
C ASP C 346 -16.92 -1.64 -13.25
N LYS C 347 -16.16 -0.67 -13.74
CA LYS C 347 -14.79 -0.88 -14.09
C LYS C 347 -13.91 -1.26 -12.91
N GLU C 348 -14.09 -0.61 -11.77
CA GLU C 348 -13.31 -0.93 -10.58
C GLU C 348 -13.46 -2.39 -10.22
N GLN C 349 -14.69 -2.89 -10.16
CA GLN C 349 -14.92 -4.30 -9.76
C GLN C 349 -14.37 -5.23 -10.82
N TYR C 350 -14.57 -4.87 -12.10
CA TYR C 350 -14.07 -5.63 -13.22
C TYR C 350 -12.56 -5.81 -13.11
N GLU C 351 -11.81 -4.72 -12.93
N GLU C 351 -11.81 -4.73 -12.92
CA GLU C 351 -10.34 -4.78 -12.81
CA GLU C 351 -10.36 -4.82 -12.82
C GLU C 351 -9.90 -5.56 -11.58
C GLU C 351 -9.90 -5.56 -11.58
N LYS C 352 -10.63 -5.42 -10.48
CA LYS C 352 -10.31 -6.13 -9.25
C LYS C 352 -10.40 -7.64 -9.47
N ILE C 353 -11.45 -8.07 -10.15
CA ILE C 353 -11.64 -9.48 -10.45
C ILE C 353 -10.53 -10.01 -11.35
N LEU C 354 -10.25 -9.28 -12.43
CA LEU C 354 -9.25 -9.74 -13.38
C LEU C 354 -7.91 -9.88 -12.70
N ASP C 355 -7.59 -8.94 -11.79
CA ASP C 355 -6.34 -8.98 -11.08
C ASP C 355 -6.24 -10.18 -10.18
N LEU C 356 -7.37 -10.50 -9.51
CA LEU C 356 -7.38 -11.70 -8.67
C LEU C 356 -7.28 -13.00 -9.48
N ILE C 357 -7.92 -13.03 -10.64
CA ILE C 357 -7.79 -14.17 -11.56
C ILE C 357 -6.34 -14.36 -11.96
N GLU C 358 -5.67 -13.27 -12.38
CA GLU C 358 -4.27 -13.30 -12.65
C GLU C 358 -3.42 -13.83 -11.47
N SER C 359 -3.74 -13.41 -10.24
CA SER C 359 -3.01 -13.93 -9.07
C SER C 359 -3.18 -15.46 -8.93
N GLY C 360 -4.38 -15.99 -9.19
CA GLY C 360 -4.61 -17.44 -9.11
C GLY C 360 -3.74 -18.24 -10.09
N LYS C 361 -3.62 -17.73 -11.31
CA LYS C 361 -2.73 -18.31 -12.29
C LYS C 361 -1.28 -18.23 -11.82
N LYS C 362 -0.86 -17.06 -11.38
CA LYS C 362 0.53 -16.86 -10.92
C LYS C 362 0.91 -17.69 -9.72
N GLU C 363 -0.04 -17.89 -8.83
CA GLU C 363 0.25 -18.60 -7.59
C GLU C 363 0.10 -20.11 -7.71
N GLY C 364 -0.24 -20.59 -8.91
CA GLY C 364 -0.27 -22.01 -9.19
C GLY C 364 -1.60 -22.73 -9.07
N ALA C 365 -2.72 -22.02 -8.90
CA ALA C 365 -4.01 -22.68 -8.90
C ALA C 365 -4.21 -23.24 -10.30
N LYS C 366 -5.00 -24.30 -10.42
CA LYS C 366 -5.28 -24.86 -11.70
C LYS C 366 -6.49 -24.23 -12.38
N LEU C 367 -6.25 -23.50 -13.47
CA LEU C 367 -7.35 -22.84 -14.18
C LEU C 367 -8.13 -23.88 -15.01
N GLU C 368 -9.36 -24.16 -14.59
CA GLU C 368 -10.15 -25.18 -15.25
C GLU C 368 -10.96 -24.64 -16.41
N CYS C 369 -11.48 -23.43 -16.30
CA CYS C 369 -12.23 -22.79 -17.36
C CYS C 369 -12.30 -21.30 -17.12
N GLY C 370 -12.68 -20.56 -18.16
CA GLY C 370 -12.82 -19.11 -18.12
C GLY C 370 -11.48 -18.43 -17.94
N GLY C 371 -11.47 -17.40 -17.10
CA GLY C 371 -10.19 -16.78 -16.74
C GLY C 371 -9.87 -15.51 -17.47
N GLY C 372 -10.88 -14.94 -18.16
CA GLY C 372 -10.70 -13.77 -19.01
C GLY C 372 -11.99 -13.02 -19.30
N PRO C 373 -11.85 -11.87 -19.93
CA PRO C 373 -13.00 -11.03 -20.28
C PRO C 373 -13.77 -11.56 -21.48
N TRP C 374 -14.94 -11.00 -21.71
CA TRP C 374 -15.78 -11.36 -22.85
C TRP C 374 -16.45 -10.13 -23.41
N GLY C 375 -16.62 -10.08 -24.73
CA GLY C 375 -17.40 -9.05 -25.42
C GLY C 375 -16.59 -7.81 -25.74
N ASN C 376 -17.19 -6.85 -26.42
CA ASN C 376 -16.49 -5.59 -26.71
C ASN C 376 -17.21 -4.37 -26.13
N LYS C 377 -18.16 -4.59 -25.21
CA LYS C 377 -18.68 -3.50 -24.42
C LYS C 377 -19.32 -4.09 -23.17
N GLY C 378 -19.29 -3.33 -22.10
CA GLY C 378 -19.80 -3.79 -20.82
C GLY C 378 -18.76 -4.62 -20.07
N TYR C 379 -18.96 -4.81 -18.77
CA TYR C 379 -17.94 -5.38 -17.90
C TYR C 379 -18.10 -6.86 -17.70
N PHE C 380 -17.90 -7.62 -18.77
CA PHE C 380 -18.20 -9.06 -18.73
C PHE C 380 -16.95 -9.91 -18.50
N ILE C 381 -17.07 -10.89 -17.62
CA ILE C 381 -15.97 -11.80 -17.28
C ILE C 381 -16.45 -13.23 -17.38
N GLN C 382 -15.69 -14.08 -18.08
CA GLN C 382 -16.10 -15.48 -18.27
C GLN C 382 -16.17 -16.18 -16.93
N PRO C 383 -17.23 -16.99 -16.68
CA PRO C 383 -17.25 -17.72 -15.44
C PRO C 383 -16.01 -18.60 -15.30
N THR C 384 -15.36 -18.55 -14.13
CA THR C 384 -14.02 -19.08 -13.95
C THR C 384 -13.98 -20.06 -12.81
N VAL C 385 -13.34 -21.21 -13.03
CA VAL C 385 -13.20 -22.19 -11.96
C VAL C 385 -11.73 -22.49 -11.79
N PHE C 386 -11.25 -22.38 -10.56
CA PHE C 386 -9.92 -22.81 -10.19
C PHE C 386 -9.97 -24.01 -9.25
N SER C 387 -9.16 -25.03 -9.54
CA SER C 387 -8.99 -26.15 -8.60
C SER C 387 -7.58 -26.19 -8.04
N ASP C 388 -7.33 -27.14 -7.13
CA ASP C 388 -6.02 -27.27 -6.43
C ASP C 388 -5.68 -25.93 -5.76
N VAL C 389 -6.71 -25.26 -5.27
CA VAL C 389 -6.53 -24.01 -4.54
C VAL C 389 -6.02 -24.35 -3.13
N THR C 390 -5.03 -23.61 -2.67
CA THR C 390 -4.54 -23.77 -1.30
C THR C 390 -4.78 -22.50 -0.48
N ASP C 391 -4.69 -22.64 0.84
CA ASP C 391 -5.20 -21.62 1.78
C ASP C 391 -4.50 -20.27 1.77
N ASP C 392 -3.25 -20.27 1.33
CA ASP C 392 -2.42 -19.08 1.31
C ASP C 392 -2.60 -18.20 0.08
N MET C 393 -3.30 -18.71 -0.92
CA MET C 393 -3.45 -17.98 -2.18
C MET C 393 -4.35 -16.78 -1.98
N ARG C 394 -4.09 -15.71 -2.73
CA ARG C 394 -5.00 -14.57 -2.69
C ARG C 394 -6.45 -14.97 -2.95
N ILE C 395 -6.69 -15.84 -3.93
CA ILE C 395 -8.07 -16.19 -4.30
C ILE C 395 -8.71 -17.02 -3.20
N ALA C 396 -7.92 -17.59 -2.27
CA ALA C 396 -8.48 -18.27 -1.12
C ALA C 396 -8.73 -17.35 0.08
N LYS C 397 -8.15 -16.16 0.09
CA LYS C 397 -8.20 -15.26 1.23
C LYS C 397 -9.10 -14.04 1.01
N GLU C 398 -9.05 -13.44 -0.17
CA GLU C 398 -9.67 -12.17 -0.47
C GLU C 398 -11.02 -12.35 -1.14
N GLU C 399 -11.99 -11.54 -0.73
CA GLU C 399 -13.31 -11.54 -1.39
C GLU C 399 -13.17 -11.05 -2.82
N ILE C 400 -13.48 -11.89 -3.80
CA ILE C 400 -13.32 -11.55 -5.21
C ILE C 400 -14.52 -10.76 -5.77
N PHE C 401 -15.73 -11.19 -5.40
CA PHE C 401 -16.95 -10.50 -5.86
C PHE C 401 -17.09 -10.56 -7.39
N GLY C 402 -16.69 -11.69 -7.95
CA GLY C 402 -16.85 -11.99 -9.35
C GLY C 402 -17.12 -13.48 -9.53
N PRO C 403 -17.33 -13.89 -10.80
CA PRO C 403 -17.76 -15.23 -11.09
C PRO C 403 -16.57 -16.15 -11.11
N VAL C 404 -16.03 -16.44 -9.90
CA VAL C 404 -14.78 -17.14 -9.76
C VAL C 404 -14.92 -18.09 -8.58
N GLN C 405 -14.86 -19.39 -8.89
CA GLN C 405 -15.04 -20.46 -7.94
C GLN C 405 -13.69 -21.09 -7.59
N GLN C 406 -13.46 -21.28 -6.28
CA GLN C 406 -12.22 -21.91 -5.77
C GLN C 406 -12.57 -23.27 -5.19
N ILE C 407 -11.91 -24.32 -5.66
CA ILE C 407 -12.15 -25.68 -5.15
C ILE C 407 -10.87 -26.23 -4.51
N MET C 408 -11.02 -26.76 -3.29
CA MET C 408 -9.91 -27.12 -2.38
C MET C 408 -10.21 -28.49 -1.83
N LYS C 409 -9.20 -29.30 -1.57
CA LYS C 409 -9.45 -30.62 -1.03
C LYS C 409 -9.16 -30.66 0.48
N PHE C 410 -9.81 -31.58 1.18
CA PHE C 410 -9.48 -31.87 2.57
C PHE C 410 -9.62 -33.37 2.84
N LYS C 411 -9.00 -33.81 3.91
CA LYS C 411 -9.09 -35.20 4.34
C LYS C 411 -9.71 -35.34 5.74
N SER C 412 -9.36 -34.43 6.67
CA SER C 412 -9.71 -34.60 8.06
C SER C 412 -10.83 -33.62 8.47
N LEU C 413 -11.81 -34.13 9.22
CA LEU C 413 -12.88 -33.31 9.75
C LEU C 413 -12.34 -32.17 10.62
N ASP C 414 -11.43 -32.49 11.54
CA ASP C 414 -10.86 -31.45 12.39
C ASP C 414 -10.11 -30.38 11.59
N ASP C 415 -9.33 -30.82 10.60
CA ASP C 415 -8.60 -29.93 9.73
C ASP C 415 -9.52 -29.00 8.92
N VAL C 416 -10.58 -29.55 8.34
CA VAL C 416 -11.43 -28.71 7.51
C VAL C 416 -12.19 -27.65 8.33
N ILE C 417 -12.59 -27.95 9.56
CA ILE C 417 -13.20 -26.96 10.43
C ILE C 417 -12.19 -25.84 10.75
N LYS C 418 -10.98 -26.23 11.06
CA LYS C 418 -9.91 -25.26 11.35
C LYS C 418 -9.68 -24.36 10.14
N ARG C 419 -9.51 -24.95 8.98
CA ARG C 419 -9.27 -24.16 7.75
C ARG C 419 -10.44 -23.26 7.42
N ALA C 420 -11.66 -23.78 7.56
CA ALA C 420 -12.87 -23.00 7.30
C ALA C 420 -12.93 -21.74 8.20
N ASN C 421 -12.54 -21.91 9.47
CA ASN C 421 -12.58 -20.85 10.46
C ASN C 421 -11.38 -19.95 10.42
N ASN C 422 -10.36 -20.32 9.64
CA ASN C 422 -9.12 -19.55 9.62
C ASN C 422 -9.23 -18.37 8.63
N THR C 423 -10.02 -17.37 9.02
CA THR C 423 -10.28 -16.17 8.19
C THR C 423 -10.81 -15.13 9.18
N PHE C 424 -10.59 -13.86 8.83
CA PHE C 424 -11.20 -12.75 9.60
C PHE C 424 -12.68 -12.58 9.24
N TYR C 425 -13.14 -13.20 8.14
CA TYR C 425 -14.52 -13.17 7.78
C TYR C 425 -15.31 -14.22 8.56
N GLY C 426 -16.62 -13.99 8.63
CA GLY C 426 -17.50 -14.93 9.30
C GLY C 426 -18.96 -14.80 8.91
N LEU C 427 -19.27 -14.65 7.63
CA LEU C 427 -20.70 -14.34 7.31
C LEU C 427 -21.61 -15.54 7.25
N SER C 428 -21.17 -16.56 6.54
CA SER C 428 -21.99 -17.72 6.24
C SER C 428 -21.11 -18.91 5.92
N ALA C 429 -21.73 -20.06 5.90
CA ALA C 429 -21.05 -21.29 5.58
C ALA C 429 -22.09 -22.31 5.16
N GLY C 430 -21.65 -23.34 4.43
CA GLY C 430 -22.51 -24.46 4.05
C GLY C 430 -21.85 -25.78 4.37
N ILE C 431 -22.64 -26.75 4.74
CA ILE C 431 -22.19 -28.10 5.01
C ILE C 431 -23.09 -29.09 4.28
N PHE C 432 -22.49 -30.03 3.56
CA PHE C 432 -23.22 -31.04 2.80
C PHE C 432 -22.79 -32.43 3.33
N THR C 433 -23.77 -33.14 3.93
CA THR C 433 -23.51 -34.43 4.55
C THR C 433 -24.84 -35.11 4.73
N ASN C 434 -24.81 -36.43 4.80
CA ASN C 434 -26.00 -37.20 5.22
C ASN C 434 -25.91 -37.61 6.73
N ASP C 435 -24.91 -37.14 7.45
CA ASP C 435 -24.64 -37.60 8.84
C ASP C 435 -25.26 -36.59 9.83
N ILE C 436 -26.25 -37.03 10.62
CA ILE C 436 -26.91 -36.18 11.59
C ILE C 436 -25.90 -35.50 12.55
N ASP C 437 -24.95 -36.28 13.02
CA ASP C 437 -24.01 -35.77 14.00
C ASP C 437 -23.12 -34.71 13.43
N LYS C 438 -22.67 -34.91 12.19
CA LYS C 438 -21.87 -33.87 11.53
C LYS C 438 -22.72 -32.61 11.29
N ALA C 439 -23.94 -32.80 10.84
CA ALA C 439 -24.78 -31.63 10.60
C ALA C 439 -24.89 -30.73 11.84
N ILE C 440 -25.20 -31.31 13.01
CA ILE C 440 -25.34 -30.53 14.20
C ILE C 440 -23.99 -30.03 14.74
N THR C 441 -23.00 -30.91 14.87
CA THR C 441 -21.73 -30.53 15.56
C THR C 441 -20.87 -29.66 14.67
N VAL C 442 -20.85 -29.91 13.36
CA VAL C 442 -20.06 -29.05 12.50
C VAL C 442 -20.68 -27.66 12.42
N SER C 443 -21.99 -27.57 12.27
CA SER C 443 -22.64 -26.27 12.27
C SER C 443 -22.35 -25.50 13.59
N SER C 444 -22.34 -26.17 14.74
CA SER C 444 -22.02 -25.53 16.01
C SER C 444 -20.59 -24.99 16.02
N ALA C 445 -19.68 -25.71 15.36
CA ALA C 445 -18.24 -25.37 15.38
C ALA C 445 -17.78 -24.28 14.42
N LEU C 446 -18.56 -24.03 13.36
CA LEU C 446 -18.20 -23.04 12.39
C LEU C 446 -18.47 -21.62 12.88
N GLN C 447 -17.47 -20.75 12.74
CA GLN C 447 -17.58 -19.37 13.18
C GLN C 447 -18.20 -18.50 12.07
N SER C 448 -19.45 -18.77 11.78
CA SER C 448 -20.23 -18.10 10.70
C SER C 448 -21.62 -17.77 11.20
N GLY C 449 -22.15 -16.61 10.78
CA GLY C 449 -23.45 -16.15 11.17
C GLY C 449 -24.62 -17.00 10.74
N THR C 450 -24.61 -17.46 9.51
CA THR C 450 -25.63 -18.37 8.96
C THR C 450 -24.93 -19.64 8.44
N VAL C 451 -25.42 -20.82 8.87
CA VAL C 451 -24.89 -22.07 8.41
C VAL C 451 -25.98 -22.86 7.75
N TRP C 452 -25.82 -23.14 6.47
CA TRP C 452 -26.78 -23.95 5.72
C TRP C 452 -26.37 -25.39 5.73
N VAL C 453 -27.34 -26.31 5.88
CA VAL C 453 -27.07 -27.76 5.87
C VAL C 453 -27.82 -28.35 4.66
N ASN C 454 -27.07 -28.92 3.73
CA ASN C 454 -27.62 -29.51 2.49
C ASN C 454 -28.38 -28.53 1.60
N CYS C 455 -28.02 -27.28 1.73
CA CYS C 455 -28.53 -26.20 0.88
C CYS C 455 -27.56 -25.04 1.01
N TYR C 456 -27.85 -23.94 0.33
CA TYR C 456 -27.00 -22.74 0.38
C TYR C 456 -27.86 -21.57 -0.11
N SER C 457 -27.55 -20.35 0.33
CA SER C 457 -28.20 -19.10 -0.15
C SER C 457 -29.63 -18.94 0.26
N VAL C 458 -30.09 -19.67 1.26
CA VAL C 458 -31.47 -19.62 1.68
C VAL C 458 -31.63 -18.55 2.77
N VAL C 459 -32.21 -17.44 2.38
CA VAL C 459 -32.31 -16.21 3.19
C VAL C 459 -33.80 -15.83 3.19
N SER C 460 -34.36 -15.64 4.38
CA SER C 460 -35.78 -15.31 4.51
C SER C 460 -35.92 -14.16 5.48
N ALA C 461 -37.05 -13.48 5.43
CA ALA C 461 -37.23 -12.30 6.32
C ALA C 461 -37.38 -12.71 7.78
N GLN C 462 -37.80 -13.94 8.01
CA GLN C 462 -38.01 -14.42 9.35
C GLN C 462 -36.68 -14.75 10.06
N CYS C 463 -35.56 -14.81 9.33
CA CYS C 463 -34.28 -15.25 9.90
C CYS C 463 -33.40 -14.05 10.18
N PRO C 464 -32.73 -14.00 11.34
CA PRO C 464 -31.69 -13.01 11.51
C PRO C 464 -30.52 -13.33 10.63
N PHE C 465 -29.88 -12.29 10.14
CA PHE C 465 -28.81 -12.43 9.19
C PHE C 465 -27.68 -11.43 9.53
N GLY C 466 -26.46 -11.94 9.63
CA GLY C 466 -25.29 -11.08 9.76
C GLY C 466 -24.05 -11.93 10.12
N GLY C 467 -22.93 -11.24 10.35
CA GLY C 467 -21.62 -11.85 10.40
C GLY C 467 -21.08 -12.05 11.79
N PHE C 468 -20.31 -13.12 11.93
CA PHE C 468 -19.28 -13.21 12.99
C PHE C 468 -18.04 -12.39 12.59
N LYS C 469 -17.22 -12.04 13.56
CA LYS C 469 -15.88 -11.49 13.28
C LYS C 469 -15.97 -10.22 12.39
N MET C 470 -15.13 -10.13 11.36
CA MET C 470 -15.08 -8.94 10.54
C MET C 470 -16.10 -8.95 9.42
N SER C 471 -16.96 -9.93 9.38
CA SER C 471 -18.09 -9.93 8.48
C SER C 471 -19.21 -9.06 8.97
N GLY C 472 -19.22 -8.64 10.21
CA GLY C 472 -20.30 -7.73 10.65
C GLY C 472 -20.47 -7.52 12.11
N ASN C 473 -21.32 -6.55 12.46
CA ASN C 473 -21.73 -6.32 13.85
C ASN C 473 -23.27 -6.27 13.77
N GLY C 474 -23.94 -7.05 14.60
CA GLY C 474 -25.39 -7.07 14.69
C GLY C 474 -26.05 -8.00 13.68
N ARG C 475 -27.39 -8.08 13.78
CA ARG C 475 -28.17 -8.89 12.87
C ARG C 475 -29.26 -8.02 12.26
N GLU C 476 -29.66 -8.39 11.05
CA GLU C 476 -30.74 -7.75 10.31
C GLU C 476 -31.87 -8.74 10.11
N LEU C 477 -33.08 -8.26 10.31
CA LEU C 477 -34.27 -9.03 10.04
C LEU C 477 -34.50 -10.07 11.14
N GLY C 478 -35.59 -10.81 11.02
CA GLY C 478 -35.98 -11.76 12.06
C GLY C 478 -36.44 -10.98 13.27
N GLU C 479 -36.80 -11.67 14.34
CA GLU C 479 -37.06 -11.03 15.59
C GLU C 479 -35.84 -10.24 16.11
N TYR C 480 -34.65 -10.80 15.97
N TYR C 480 -34.66 -10.80 15.96
CA TYR C 480 -33.44 -10.24 16.62
CA TYR C 480 -33.43 -10.25 16.59
C TYR C 480 -33.04 -8.93 16.00
C TYR C 480 -33.02 -8.93 15.99
N GLY C 481 -33.24 -8.82 14.68
CA GLY C 481 -32.86 -7.65 13.93
C GLY C 481 -33.63 -6.48 14.38
N PHE C 482 -34.90 -6.71 14.72
CA PHE C 482 -35.81 -5.63 14.99
C PHE C 482 -35.46 -4.98 16.29
N HIS C 483 -35.16 -5.84 17.26
CA HIS C 483 -34.91 -5.42 18.63
C HIS C 483 -33.80 -4.39 18.56
N GLU C 484 -32.85 -4.67 17.68
CA GLU C 484 -31.73 -3.63 17.37
C GLU C 484 -32.12 -2.25 16.62
N TYR C 485 -33.18 -2.03 16.26
CA TYR C 485 -33.65 -0.66 15.91
C TYR C 485 -34.46 -0.04 17.06
N THR C 486 -34.19 -0.50 18.28
CA THR C 486 -34.78 0.02 19.49
C THR C 486 -33.72 0.38 20.51
N GLU C 487 -34.08 1.33 21.37
CA GLU C 487 -33.28 1.81 22.47
C GLU C 487 -34.10 1.57 23.74
N VAL C 488 -33.54 0.83 24.68
CA VAL C 488 -34.30 0.39 25.87
C VAL C 488 -34.21 1.43 27.00
N LYS C 489 -35.36 1.87 27.51
CA LYS C 489 -35.47 2.78 28.60
C LYS C 489 -36.14 2.05 29.76
N THR C 490 -35.54 2.18 30.91
CA THR C 490 -36.07 1.60 32.10
C THR C 490 -36.72 2.71 32.93
N VAL C 491 -37.97 2.45 33.38
CA VAL C 491 -38.68 3.43 34.21
C VAL C 491 -39.10 2.78 35.55
N THR C 492 -38.66 3.41 36.62
CA THR C 492 -38.76 2.79 37.94
C THR C 492 -39.48 3.79 38.86
N ILE C 493 -40.67 3.41 39.29
CA ILE C 493 -41.55 4.27 40.05
C ILE C 493 -41.68 3.78 41.52
N LYS C 494 -41.43 4.65 42.45
CA LYS C 494 -41.56 4.28 43.86
C LYS C 494 -43.05 4.09 44.19
N ILE C 495 -43.34 3.03 44.95
CA ILE C 495 -44.72 2.74 45.37
C ILE C 495 -44.72 2.39 46.85
N SER C 496 -45.86 2.55 47.50
CA SER C 496 -45.97 2.30 48.95
C SER C 496 -45.64 0.84 49.28
N GLN C 497 -46.18 -0.11 48.52
CA GLN C 497 -45.88 -1.54 48.74
CA GLN C 497 -45.89 -1.53 48.76
C GLN C 497 -46.13 -2.27 47.44
N LYS C 498 -45.14 -3.08 47.06
CA LYS C 498 -45.25 -3.96 45.91
C LYS C 498 -45.87 -5.31 46.32
N ASN C 499 -46.62 -5.90 45.40
CA ASN C 499 -47.05 -7.26 45.45
C ASN C 499 -46.75 -7.99 44.19
N SER C 500 -46.49 -9.27 44.28
CA SER C 500 -46.24 -10.13 43.14
C SER C 500 -47.46 -10.23 42.19
N ASP D 7 -26.39 -5.97 60.86
CA ASP D 7 -25.38 -5.23 61.68
C ASP D 7 -24.16 -5.05 60.79
N VAL D 8 -23.38 -4.00 61.04
CA VAL D 8 -22.12 -3.80 60.32
C VAL D 8 -20.99 -4.13 61.27
N PRO D 9 -20.22 -5.17 60.97
CA PRO D 9 -19.06 -5.40 61.81
C PRO D 9 -17.95 -4.31 61.74
N ALA D 10 -17.08 -4.25 62.73
CA ALA D 10 -15.92 -3.40 62.67
C ALA D 10 -15.05 -3.80 61.48
N PRO D 11 -14.51 -2.80 60.75
CA PRO D 11 -13.61 -3.13 59.68
C PRO D 11 -12.32 -3.77 60.14
N LEU D 12 -11.64 -4.49 59.28
CA LEU D 12 -10.25 -4.95 59.62
C LEU D 12 -9.28 -3.73 59.58
N THR D 13 -8.15 -3.78 60.23
CA THR D 13 -7.14 -2.71 60.05
C THR D 13 -5.80 -3.41 59.66
N ASN D 14 -4.80 -2.74 59.04
CA ASN D 14 -3.43 -3.40 59.01
C ASN D 14 -3.59 -4.63 58.07
N LEU D 15 -4.34 -4.44 56.97
CA LEU D 15 -4.62 -5.55 56.08
C LEU D 15 -3.32 -6.10 55.57
N GLN D 16 -3.14 -7.41 55.53
CA GLN D 16 -1.95 -7.99 54.87
C GLN D 16 -2.30 -8.39 53.42
N PHE D 17 -1.59 -7.82 52.44
CA PHE D 17 -1.93 -8.08 51.06
C PHE D 17 -1.25 -9.37 50.53
N LYS D 18 -1.96 -10.08 49.64
CA LYS D 18 -1.53 -11.38 49.15
C LYS D 18 -1.60 -11.51 47.63
N TYR D 19 -2.67 -11.00 47.02
CA TYR D 19 -2.88 -11.09 45.57
C TYR D 19 -2.52 -9.77 44.93
N THR D 20 -1.33 -9.75 44.36
CA THR D 20 -0.72 -8.55 43.80
C THR D 20 -0.20 -8.75 42.37
N LYS D 21 -0.49 -9.92 41.76
CA LYS D 21 0.09 -10.33 40.48
C LYS D 21 -0.94 -10.41 39.35
N ILE D 22 -0.46 -10.65 38.15
CA ILE D 22 -1.33 -10.79 36.99
C ILE D 22 -1.89 -12.19 37.00
N PHE D 23 -3.20 -12.35 36.70
CA PHE D 23 -3.90 -13.62 36.86
C PHE D 23 -4.27 -14.16 35.46
N ILE D 24 -3.64 -15.26 35.09
CA ILE D 24 -3.84 -15.87 33.78
C ILE D 24 -3.82 -17.36 33.92
N ASN D 25 -4.81 -18.04 33.38
CA ASN D 25 -4.90 -19.47 33.42
C ASN D 25 -4.83 -19.96 34.87
N ASN D 26 -5.49 -19.21 35.73
CA ASN D 26 -5.67 -19.54 37.13
C ASN D 26 -4.33 -19.63 37.84
N GLU D 27 -3.33 -18.90 37.37
CA GLU D 27 -2.05 -18.81 38.04
C GLU D 27 -1.66 -17.34 38.10
N TRP D 28 -0.72 -17.05 39.00
CA TRP D 28 -0.28 -15.69 39.31
C TRP D 28 1.10 -15.51 38.63
N HIS D 29 1.21 -14.47 37.82
CA HIS D 29 2.38 -14.14 36.99
C HIS D 29 2.98 -12.77 37.37
N SER D 30 4.28 -12.67 37.34
CA SER D 30 4.92 -11.39 37.34
C SER D 30 4.64 -10.70 36.01
N SER D 31 4.70 -9.36 35.98
CA SER D 31 4.67 -8.66 34.70
C SER D 31 5.85 -9.13 33.82
N VAL D 32 5.65 -9.10 32.50
CA VAL D 32 6.70 -9.50 31.56
C VAL D 32 7.91 -8.58 31.72
N SER D 33 7.62 -7.28 31.91
CA SER D 33 8.69 -6.30 32.08
C SER D 33 9.39 -6.34 33.44
N GLY D 34 8.77 -6.96 34.41
CA GLY D 34 9.15 -6.90 35.80
C GLY D 34 8.72 -5.64 36.55
N LYS D 35 8.16 -4.64 35.86
CA LYS D 35 7.72 -3.42 36.54
C LYS D 35 6.50 -3.70 37.47
N LYS D 36 6.44 -2.89 38.53
CA LYS D 36 5.30 -2.86 39.46
C LYS D 36 4.84 -1.43 39.61
N PHE D 37 3.63 -1.23 40.07
CA PHE D 37 3.14 0.12 40.31
C PHE D 37 2.49 0.20 41.69
N PRO D 38 2.57 1.38 42.33
CA PRO D 38 2.07 1.50 43.70
C PRO D 38 0.60 1.71 43.73
N VAL D 39 -0.05 1.20 44.78
CA VAL D 39 -1.47 1.39 45.02
C VAL D 39 -1.64 2.09 46.39
N PHE D 40 -2.44 3.17 46.41
CA PHE D 40 -2.54 4.05 47.56
C PHE D 40 -3.90 4.04 48.25
N ASN D 41 -3.91 4.47 49.50
CA ASN D 41 -5.12 4.81 50.21
C ASN D 41 -5.43 6.32 50.06
N PRO D 42 -6.54 6.71 49.37
CA PRO D 42 -6.77 8.15 49.13
C PRO D 42 -7.09 9.01 50.33
N ALA D 43 -7.44 8.37 51.45
CA ALA D 43 -7.74 9.10 52.66
C ALA D 43 -6.48 9.49 53.41
N THR D 44 -5.44 8.70 53.25
CA THR D 44 -4.19 8.92 54.01
C THR D 44 -2.99 9.27 53.13
N GLU D 45 -3.12 9.02 51.83
CA GLU D 45 -2.02 9.13 50.85
C GLU D 45 -0.91 8.10 51.01
N GLU D 46 -1.11 7.09 51.84
CA GLU D 46 -0.07 6.09 52.04
C GLU D 46 -0.21 4.91 51.11
N LYS D 47 0.92 4.29 50.82
CA LYS D 47 0.98 3.18 49.92
C LYS D 47 0.45 1.96 50.61
N LEU D 48 -0.51 1.28 49.99
CA LEU D 48 -1.03 0.01 50.52
C LEU D 48 -0.14 -1.14 50.14
N CYS D 49 0.24 -1.19 48.87
CA CYS D 49 1.12 -2.24 48.30
C CYS D 49 1.53 -1.88 46.89
N GLU D 50 2.34 -2.74 46.29
CA GLU D 50 2.66 -2.65 44.85
C GLU D 50 2.09 -3.82 44.11
N VAL D 51 1.76 -3.58 42.87
CA VAL D 51 1.04 -4.57 42.07
C VAL D 51 1.80 -4.68 40.72
N GLU D 52 1.84 -5.89 40.15
CA GLU D 52 2.53 -6.09 38.87
C GLU D 52 1.87 -5.20 37.77
N GLU D 53 2.70 -4.52 36.99
CA GLU D 53 2.23 -3.55 35.97
C GLU D 53 2.11 -4.29 34.64
N GLY D 54 0.87 -4.66 34.35
CA GLY D 54 0.57 -5.33 33.11
C GLY D 54 0.63 -4.33 31.97
N ASP D 55 1.08 -4.82 30.82
CA ASP D 55 1.12 -3.98 29.59
C ASP D 55 0.72 -4.89 28.42
N LYS D 56 0.97 -4.43 27.20
CA LYS D 56 0.62 -5.19 25.98
C LYS D 56 1.05 -6.66 25.99
N GLU D 57 2.31 -6.97 26.39
CA GLU D 57 2.73 -8.37 26.38
C GLU D 57 1.93 -9.25 27.37
N ASP D 58 1.53 -8.68 28.49
CA ASP D 58 0.72 -9.38 29.47
C ASP D 58 -0.71 -9.61 28.97
N VAL D 59 -1.28 -8.57 28.37
CA VAL D 59 -2.58 -8.70 27.72
C VAL D 59 -2.52 -9.78 26.67
N ASP D 60 -1.47 -9.81 25.85
CA ASP D 60 -1.39 -10.85 24.82
C ASP D 60 -1.41 -12.27 25.41
N LYS D 61 -0.71 -12.47 26.53
CA LYS D 61 -0.77 -13.78 27.22
C LYS D 61 -2.14 -14.10 27.75
N ALA D 62 -2.82 -13.08 28.26
CA ALA D 62 -4.14 -13.27 28.77
C ALA D 62 -5.15 -13.60 27.68
N VAL D 63 -5.08 -12.87 26.61
CA VAL D 63 -6.01 -13.14 25.45
C VAL D 63 -5.75 -14.54 24.85
N LYS D 64 -4.49 -14.97 24.75
CA LYS D 64 -4.22 -16.35 24.30
C LYS D 64 -4.88 -17.37 25.24
N ALA D 65 -4.79 -17.11 26.56
CA ALA D 65 -5.42 -18.02 27.56
C ALA D 65 -6.94 -18.06 27.42
N ALA D 66 -7.55 -16.91 27.28
CA ALA D 66 -9.01 -16.82 27.08
C ALA D 66 -9.46 -17.49 25.79
N ARG D 67 -8.65 -17.36 24.76
CA ARG D 67 -8.98 -17.96 23.47
C ARG D 67 -8.95 -19.46 23.59
N GLN D 68 -7.91 -19.98 24.19
CA GLN D 68 -7.75 -21.45 24.36
C GLN D 68 -8.91 -22.01 25.17
N ALA D 69 -9.29 -21.27 26.22
CA ALA D 69 -10.37 -21.74 27.06
C ALA D 69 -11.73 -21.74 26.32
N PHE D 70 -11.85 -20.95 25.25
CA PHE D 70 -13.09 -20.80 24.47
C PHE D 70 -13.14 -21.79 23.27
N GLN D 71 -12.12 -22.61 23.09
CA GLN D 71 -12.10 -23.52 21.92
C GLN D 71 -13.21 -24.54 22.03
N ILE D 72 -13.84 -24.85 20.88
CA ILE D 72 -14.76 -26.00 20.79
C ILE D 72 -14.12 -27.23 21.43
N GLY D 73 -14.90 -27.94 22.26
CA GLY D 73 -14.40 -29.12 22.93
C GLY D 73 -13.73 -28.85 24.27
N SER D 74 -13.49 -27.58 24.59
CA SER D 74 -12.87 -27.23 25.89
C SER D 74 -13.83 -27.48 27.08
N PRO D 75 -13.29 -27.61 28.30
CA PRO D 75 -14.23 -27.81 29.44
C PRO D 75 -15.31 -26.68 29.58
N TRP D 76 -14.97 -25.44 29.30
CA TRP D 76 -15.88 -24.33 29.44
C TRP D 76 -16.95 -24.30 28.32
N ARG D 77 -16.57 -24.70 27.11
CA ARG D 77 -17.54 -24.79 26.03
C ARG D 77 -18.46 -26.00 26.17
N THR D 78 -17.99 -27.12 26.71
CA THR D 78 -18.77 -28.35 26.72
C THR D 78 -19.61 -28.52 27.97
N MET D 79 -19.25 -27.78 29.01
CA MET D 79 -19.92 -27.83 30.32
C MET D 79 -21.42 -27.54 30.15
N ASP D 80 -22.26 -28.17 31.02
CA ASP D 80 -23.66 -27.85 31.01
C ASP D 80 -23.85 -26.37 31.39
N ALA D 81 -24.75 -25.69 30.69
CA ALA D 81 -25.12 -24.30 31.09
C ALA D 81 -25.50 -24.22 32.57
N SER D 82 -26.21 -25.26 33.04
CA SER D 82 -26.59 -25.26 34.45
C SER D 82 -25.43 -25.28 35.44
N GLU D 83 -24.31 -25.83 35.01
CA GLU D 83 -23.06 -25.91 35.75
C GLU D 83 -22.35 -24.57 35.76
N ARG D 84 -22.43 -23.83 34.64
CA ARG D 84 -21.95 -22.47 34.70
C ARG D 84 -22.69 -21.67 35.79
N GLY D 85 -24.00 -21.88 35.91
CA GLY D 85 -24.79 -21.24 36.93
C GLY D 85 -24.37 -21.66 38.31
N ARG D 86 -24.09 -22.95 38.47
CA ARG D 86 -23.68 -23.45 39.78
C ARG D 86 -22.37 -22.79 40.20
N LEU D 87 -21.47 -22.65 39.24
CA LEU D 87 -20.16 -22.05 39.53
C LEU D 87 -20.25 -20.60 39.93
N LEU D 88 -21.07 -19.83 39.22
CA LEU D 88 -21.37 -18.49 39.63
C LEU D 88 -21.97 -18.37 41.05
N ASN D 89 -22.91 -19.24 41.39
CA ASN D 89 -23.46 -19.22 42.76
C ASN D 89 -22.39 -19.57 43.79
N LYS D 90 -21.51 -20.50 43.46
CA LYS D 90 -20.42 -20.83 44.36
C LYS D 90 -19.50 -19.62 44.56
N LEU D 91 -19.25 -18.88 43.48
CA LEU D 91 -18.46 -17.68 43.61
C LEU D 91 -19.11 -16.66 44.53
N ALA D 92 -20.42 -16.47 44.40
CA ALA D 92 -21.14 -15.58 45.29
C ALA D 92 -21.04 -16.05 46.79
N ASP D 93 -21.05 -17.38 47.03
CA ASP D 93 -20.90 -17.92 48.35
C ASP D 93 -19.54 -17.54 48.95
N LEU D 94 -18.52 -17.54 48.10
CA LEU D 94 -17.18 -17.21 48.53
C LEU D 94 -17.02 -15.69 48.80
N ILE D 95 -17.68 -14.87 47.98
CA ILE D 95 -17.78 -13.48 48.32
C ILE D 95 -18.45 -13.23 49.69
N GLU D 96 -19.52 -13.99 49.93
N GLU D 96 -19.54 -13.92 49.99
CA GLU D 96 -20.22 -13.94 51.20
CA GLU D 96 -20.14 -13.78 51.29
C GLU D 96 -19.27 -14.24 52.37
C GLU D 96 -19.17 -14.19 52.41
N ARG D 97 -18.47 -15.29 52.22
CA ARG D 97 -17.52 -15.76 53.22
C ARG D 97 -16.47 -14.68 53.45
N ASP D 98 -15.99 -14.07 52.36
CA ASP D 98 -14.93 -13.07 52.41
C ASP D 98 -15.43 -11.63 52.41
N ARG D 99 -16.66 -11.44 52.87
CA ARG D 99 -17.31 -10.11 52.76
C ARG D 99 -16.61 -9.03 53.56
N LEU D 100 -16.18 -9.35 54.78
CA LEU D 100 -15.57 -8.33 55.63
C LEU D 100 -14.24 -7.93 55.07
N LEU D 101 -13.44 -8.89 54.65
CA LEU D 101 -12.15 -8.57 54.01
C LEU D 101 -12.32 -7.71 52.76
N LEU D 102 -13.19 -8.18 51.86
CA LEU D 102 -13.45 -7.44 50.62
C LEU D 102 -13.99 -6.01 50.86
N ALA D 103 -14.90 -5.84 51.81
CA ALA D 103 -15.42 -4.49 52.10
C ALA D 103 -14.37 -3.58 52.75
N THR D 104 -13.57 -4.14 53.64
CA THR D 104 -12.46 -3.40 54.21
C THR D 104 -11.48 -2.99 53.14
N MET D 105 -11.07 -3.94 52.32
CA MET D 105 -10.11 -3.64 51.20
C MET D 105 -10.69 -2.60 50.22
N GLU D 106 -11.97 -2.74 49.90
CA GLU D 106 -12.60 -1.76 49.01
C GLU D 106 -12.63 -0.34 49.58
N ALA D 107 -12.92 -0.22 50.87
CA ALA D 107 -12.95 1.06 51.59
C ALA D 107 -11.58 1.71 51.65
N MET D 108 -10.57 0.90 51.97
CA MET D 108 -9.21 1.40 52.03
C MET D 108 -8.69 1.85 50.70
N ASN D 109 -8.80 1.01 49.68
CA ASN D 109 -8.24 1.34 48.37
C ASN D 109 -9.07 2.43 47.66
N GLY D 110 -10.37 2.41 47.89
CA GLY D 110 -11.30 3.26 47.09
C GLY D 110 -11.76 4.54 47.71
N GLY D 111 -11.36 4.81 48.95
CA GLY D 111 -11.80 6.02 49.66
C GLY D 111 -13.31 5.94 49.90
N LYS D 112 -13.85 4.72 50.10
CA LYS D 112 -15.28 4.48 50.19
C LYS D 112 -15.75 4.23 51.62
N LEU D 113 -16.79 4.93 52.07
CA LEU D 113 -17.36 4.75 53.42
C LEU D 113 -17.57 3.27 53.70
N PHE D 114 -17.00 2.80 54.80
CA PHE D 114 -16.95 1.34 55.06
C PHE D 114 -18.33 0.70 55.22
N SER D 115 -19.23 1.40 55.87
CA SER D 115 -20.58 0.84 56.03
C SER D 115 -21.26 0.65 54.68
N ASN D 116 -21.09 1.64 53.80
CA ASN D 116 -21.61 1.50 52.45
C ASN D 116 -20.95 0.37 51.64
N ALA D 117 -19.65 0.22 51.77
CA ALA D 117 -18.92 -0.82 51.07
C ALA D 117 -19.43 -2.19 51.56
N TYR D 118 -19.65 -2.31 52.86
CA TYR D 118 -20.06 -3.58 53.43
C TYR D 118 -21.54 -3.91 53.06
N LEU D 119 -22.42 -2.92 53.17
CA LEU D 119 -23.89 -3.17 52.99
C LEU D 119 -24.31 -3.10 51.53
N MET D 120 -23.92 -2.02 50.88
CA MET D 120 -24.33 -1.75 49.52
C MET D 120 -23.44 -2.38 48.47
N ASP D 121 -22.15 -2.02 48.41
CA ASP D 121 -21.31 -2.57 47.35
C ASP D 121 -21.31 -4.12 47.46
N LEU D 122 -20.96 -4.67 48.63
CA LEU D 122 -20.79 -6.09 48.70
C LEU D 122 -22.13 -6.83 48.57
N GLY D 123 -23.18 -6.23 49.15
CA GLY D 123 -24.54 -6.76 48.93
C GLY D 123 -24.92 -6.83 47.47
N GLY D 124 -24.70 -5.74 46.71
CA GLY D 124 -24.89 -5.72 45.30
C GLY D 124 -24.03 -6.70 44.52
N CYS D 125 -22.79 -6.91 44.95
CA CYS D 125 -21.91 -7.89 44.31
C CYS D 125 -22.54 -9.28 44.37
N ILE D 126 -23.00 -9.65 45.55
CA ILE D 126 -23.59 -10.99 45.78
C ILE D 126 -24.88 -11.12 44.97
N LYS D 127 -25.75 -10.14 45.09
CA LYS D 127 -27.04 -10.14 44.33
C LYS D 127 -26.82 -10.26 42.83
N THR D 128 -25.81 -9.54 42.31
CA THR D 128 -25.57 -9.51 40.90
C THR D 128 -25.21 -10.93 40.45
N LEU D 129 -24.29 -11.55 41.17
CA LEU D 129 -23.86 -12.91 40.82
C LEU D 129 -25.01 -13.89 40.91
N ARG D 130 -25.86 -13.78 41.93
CA ARG D 130 -26.98 -14.72 42.06
C ARG D 130 -27.97 -14.58 40.87
N TYR D 131 -28.19 -13.33 40.45
CA TYR D 131 -29.08 -13.07 39.30
C TYR D 131 -28.46 -13.68 38.01
N CYS D 132 -27.19 -13.40 37.75
CA CYS D 132 -26.46 -13.95 36.64
C CYS D 132 -26.48 -15.47 36.59
N ALA D 133 -26.29 -16.12 37.74
CA ALA D 133 -26.22 -17.55 37.80
C ALA D 133 -27.53 -18.13 37.32
N GLY D 134 -28.65 -17.46 37.65
CA GLY D 134 -29.99 -17.96 37.22
C GLY D 134 -30.26 -17.92 35.75
N TRP D 135 -29.60 -17.03 35.00
CA TRP D 135 -29.80 -16.92 33.58
C TRP D 135 -29.09 -17.99 32.78
N ALA D 136 -28.05 -18.65 33.36
CA ALA D 136 -27.08 -19.41 32.53
C ALA D 136 -27.72 -20.46 31.61
N ASP D 137 -28.69 -21.21 32.16
CA ASP D 137 -29.36 -22.25 31.40
C ASP D 137 -30.74 -21.82 30.89
N LYS D 138 -31.00 -20.52 30.80
CA LYS D 138 -32.22 -19.96 30.32
C LYS D 138 -31.98 -19.05 29.10
N ILE D 139 -30.74 -18.98 28.67
CA ILE D 139 -30.38 -18.27 27.42
C ILE D 139 -30.69 -19.26 26.31
N GLN D 140 -31.68 -18.90 25.50
CA GLN D 140 -32.21 -19.79 24.48
C GLN D 140 -32.19 -19.12 23.11
N GLY D 141 -32.12 -19.93 22.04
CA GLY D 141 -32.39 -19.43 20.69
C GLY D 141 -33.83 -19.70 20.30
N ARG D 142 -34.05 -19.78 18.98
CA ARG D 142 -35.38 -19.89 18.42
C ARG D 142 -35.49 -20.99 17.38
N THR D 143 -36.70 -21.45 17.16
CA THR D 143 -37.06 -22.19 15.95
C THR D 143 -37.99 -21.30 15.15
N ILE D 144 -37.72 -21.24 13.84
CA ILE D 144 -38.29 -20.16 13.04
C ILE D 144 -39.05 -20.69 11.85
N PRO D 145 -40.34 -20.29 11.69
CA PRO D 145 -41.15 -20.84 10.57
C PRO D 145 -40.87 -20.06 9.26
N MET D 146 -39.65 -20.21 8.77
CA MET D 146 -39.18 -19.55 7.53
C MET D 146 -39.87 -20.09 6.29
N ASP D 147 -39.90 -19.30 5.20
CA ASP D 147 -40.45 -19.72 3.96
C ASP D 147 -39.65 -20.93 3.39
N GLY D 148 -40.37 -21.83 2.75
CA GLY D 148 -39.81 -22.95 1.98
C GLY D 148 -39.65 -24.19 2.86
N ASN D 149 -39.16 -25.25 2.21
CA ASN D 149 -38.99 -26.55 2.87
C ASN D 149 -37.65 -26.64 3.61
N PHE D 150 -37.60 -25.95 4.75
CA PHE D 150 -36.43 -25.88 5.61
C PHE D 150 -36.82 -25.95 7.07
N PHE D 151 -35.93 -26.53 7.85
CA PHE D 151 -35.98 -26.42 9.32
C PHE D 151 -34.89 -25.43 9.74
N THR D 152 -35.30 -24.33 10.37
CA THR D 152 -34.38 -23.25 10.75
C THR D 152 -34.44 -23.04 12.25
N TYR D 153 -33.30 -22.90 12.86
CA TYR D 153 -33.16 -22.59 14.25
C TYR D 153 -32.03 -21.66 14.46
N THR D 154 -31.97 -21.05 15.63
CA THR D 154 -30.84 -20.21 16.01
C THR D 154 -30.19 -20.72 17.31
N ARG D 155 -28.90 -20.43 17.40
CA ARG D 155 -28.12 -20.67 18.59
C ARG D 155 -27.73 -19.32 19.16
N SER D 156 -27.95 -19.16 20.45
CA SER D 156 -27.48 -18.00 21.16
C SER D 156 -26.11 -18.37 21.72
N GLU D 157 -25.08 -18.19 20.91
CA GLU D 157 -23.74 -18.61 21.28
C GLU D 157 -23.09 -17.53 22.11
N PRO D 158 -22.07 -17.89 22.89
CA PRO D 158 -21.32 -16.79 23.51
C PRO D 158 -20.60 -16.03 22.41
N VAL D 159 -20.25 -14.78 22.66
CA VAL D 159 -19.49 -13.99 21.69
C VAL D 159 -18.04 -14.45 21.54
N GLY D 160 -17.42 -14.87 22.66
CA GLY D 160 -16.07 -15.33 22.64
C GLY D 160 -15.22 -14.68 23.71
N VAL D 161 -14.07 -14.16 23.29
CA VAL D 161 -13.14 -13.53 24.20
C VAL D 161 -13.55 -12.06 24.38
N CYS D 162 -13.84 -11.73 25.61
CA CYS D 162 -14.36 -10.40 25.92
C CYS D 162 -13.39 -9.63 26.78
N GLY D 163 -12.90 -8.50 26.27
CA GLY D 163 -12.05 -7.59 27.04
C GLY D 163 -12.94 -6.65 27.85
N GLN D 164 -12.63 -6.46 29.11
CA GLN D 164 -13.52 -5.75 30.03
C GLN D 164 -12.69 -4.78 30.85
N ILE D 165 -12.96 -3.50 30.66
CA ILE D 165 -12.18 -2.42 31.23
C ILE D 165 -13.06 -1.63 32.14
N ILE D 166 -12.60 -1.45 33.39
CA ILE D 166 -13.49 -0.97 34.45
C ILE D 166 -12.86 0.18 35.25
N PRO D 167 -13.72 1.01 35.87
CA PRO D 167 -13.24 2.17 36.63
C PRO D 167 -13.02 1.94 38.14
N TRP D 168 -12.71 3.04 38.84
CA TRP D 168 -12.24 3.04 40.23
C TRP D 168 -13.34 3.38 41.28
N ASN D 169 -14.56 3.71 40.85
CA ASN D 169 -15.56 4.20 41.75
C ASN D 169 -16.35 3.14 42.47
N PHE D 170 -16.65 2.04 41.76
CA PHE D 170 -17.24 0.84 42.32
C PHE D 170 -16.46 -0.35 41.83
N PRO D 171 -15.20 -0.50 42.29
CA PRO D 171 -14.27 -1.46 41.65
C PRO D 171 -14.70 -2.89 41.63
N LEU D 172 -15.14 -3.42 42.79
CA LEU D 172 -15.61 -4.77 42.86
C LEU D 172 -16.98 -4.95 42.14
N LEU D 173 -17.89 -4.06 42.40
CA LEU D 173 -19.23 -4.18 41.84
C LEU D 173 -19.11 -4.17 40.30
N MET D 174 -18.27 -3.30 39.75
N MET D 174 -18.31 -3.26 39.77
CA MET D 174 -18.11 -3.21 38.30
CA MET D 174 -18.11 -3.19 38.31
C MET D 174 -17.41 -4.45 37.75
C MET D 174 -17.40 -4.41 37.75
N PHE D 175 -16.46 -4.98 38.52
CA PHE D 175 -15.84 -6.24 38.15
C PHE D 175 -16.92 -7.33 37.95
N LEU D 176 -17.80 -7.46 38.91
CA LEU D 176 -18.86 -8.50 38.85
C LEU D 176 -20.00 -8.18 37.85
N TRP D 177 -20.38 -6.90 37.71
CA TRP D 177 -21.25 -6.50 36.58
C TRP D 177 -20.72 -6.98 35.21
N LYS D 178 -19.39 -6.97 35.01
CA LYS D 178 -18.75 -7.46 33.81
C LYS D 178 -18.68 -8.97 33.74
N ILE D 179 -18.03 -9.64 34.73
CA ILE D 179 -17.75 -11.06 34.53
C ILE D 179 -19.04 -11.90 34.70
N GLY D 180 -19.97 -11.44 35.50
CA GLY D 180 -21.19 -12.21 35.78
C GLY D 180 -22.00 -12.55 34.54
N PRO D 181 -22.42 -11.52 33.80
CA PRO D 181 -23.18 -11.82 32.59
C PRO D 181 -22.33 -12.52 31.53
N ALA D 182 -21.08 -12.13 31.39
CA ALA D 182 -20.23 -12.71 30.37
C ALA D 182 -20.08 -14.23 30.58
N LEU D 183 -19.79 -14.62 31.83
CA LEU D 183 -19.60 -16.05 32.19
C LEU D 183 -20.92 -16.79 32.16
N SER D 184 -22.04 -16.15 32.58
CA SER D 184 -23.35 -16.78 32.54
C SER D 184 -23.68 -17.28 31.10
N CYS D 185 -23.33 -16.44 30.11
CA CYS D 185 -23.49 -16.70 28.67
C CYS D 185 -22.40 -17.60 28.05
N GLY D 186 -21.34 -17.93 28.79
CA GLY D 186 -20.35 -18.84 28.29
C GLY D 186 -19.13 -18.24 27.62
N ASN D 187 -18.93 -16.93 27.78
CA ASN D 187 -17.78 -16.25 27.28
C ASN D 187 -16.52 -16.51 28.16
N THR D 188 -15.38 -16.12 27.63
CA THR D 188 -14.16 -16.02 28.43
C THR D 188 -13.73 -14.57 28.42
N VAL D 189 -13.01 -14.16 29.46
CA VAL D 189 -12.78 -12.71 29.67
C VAL D 189 -11.35 -12.36 30.04
N VAL D 190 -11.00 -11.14 29.66
CA VAL D 190 -9.77 -10.51 30.10
C VAL D 190 -10.15 -9.15 30.71
N VAL D 191 -9.96 -9.05 32.02
CA VAL D 191 -10.39 -7.91 32.81
C VAL D 191 -9.22 -6.99 33.12
N LYS D 192 -9.45 -5.69 32.95
CA LYS D 192 -8.46 -4.68 33.23
C LYS D 192 -9.04 -3.70 34.28
N PRO D 193 -8.74 -3.96 35.57
CA PRO D 193 -9.17 -3.06 36.64
C PRO D 193 -8.52 -1.72 36.54
N ALA D 194 -9.12 -0.69 37.13
CA ALA D 194 -8.50 0.67 37.12
C ALA D 194 -7.16 0.61 37.83
N GLU D 195 -6.18 1.37 37.38
CA GLU D 195 -4.90 1.40 38.06
C GLU D 195 -5.01 1.89 39.49
N GLN D 196 -5.98 2.77 39.80
CA GLN D 196 -6.19 3.20 41.18
C GLN D 196 -6.64 2.11 42.12
N THR D 197 -7.38 1.15 41.62
CA THR D 197 -8.14 0.16 42.44
C THR D 197 -8.09 -1.26 41.90
N PRO D 198 -6.91 -1.89 41.89
CA PRO D 198 -6.85 -3.28 41.42
C PRO D 198 -7.14 -4.35 42.48
N LEU D 199 -7.10 -4.00 43.76
CA LEU D 199 -6.87 -5.01 44.79
C LEU D 199 -8.02 -5.97 45.04
N THR D 200 -9.26 -5.50 45.10
CA THR D 200 -10.41 -6.41 45.24
C THR D 200 -10.59 -7.31 44.05
N ALA D 201 -10.29 -6.81 42.87
CA ALA D 201 -10.33 -7.66 41.62
C ALA D 201 -9.30 -8.81 41.71
N LEU D 202 -8.07 -8.51 42.20
CA LEU D 202 -7.05 -9.55 42.34
C LEU D 202 -7.45 -10.58 43.41
N HIS D 203 -8.03 -10.13 44.52
CA HIS D 203 -8.55 -11.10 45.48
C HIS D 203 -9.61 -12.00 44.78
N MET D 204 -10.46 -11.40 43.92
CA MET D 204 -11.40 -12.23 43.18
C MET D 204 -10.78 -13.31 42.33
N GLY D 205 -9.58 -13.07 41.74
CA GLY D 205 -8.91 -14.17 41.03
C GLY D 205 -8.79 -15.41 41.93
N SER D 206 -8.34 -15.23 43.16
CA SER D 206 -8.21 -16.39 44.07
C SER D 206 -9.55 -17.13 44.27
N LEU D 207 -10.67 -16.38 44.29
CA LEU D 207 -12.00 -17.00 44.52
C LEU D 207 -12.51 -17.67 43.27
N ILE D 208 -12.18 -17.11 42.12
CA ILE D 208 -12.53 -17.72 40.84
C ILE D 208 -11.84 -19.11 40.73
N LYS D 209 -10.55 -19.16 41.07
CA LYS D 209 -9.85 -20.44 41.09
C LYS D 209 -10.45 -21.38 42.13
N GLU D 210 -10.70 -20.87 43.32
CA GLU D 210 -11.27 -21.72 44.38
C GLU D 210 -12.65 -22.28 43.97
N ALA D 211 -13.47 -21.46 43.31
CA ALA D 211 -14.87 -21.88 42.94
C ALA D 211 -14.84 -23.00 41.94
N GLY D 212 -13.76 -23.09 41.16
CA GLY D 212 -13.59 -24.20 40.19
C GLY D 212 -13.78 -23.81 38.74
N PHE D 213 -13.68 -22.52 38.40
CA PHE D 213 -13.77 -22.13 37.00
C PHE D 213 -12.53 -22.69 36.26
N PRO D 214 -12.71 -23.30 35.07
CA PRO D 214 -11.56 -23.75 34.29
C PRO D 214 -10.55 -22.62 34.01
N PRO D 215 -9.24 -22.97 33.98
CA PRO D 215 -8.25 -21.95 33.68
C PRO D 215 -8.50 -21.26 32.38
N GLY D 216 -8.30 -19.97 32.37
CA GLY D 216 -8.41 -19.11 31.18
C GLY D 216 -9.78 -18.52 31.00
N VAL D 217 -10.76 -18.93 31.78
CA VAL D 217 -12.07 -18.35 31.67
C VAL D 217 -12.10 -16.89 32.18
N VAL D 218 -11.44 -16.61 33.31
CA VAL D 218 -11.26 -15.21 33.77
C VAL D 218 -9.76 -14.96 33.91
N ASN D 219 -9.32 -13.96 33.22
CA ASN D 219 -7.95 -13.48 33.32
C ASN D 219 -8.00 -12.00 33.72
N ILE D 220 -7.01 -11.56 34.54
CA ILE D 220 -7.06 -10.26 35.13
C ILE D 220 -5.69 -9.62 35.02
N VAL D 221 -5.65 -8.47 34.31
CA VAL D 221 -4.41 -7.77 34.04
C VAL D 221 -4.48 -6.35 34.62
N PRO D 222 -3.95 -6.15 35.83
CA PRO D 222 -3.80 -4.81 36.39
C PRO D 222 -2.76 -4.03 35.60
N GLY D 223 -2.93 -2.70 35.64
CA GLY D 223 -2.06 -1.80 34.99
C GLY D 223 -2.83 -0.59 34.47
N TYR D 224 -2.16 0.19 33.66
CA TYR D 224 -2.64 1.49 33.23
C TYR D 224 -3.56 1.41 31.98
N GLY D 225 -4.16 2.54 31.62
CA GLY D 225 -5.11 2.60 30.54
C GLY D 225 -4.49 2.58 29.17
N PRO D 226 -3.64 3.58 28.82
CA PRO D 226 -3.11 3.66 27.46
C PRO D 226 -2.10 2.56 27.16
N THR D 227 -1.74 1.77 28.18
CA THR D 227 -0.90 0.56 28.01
C THR D 227 -1.80 -0.71 27.97
N ALA D 228 -2.19 -1.26 29.11
CA ALA D 228 -2.99 -2.47 29.17
C ALA D 228 -4.38 -2.29 28.56
N GLY D 229 -5.05 -1.19 28.88
CA GLY D 229 -6.41 -0.97 28.30
C GLY D 229 -6.40 -0.86 26.79
N ALA D 230 -5.48 -0.03 26.25
CA ALA D 230 -5.41 0.15 24.86
C ALA D 230 -4.97 -1.14 24.13
N ALA D 231 -4.19 -2.01 24.77
CA ALA D 231 -3.83 -3.30 24.15
C ALA D 231 -5.05 -4.14 23.94
N ILE D 232 -6.01 -4.06 24.89
CA ILE D 232 -7.26 -4.81 24.80
C ILE D 232 -8.15 -4.26 23.66
N SER D 233 -8.34 -2.95 23.64
CA SER D 233 -9.22 -2.34 22.65
C SER D 233 -8.74 -2.52 21.23
N SER D 234 -7.42 -2.58 21.03
N SER D 234 -7.43 -2.56 21.06
CA SER D 234 -6.81 -2.75 19.71
CA SER D 234 -6.79 -2.75 19.76
C SER D 234 -6.46 -4.21 19.36
C SER D 234 -6.50 -4.20 19.35
N HIS D 235 -6.77 -5.16 20.23
CA HIS D 235 -6.27 -6.51 20.03
C HIS D 235 -6.98 -7.18 18.88
N MET D 236 -6.25 -7.86 18.02
CA MET D 236 -6.86 -8.51 16.87
C MET D 236 -7.54 -9.82 17.17
N ASP D 237 -7.42 -10.34 18.41
CA ASP D 237 -8.11 -11.56 18.78
C ASP D 237 -9.04 -11.45 20.01
N VAL D 238 -9.48 -10.23 20.32
CA VAL D 238 -10.55 -9.98 21.26
C VAL D 238 -11.81 -9.74 20.46
N ASP D 239 -12.85 -10.52 20.76
CA ASP D 239 -14.10 -10.43 20.02
C ASP D 239 -14.99 -9.25 20.39
N LYS D 240 -14.90 -8.84 21.62
CA LYS D 240 -15.79 -7.83 22.16
C LYS D 240 -15.04 -7.06 23.24
N VAL D 241 -15.23 -5.75 23.27
CA VAL D 241 -14.77 -4.92 24.38
C VAL D 241 -15.97 -4.31 25.09
N ALA D 242 -15.96 -4.38 26.42
CA ALA D 242 -16.97 -3.72 27.27
C ALA D 242 -16.19 -2.79 28.20
N PHE D 243 -16.67 -1.57 28.29
CA PHE D 243 -15.94 -0.50 28.97
C PHE D 243 -16.88 0.37 29.79
N THR D 244 -16.48 0.65 31.03
CA THR D 244 -17.13 1.65 31.82
C THR D 244 -16.11 2.68 32.25
N GLY D 245 -16.42 3.96 32.05
CA GLY D 245 -15.48 5.03 32.32
C GLY D 245 -15.87 6.33 31.69
N SER D 246 -14.86 7.11 31.35
CA SER D 246 -15.05 8.44 30.82
C SER D 246 -15.52 8.40 29.39
N THR D 247 -16.33 9.38 29.02
CA THR D 247 -16.79 9.53 27.64
C THR D 247 -15.59 9.69 26.71
N GLU D 248 -14.59 10.42 27.18
CA GLU D 248 -13.36 10.61 26.39
C GLU D 248 -12.63 9.33 26.01
N VAL D 249 -12.47 8.45 26.96
CA VAL D 249 -11.87 7.15 26.70
C VAL D 249 -12.77 6.22 25.92
N GLY D 250 -14.08 6.30 26.14
CA GLY D 250 -15.05 5.48 25.36
C GLY D 250 -14.94 5.78 23.87
N LYS D 251 -14.68 7.05 23.52
CA LYS D 251 -14.40 7.45 22.12
C LYS D 251 -13.15 6.75 21.58
N LEU D 252 -12.11 6.70 22.38
CA LEU D 252 -10.88 6.00 21.98
C LEU D 252 -11.13 4.51 21.74
N ILE D 253 -11.91 3.94 22.63
CA ILE D 253 -12.16 2.50 22.64
C ILE D 253 -12.90 2.16 21.32
N LYS D 254 -13.88 2.96 20.98
CA LYS D 254 -14.71 2.67 19.80
C LYS D 254 -13.90 2.83 18.56
N GLU D 255 -13.10 3.90 18.53
N GLU D 255 -13.05 3.86 18.52
CA GLU D 255 -12.16 4.14 17.41
CA GLU D 255 -12.14 4.10 17.38
C GLU D 255 -11.16 2.97 17.25
C GLU D 255 -11.12 2.95 17.23
N ALA D 256 -10.58 2.51 18.35
CA ALA D 256 -9.64 1.36 18.34
C ALA D 256 -10.27 0.05 17.83
N ALA D 257 -11.53 -0.15 18.22
CA ALA D 257 -12.29 -1.29 17.73
C ALA D 257 -12.49 -1.25 16.22
N GLY D 258 -12.80 -0.08 15.70
CA GLY D 258 -12.94 0.12 14.25
C GLY D 258 -11.66 -0.09 13.47
N LYS D 259 -10.55 0.43 14.00
CA LYS D 259 -9.31 0.39 13.31
C LYS D 259 -8.68 -0.97 13.31
N SER D 260 -9.08 -1.83 14.24
CA SER D 260 -8.42 -3.11 14.37
C SER D 260 -9.15 -4.29 13.78
N ASN D 261 -10.05 -4.89 14.55
CA ASN D 261 -10.77 -6.07 14.09
C ASN D 261 -12.29 -5.98 14.10
N LEU D 262 -12.83 -4.78 14.20
CA LEU D 262 -14.29 -4.59 14.23
C LEU D 262 -14.97 -5.25 15.42
N LYS D 263 -14.24 -5.39 16.53
CA LYS D 263 -14.80 -6.08 17.71
C LYS D 263 -16.07 -5.39 18.16
N ARG D 264 -16.97 -6.17 18.75
CA ARG D 264 -18.18 -5.63 19.25
C ARG D 264 -17.86 -4.67 20.41
N VAL D 265 -18.69 -3.63 20.58
CA VAL D 265 -18.33 -2.63 21.62
C VAL D 265 -19.55 -2.35 22.47
N SER D 266 -19.42 -2.41 23.78
CA SER D 266 -20.41 -1.81 24.69
C SER D 266 -19.76 -0.85 25.63
N LEU D 267 -20.44 0.27 25.86
CA LEU D 267 -19.89 1.38 26.65
C LEU D 267 -20.87 1.89 27.65
N GLU D 268 -20.43 2.14 28.87
CA GLU D 268 -21.18 2.99 29.82
C GLU D 268 -20.31 4.11 30.31
N LEU D 269 -20.82 5.31 30.11
CA LEU D 269 -19.91 6.42 30.04
C LEU D 269 -20.25 7.61 30.93
N GLY D 270 -21.02 7.46 31.99
CA GLY D 270 -21.10 8.78 32.76
C GLY D 270 -22.25 9.65 32.22
N GLY D 271 -22.44 10.80 32.84
CA GLY D 271 -23.68 11.51 32.63
C GLY D 271 -23.69 12.92 33.16
N LYS D 272 -24.78 13.60 32.88
CA LYS D 272 -25.09 14.90 33.46
C LYS D 272 -26.61 14.90 33.73
N SER D 273 -26.98 13.98 34.62
CA SER D 273 -28.37 13.52 34.75
C SER D 273 -29.27 14.58 35.38
N PRO D 274 -30.40 14.92 34.72
CA PRO D 274 -31.34 15.88 35.24
C PRO D 274 -32.33 15.26 36.23
N CYS D 275 -32.63 16.00 37.28
CA CYS D 275 -33.60 15.61 38.27
C CYS D 275 -34.61 16.74 38.32
N ILE D 276 -35.85 16.46 37.93
CA ILE D 276 -36.87 17.48 37.74
C ILE D 276 -37.90 17.38 38.85
N VAL D 277 -38.03 18.46 39.60
CA VAL D 277 -38.98 18.53 40.73
C VAL D 277 -40.08 19.50 40.38
N PHE D 278 -41.27 18.96 40.13
CA PHE D 278 -42.45 19.78 39.92
C PHE D 278 -43.04 20.31 41.24
N ALA D 279 -43.74 21.43 41.15
CA ALA D 279 -44.37 22.06 42.32
C ALA D 279 -45.36 21.16 43.06
N ASP D 280 -45.94 20.18 42.35
CA ASP D 280 -46.89 19.24 42.96
C ASP D 280 -46.22 18.01 43.62
N ALA D 281 -44.89 18.00 43.70
CA ALA D 281 -44.16 16.86 44.30
C ALA D 281 -44.19 16.83 45.84
N ASP D 282 -43.98 15.65 46.41
CA ASP D 282 -43.75 15.52 47.83
C ASP D 282 -42.36 16.03 48.08
N LEU D 283 -42.24 17.19 48.73
CA LEU D 283 -40.94 17.84 48.85
C LEU D 283 -39.96 17.13 49.76
N ASP D 284 -40.40 16.66 50.93
CA ASP D 284 -39.51 15.92 51.83
C ASP D 284 -38.80 14.80 51.05
N ASN D 285 -39.59 14.03 50.31
CA ASN D 285 -39.08 12.88 49.56
C ASN D 285 -38.11 13.32 48.51
N ALA D 286 -38.48 14.36 47.77
CA ALA D 286 -37.67 14.84 46.67
C ALA D 286 -36.33 15.41 47.16
N VAL D 287 -36.36 16.16 48.26
CA VAL D 287 -35.11 16.76 48.75
C VAL D 287 -34.10 15.66 49.07
N GLU D 288 -34.53 14.62 49.81
CA GLU D 288 -33.59 13.61 50.20
C GLU D 288 -33.08 12.78 49.01
N PHE D 289 -33.99 12.36 48.12
CA PHE D 289 -33.54 11.56 46.98
C PHE D 289 -32.59 12.37 46.10
N ALA D 290 -32.91 13.62 45.84
CA ALA D 290 -32.05 14.43 44.96
C ALA D 290 -30.70 14.64 45.63
N HIS D 291 -30.72 14.85 46.94
CA HIS D 291 -29.48 15.06 47.69
C HIS D 291 -28.59 13.83 47.63
N GLN D 292 -29.10 12.68 48.03
CA GLN D 292 -28.34 11.41 47.90
C GLN D 292 -27.92 11.16 46.45
N GLY D 293 -28.80 11.52 45.52
CA GLY D 293 -28.60 11.29 44.10
C GLY D 293 -27.44 12.01 43.50
N VAL D 294 -26.99 13.09 44.13
CA VAL D 294 -25.79 13.77 43.67
C VAL D 294 -24.57 13.57 44.59
N PHE D 295 -24.78 13.45 45.89
CA PHE D 295 -23.65 13.37 46.85
C PHE D 295 -23.11 11.95 47.15
N TYR D 296 -23.87 10.92 46.76
CA TYR D 296 -23.45 9.54 47.07
C TYR D 296 -21.99 9.31 46.62
N HIS D 297 -21.27 8.59 47.44
CA HIS D 297 -19.86 8.26 47.23
C HIS D 297 -19.02 9.46 46.76
N GLN D 298 -19.14 10.55 47.50
CA GLN D 298 -18.41 11.77 47.22
C GLN D 298 -18.63 12.24 45.79
N GLY D 299 -19.87 12.03 45.29
CA GLY D 299 -20.21 12.51 43.97
C GLY D 299 -19.68 11.66 42.83
N GLN D 300 -19.06 10.52 43.13
CA GLN D 300 -18.33 9.72 42.12
C GLN D 300 -19.22 8.59 41.56
N CYS D 301 -20.40 9.00 41.07
CA CYS D 301 -21.37 8.07 40.47
C CYS D 301 -21.77 8.57 39.14
N CYS D 302 -21.83 7.66 38.20
CA CYS D 302 -22.18 7.98 36.83
C CYS D 302 -23.55 8.61 36.74
N ILE D 303 -24.47 8.14 37.59
CA ILE D 303 -25.86 8.62 37.60
C ILE D 303 -26.09 9.90 38.44
N ALA D 304 -25.01 10.56 38.93
CA ALA D 304 -25.19 11.73 39.80
C ALA D 304 -26.23 12.71 39.24
N ALA D 305 -27.16 13.13 40.11
CA ALA D 305 -28.22 14.10 39.79
C ALA D 305 -27.67 15.50 39.79
N SER D 306 -26.90 15.80 38.76
CA SER D 306 -26.03 16.94 38.77
C SER D 306 -26.63 18.14 38.06
N ARG D 307 -27.86 18.03 37.59
CA ARG D 307 -28.66 19.17 37.24
C ARG D 307 -30.01 19.00 37.91
N LEU D 308 -30.22 19.73 38.99
CA LEU D 308 -31.48 19.67 39.71
C LEU D 308 -32.34 20.86 39.26
N PHE D 309 -33.40 20.57 38.50
CA PHE D 309 -34.35 21.54 38.00
C PHE D 309 -35.57 21.57 38.91
N VAL D 310 -35.83 22.74 39.48
CA VAL D 310 -36.91 22.89 40.46
C VAL D 310 -37.88 23.98 39.99
N GLU D 311 -39.16 23.67 40.01
CA GLU D 311 -40.20 24.59 39.52
C GLU D 311 -40.19 25.90 40.34
N GLU D 312 -40.36 27.02 39.65
CA GLU D 312 -40.15 28.36 40.22
C GLU D 312 -40.80 28.54 41.59
N SER D 313 -42.08 28.20 41.68
CA SER D 313 -42.85 28.47 42.90
C SER D 313 -42.31 27.77 44.16
N ILE D 314 -41.55 26.69 43.99
CA ILE D 314 -40.93 25.99 45.13
C ILE D 314 -39.41 26.04 45.18
N TYR D 315 -38.82 26.80 44.25
CA TYR D 315 -37.36 26.81 44.07
C TYR D 315 -36.59 27.31 45.29
N ASP D 316 -36.96 28.46 45.83
CA ASP D 316 -36.25 29.02 46.99
C ASP D 316 -36.26 28.06 48.19
N GLU D 317 -37.43 27.52 48.49
CA GLU D 317 -37.58 26.53 49.56
C GLU D 317 -36.75 25.28 49.29
N PHE D 318 -36.76 24.78 48.05
CA PHE D 318 -35.95 23.61 47.74
C PHE D 318 -34.44 23.89 47.91
N VAL D 319 -34.00 25.07 47.48
CA VAL D 319 -32.61 25.46 47.66
C VAL D 319 -32.26 25.49 49.14
N ARG D 320 -33.10 26.18 49.91
CA ARG D 320 -32.87 26.30 51.34
C ARG D 320 -32.71 24.90 51.98
N ARG D 321 -33.64 23.99 51.67
CA ARG D 321 -33.65 22.66 52.26
C ARG D 321 -32.45 21.83 51.81
N SER D 322 -32.02 22.05 50.56
CA SER D 322 -30.89 21.30 50.00
C SER D 322 -29.57 21.77 50.63
N VAL D 323 -29.49 23.06 50.89
CA VAL D 323 -28.29 23.62 51.51
C VAL D 323 -28.18 23.11 52.96
N GLU D 324 -29.29 23.18 53.69
CA GLU D 324 -29.37 22.66 55.06
C GLU D 324 -28.93 21.22 55.12
N ARG D 325 -29.41 20.42 54.17
CA ARG D 325 -29.07 19.00 54.10
C ARG D 325 -27.56 18.73 53.83
N ALA D 326 -26.95 19.56 52.98
CA ALA D 326 -25.54 19.40 52.60
C ALA D 326 -24.54 19.75 53.69
N LYS D 327 -25.01 20.44 54.73
CA LYS D 327 -24.14 20.83 55.85
C LYS D 327 -24.00 19.75 56.94
N LYS D 328 -24.68 18.63 56.77
CA LYS D 328 -24.66 17.55 57.77
C LYS D 328 -23.72 16.41 57.40
N TYR D 329 -22.45 16.72 57.22
CA TYR D 329 -21.44 15.72 56.99
C TYR D 329 -20.22 15.87 57.91
N VAL D 330 -19.59 14.75 58.24
CA VAL D 330 -18.32 14.70 58.95
C VAL D 330 -17.32 14.10 57.98
N LEU D 331 -16.31 14.88 57.58
CA LEU D 331 -15.32 14.36 56.62
C LEU D 331 -14.21 13.63 57.36
N GLY D 332 -13.64 12.63 56.71
CA GLY D 332 -12.50 11.94 57.29
C GLY D 332 -12.20 10.59 56.68
N ASN D 333 -11.43 9.81 57.42
CA ASN D 333 -11.09 8.46 57.01
C ASN D 333 -12.37 7.62 56.94
N PRO D 334 -12.59 6.96 55.81
CA PRO D 334 -13.87 6.26 55.68
C PRO D 334 -13.98 4.95 56.46
N LEU D 335 -12.89 4.52 57.11
CA LEU D 335 -12.96 3.41 58.03
C LEU D 335 -13.37 3.83 59.44
N THR D 336 -13.39 5.14 59.71
CA THR D 336 -13.57 5.65 61.09
C THR D 336 -15.05 5.79 61.40
N PRO D 337 -15.52 5.20 62.53
CA PRO D 337 -16.96 5.33 62.83
C PRO D 337 -17.35 6.82 62.98
N GLY D 338 -18.50 7.21 62.46
CA GLY D 338 -18.92 8.59 62.59
C GLY D 338 -18.60 9.43 61.35
N VAL D 339 -17.62 9.01 60.54
CA VAL D 339 -17.33 9.72 59.28
C VAL D 339 -18.42 9.43 58.30
N SER D 340 -18.95 10.47 57.64
CA SER D 340 -20.00 10.30 56.64
C SER D 340 -19.63 10.84 55.25
N GLN D 341 -18.39 11.32 55.08
CA GLN D 341 -17.87 11.66 53.75
C GLN D 341 -16.39 11.37 53.67
N GLY D 342 -15.99 10.55 52.70
CA GLY D 342 -14.55 10.20 52.51
C GLY D 342 -13.93 11.08 51.49
N PRO D 343 -12.75 10.71 50.96
CA PRO D 343 -11.99 11.52 50.07
C PRO D 343 -12.39 11.23 48.63
N GLN D 344 -11.94 12.11 47.73
CA GLN D 344 -12.02 11.80 46.31
C GLN D 344 -10.88 10.79 46.03
N ILE D 345 -10.97 10.10 44.89
CA ILE D 345 -10.09 8.96 44.63
C ILE D 345 -8.59 9.33 44.52
N ASP D 346 -8.29 10.48 43.95
CA ASP D 346 -6.91 10.81 43.61
C ASP D 346 -6.76 12.27 43.24
N LYS D 347 -5.50 12.66 43.03
CA LYS D 347 -5.19 14.05 42.81
C LYS D 347 -5.80 14.60 41.54
N GLU D 348 -5.78 13.83 40.45
CA GLU D 348 -6.37 14.27 39.18
C GLU D 348 -7.84 14.62 39.36
N GLN D 349 -8.60 13.77 40.00
CA GLN D 349 -10.01 14.05 40.19
C GLN D 349 -10.18 15.27 41.10
N TYR D 350 -9.40 15.31 42.19
CA TYR D 350 -9.45 16.38 43.14
C TYR D 350 -9.28 17.72 42.42
N GLU D 351 -8.23 17.85 41.60
CA GLU D 351 -7.96 19.10 40.90
C GLU D 351 -9.06 19.43 39.87
N LYS D 352 -9.60 18.41 39.22
CA LYS D 352 -10.66 18.60 38.27
C LYS D 352 -11.91 19.21 38.94
N ILE D 353 -12.25 18.69 40.13
CA ILE D 353 -13.39 19.20 40.88
C ILE D 353 -13.17 20.65 41.33
N LEU D 354 -12.02 20.91 41.91
CA LEU D 354 -11.71 22.27 42.38
C LEU D 354 -11.75 23.27 41.24
N ASP D 355 -11.27 22.87 40.08
CA ASP D 355 -11.31 23.74 38.93
C ASP D 355 -12.75 24.04 38.48
N LEU D 356 -13.61 23.02 38.50
CA LEU D 356 -15.00 23.24 38.12
C LEU D 356 -15.74 24.11 39.15
N ILE D 357 -15.44 23.93 40.44
CA ILE D 357 -15.96 24.81 41.49
C ILE D 357 -15.57 26.25 41.23
N GLU D 358 -14.29 26.50 40.97
CA GLU D 358 -13.81 27.81 40.58
C GLU D 358 -14.56 28.40 39.37
N SER D 359 -14.84 27.57 38.36
CA SER D 359 -15.58 28.04 37.21
C SER D 359 -16.99 28.48 37.58
N GLY D 360 -17.66 27.75 38.49
CA GLY D 360 -18.97 28.16 38.96
C GLY D 360 -18.98 29.55 39.58
N LYS D 361 -17.97 29.83 40.41
CA LYS D 361 -17.84 31.14 41.06
C LYS D 361 -17.58 32.22 40.02
N LYS D 362 -16.65 31.93 39.11
CA LYS D 362 -16.33 32.87 38.05
C LYS D 362 -17.50 33.17 37.14
N GLU D 363 -18.30 32.17 36.84
CA GLU D 363 -19.36 32.30 35.86
C GLU D 363 -20.67 32.82 36.49
N GLY D 364 -20.65 33.10 37.78
CA GLY D 364 -21.77 33.80 38.42
C GLY D 364 -22.77 32.90 39.13
N ALA D 365 -22.51 31.62 39.28
CA ALA D 365 -23.43 30.78 40.06
C ALA D 365 -23.37 31.26 41.49
N LYS D 366 -24.43 31.07 42.25
CA LYS D 366 -24.44 31.43 43.66
C LYS D 366 -23.94 30.32 44.57
N LEU D 367 -22.78 30.55 45.19
CA LEU D 367 -22.19 29.56 46.10
C LEU D 367 -22.94 29.55 47.43
N GLU D 368 -23.70 28.50 47.69
CA GLU D 368 -24.52 28.44 48.91
C GLU D 368 -23.76 27.87 50.09
N CYS D 369 -22.90 26.89 49.86
CA CYS D 369 -22.06 26.31 50.92
C CYS D 369 -20.91 25.55 50.30
N GLY D 370 -19.92 25.23 51.14
CA GLY D 370 -18.70 24.54 50.75
C GLY D 370 -17.87 25.35 49.78
N GLY D 371 -17.34 24.70 48.76
CA GLY D 371 -16.58 25.43 47.72
C GLY D 371 -15.07 25.39 47.83
N GLY D 372 -14.55 24.52 48.68
CA GLY D 372 -13.12 24.44 48.92
C GLY D 372 -12.67 23.12 49.53
N PRO D 373 -11.35 22.94 49.60
CA PRO D 373 -10.78 21.72 50.17
C PRO D 373 -10.91 21.66 51.68
N TRP D 374 -10.64 20.48 52.21
CA TRP D 374 -10.66 20.27 53.64
C TRP D 374 -9.50 19.37 54.04
N GLY D 375 -8.97 19.60 55.22
CA GLY D 375 -8.01 18.68 55.85
C GLY D 375 -6.58 18.86 55.41
N ASN D 376 -5.66 18.12 56.03
CA ASN D 376 -4.26 18.28 55.68
C ASN D 376 -3.64 16.98 55.18
N LYS D 377 -4.47 15.99 54.86
CA LYS D 377 -4.02 14.74 54.24
C LYS D 377 -5.21 14.18 53.52
N GLY D 378 -5.00 13.60 52.34
CA GLY D 378 -6.09 12.99 51.59
C GLY D 378 -6.85 14.01 50.75
N TYR D 379 -7.58 13.53 49.75
CA TYR D 379 -8.20 14.40 48.73
C TYR D 379 -9.63 14.81 49.07
N PHE D 380 -9.79 15.62 50.10
CA PHE D 380 -11.12 15.94 50.59
C PHE D 380 -11.59 17.30 50.08
N ILE D 381 -12.86 17.35 49.71
CA ILE D 381 -13.51 18.56 49.23
C ILE D 381 -14.82 18.76 50.00
N GLN D 382 -15.06 19.98 50.50
CA GLN D 382 -16.30 20.25 51.23
C GLN D 382 -17.51 20.06 50.33
N PRO D 383 -18.60 19.48 50.86
CA PRO D 383 -19.81 19.32 50.04
C PRO D 383 -20.33 20.69 49.63
N THR D 384 -20.56 20.89 48.33
CA THR D 384 -20.75 22.21 47.74
C THR D 384 -22.08 22.29 47.02
N VAL D 385 -22.80 23.39 47.23
CA VAL D 385 -24.10 23.60 46.56
C VAL D 385 -24.05 24.95 45.86
N PHE D 386 -24.35 24.93 44.56
CA PHE D 386 -24.54 26.14 43.78
C PHE D 386 -26.01 26.27 43.40
N SER D 387 -26.56 27.48 43.56
CA SER D 387 -27.90 27.81 43.02
C SER D 387 -27.78 28.87 41.92
N ASP D 388 -28.93 29.20 41.31
CA ASP D 388 -29.00 30.16 40.20
C ASP D 388 -28.04 29.72 39.07
N VAL D 389 -27.93 28.41 38.89
CA VAL D 389 -27.13 27.82 37.85
C VAL D 389 -27.89 27.92 36.52
N THR D 390 -27.19 28.31 35.46
CA THR D 390 -27.80 28.41 34.14
C THR D 390 -27.13 27.44 33.18
N ASP D 391 -27.79 27.19 32.05
CA ASP D 391 -27.47 26.04 31.20
C ASP D 391 -26.12 26.06 30.53
N ASP D 392 -25.57 27.26 30.37
CA ASP D 392 -24.36 27.47 29.62
C ASP D 392 -23.12 27.40 30.49
N MET D 393 -23.30 27.30 31.79
CA MET D 393 -22.18 27.25 32.73
C MET D 393 -21.45 25.90 32.63
N ARG D 394 -20.13 25.91 32.83
CA ARG D 394 -19.38 24.64 32.88
C ARG D 394 -19.94 23.64 33.89
N ILE D 395 -20.35 24.13 35.06
CA ILE D 395 -20.87 23.21 36.06
C ILE D 395 -22.24 22.67 35.65
N ALA D 396 -22.92 23.31 34.70
CA ALA D 396 -24.18 22.76 34.17
C ALA D 396 -23.98 21.79 33.01
N LYS D 397 -22.79 21.79 32.40
CA LYS D 397 -22.55 20.96 31.22
C LYS D 397 -21.64 19.75 31.45
N GLU D 398 -20.55 19.97 32.17
CA GLU D 398 -19.51 18.98 32.34
C GLU D 398 -19.75 18.08 33.58
N GLU D 399 -19.47 16.78 33.45
CA GLU D 399 -19.54 15.88 34.56
C GLU D 399 -18.45 16.26 35.53
N ILE D 400 -18.84 16.62 36.75
CA ILE D 400 -17.90 17.04 37.78
C ILE D 400 -17.27 15.85 38.56
N PHE D 401 -18.10 14.90 38.94
CA PHE D 401 -17.67 13.68 39.65
C PHE D 401 -17.11 14.00 41.03
N GLY D 402 -17.71 15.02 41.65
CA GLY D 402 -17.38 15.45 42.97
C GLY D 402 -18.63 15.90 43.71
N PRO D 403 -18.46 16.27 44.99
CA PRO D 403 -19.62 16.52 45.85
C PRO D 403 -20.14 17.94 45.62
N VAL D 404 -20.76 18.14 44.45
CA VAL D 404 -21.08 19.46 43.94
C VAL D 404 -22.44 19.42 43.28
N GLN D 405 -23.40 20.10 43.89
CA GLN D 405 -24.80 20.08 43.49
C GLN D 405 -25.17 21.39 42.80
N GLN D 406 -25.85 21.28 41.66
CA GLN D 406 -26.29 22.42 40.87
C GLN D 406 -27.79 22.52 40.93
N ILE D 407 -28.33 23.68 41.31
CA ILE D 407 -29.79 23.85 41.38
C ILE D 407 -30.21 25.00 40.45
N MET D 408 -31.21 24.72 39.61
CA MET D 408 -31.62 25.57 38.48
C MET D 408 -33.13 25.70 38.56
N LYS D 409 -33.68 26.83 38.14
CA LYS D 409 -35.13 26.97 38.18
C LYS D 409 -35.75 26.76 36.80
N PHE D 410 -37.02 26.35 36.77
CA PHE D 410 -37.80 26.34 35.53
C PHE D 410 -39.22 26.74 35.79
N LYS D 411 -39.90 27.15 34.72
CA LYS D 411 -41.29 27.55 34.82
C LYS D 411 -42.17 26.66 33.97
N SER D 412 -41.72 26.30 32.78
CA SER D 412 -42.57 25.63 31.81
C SER D 412 -42.21 24.16 31.69
N LEU D 413 -43.21 23.31 31.64
CA LEU D 413 -43.00 21.90 31.39
C LEU D 413 -42.24 21.64 30.05
N ASP D 414 -42.71 22.26 28.96
CA ASP D 414 -42.07 22.04 27.67
C ASP D 414 -40.62 22.48 27.69
N ASP D 415 -40.34 23.63 28.30
CA ASP D 415 -38.98 24.11 28.45
C ASP D 415 -38.07 23.22 29.30
N VAL D 416 -38.56 22.72 30.43
CA VAL D 416 -37.69 21.91 31.29
C VAL D 416 -37.34 20.58 30.60
N ILE D 417 -38.26 20.01 29.80
CA ILE D 417 -37.92 18.81 29.04
C ILE D 417 -36.82 19.11 28.02
N LYS D 418 -36.97 20.19 27.30
CA LYS D 418 -36.00 20.59 26.32
C LYS D 418 -34.63 20.81 26.95
N ARG D 419 -34.61 21.54 28.06
CA ARG D 419 -33.33 21.77 28.78
C ARG D 419 -32.71 20.51 29.31
N ALA D 420 -33.54 19.65 29.90
CA ALA D 420 -33.08 18.35 30.39
C ALA D 420 -32.41 17.49 29.29
N ASN D 421 -32.99 17.55 28.11
CA ASN D 421 -32.49 16.76 26.99
C ASN D 421 -31.36 17.43 26.23
N ASN D 422 -31.11 18.71 26.50
CA ASN D 422 -30.13 19.47 25.73
C ASN D 422 -28.71 19.21 26.27
N THR D 423 -28.22 18.00 25.99
CA THR D 423 -26.91 17.54 26.45
C THR D 423 -26.56 16.35 25.55
N PHE D 424 -25.27 16.10 25.41
CA PHE D 424 -24.76 14.90 24.79
C PHE D 424 -24.94 13.65 25.64
N TYR D 425 -25.11 13.84 26.94
CA TYR D 425 -25.27 12.77 27.85
C TYR D 425 -26.70 12.26 27.79
N GLY D 426 -26.91 11.05 28.29
CA GLY D 426 -28.24 10.52 28.47
C GLY D 426 -28.36 9.31 29.40
N LEU D 427 -27.70 9.30 30.54
CA LEU D 427 -27.64 8.07 31.31
C LEU D 427 -28.90 7.82 32.11
N SER D 428 -29.34 8.85 32.83
CA SER D 428 -30.42 8.70 33.79
C SER D 428 -31.07 10.05 34.05
N ALA D 429 -32.22 10.02 34.70
CA ALA D 429 -32.96 11.21 35.05
C ALA D 429 -33.93 10.86 36.12
N GLY D 430 -34.38 11.86 36.82
CA GLY D 430 -35.39 11.69 37.88
C GLY D 430 -36.52 12.70 37.67
N ILE D 431 -37.74 12.29 38.01
CA ILE D 431 -38.91 13.15 38.01
C ILE D 431 -39.66 12.99 39.33
N PHE D 432 -39.99 14.11 39.94
CA PHE D 432 -40.77 14.16 41.17
C PHE D 432 -42.05 14.93 40.93
N THR D 433 -43.16 14.20 41.06
CA THR D 433 -44.45 14.76 40.81
C THR D 433 -45.50 13.86 41.45
N ASN D 434 -46.66 14.42 41.79
CA ASN D 434 -47.84 13.61 42.17
C ASN D 434 -48.81 13.38 40.97
N ASP D 435 -48.45 13.84 39.77
CA ASP D 435 -49.36 13.82 38.63
C ASP D 435 -49.07 12.56 37.78
N ILE D 436 -50.06 11.68 37.65
CA ILE D 436 -49.94 10.47 36.85
C ILE D 436 -49.53 10.76 35.40
N ASP D 437 -50.17 11.76 34.82
CA ASP D 437 -49.90 12.08 33.43
C ASP D 437 -48.48 12.53 33.25
N LYS D 438 -48.00 13.39 34.15
CA LYS D 438 -46.61 13.85 34.04
C LYS D 438 -45.66 12.71 34.24
N ALA D 439 -45.96 11.84 35.21
CA ALA D 439 -45.07 10.72 35.43
C ALA D 439 -44.83 9.91 34.15
N ILE D 440 -45.91 9.56 33.46
CA ILE D 440 -45.80 8.72 32.31
C ILE D 440 -45.30 9.47 31.12
N THR D 441 -45.87 10.67 30.83
CA THR D 441 -45.48 11.35 29.59
C THR D 441 -44.09 11.97 29.74
N VAL D 442 -43.76 12.54 30.88
CA VAL D 442 -42.42 13.14 30.99
C VAL D 442 -41.34 12.06 30.94
N SER D 443 -41.57 10.93 31.61
CA SER D 443 -40.61 9.84 31.52
C SER D 443 -40.44 9.33 30.04
N SER D 444 -41.52 9.31 29.24
CA SER D 444 -41.44 8.94 27.84
C SER D 444 -40.58 9.95 27.05
N ALA D 445 -40.70 11.22 27.41
CA ALA D 445 -40.06 12.32 26.63
C ALA D 445 -38.56 12.52 26.94
N LEU D 446 -38.10 12.05 28.08
CA LEU D 446 -36.70 12.29 28.51
C LEU D 446 -35.72 11.31 27.84
N GLN D 447 -34.63 11.85 27.25
CA GLN D 447 -33.70 11.02 26.47
C GLN D 447 -32.64 10.45 27.43
N SER D 448 -33.09 9.56 28.30
CA SER D 448 -32.26 8.97 29.37
C SER D 448 -32.55 7.51 29.46
N GLY D 449 -31.53 6.70 29.73
CA GLY D 449 -31.65 5.29 29.79
C GLY D 449 -32.49 4.73 30.92
N THR D 450 -32.34 5.30 32.11
CA THR D 450 -33.15 5.00 33.28
C THR D 450 -33.83 6.29 33.76
N VAL D 451 -35.12 6.26 33.98
CA VAL D 451 -35.87 7.37 34.49
C VAL D 451 -36.54 6.93 35.78
N TRP D 452 -36.20 7.56 36.89
CA TRP D 452 -36.83 7.29 38.16
C TRP D 452 -37.96 8.26 38.41
N VAL D 453 -39.08 7.76 38.95
CA VAL D 453 -40.22 8.59 39.30
C VAL D 453 -40.44 8.51 40.81
N ASN D 454 -40.35 9.66 41.46
CA ASN D 454 -40.44 9.80 42.93
C ASN D 454 -39.37 9.04 43.71
N CYS D 455 -38.23 8.79 43.07
CA CYS D 455 -37.09 8.16 43.68
C CYS D 455 -35.90 8.47 42.81
N TYR D 456 -34.73 7.97 43.20
CA TYR D 456 -33.49 8.18 42.43
C TYR D 456 -32.52 7.08 42.87
N SER D 457 -31.57 6.73 41.98
CA SER D 457 -30.48 5.80 42.29
C SER D 457 -30.90 4.38 42.53
N VAL D 458 -32.08 4.01 42.15
CA VAL D 458 -32.55 2.66 42.38
C VAL D 458 -32.14 1.76 41.23
N VAL D 459 -31.14 0.89 41.49
CA VAL D 459 -30.52 0.06 40.45
C VAL D 459 -30.58 -1.39 40.95
N SER D 460 -31.06 -2.36 40.13
CA SER D 460 -31.23 -3.73 40.61
C SER D 460 -30.78 -4.61 39.46
N ALA D 461 -30.32 -5.79 39.78
CA ALA D 461 -29.76 -6.69 38.75
C ALA D 461 -30.82 -7.07 37.70
N GLN D 462 -32.10 -6.96 38.06
CA GLN D 462 -33.12 -7.37 37.16
C GLN D 462 -33.39 -6.33 36.07
N CYS D 463 -32.84 -5.15 36.21
CA CYS D 463 -33.12 -4.05 35.28
C CYS D 463 -31.99 -3.86 34.30
N PRO D 464 -32.31 -3.63 33.02
CA PRO D 464 -31.26 -3.22 32.13
C PRO D 464 -30.79 -1.81 32.47
N PHE D 465 -29.51 -1.53 32.26
CA PHE D 465 -28.94 -0.28 32.67
C PHE D 465 -27.93 0.19 31.62
N GLY D 466 -28.10 1.42 31.20
CA GLY D 466 -27.12 2.05 30.26
C GLY D 466 -27.69 3.34 29.68
N GLY D 467 -26.91 3.94 28.81
CA GLY D 467 -27.14 5.29 28.37
C GLY D 467 -27.78 5.42 27.01
N PHE D 468 -28.51 6.51 26.86
CA PHE D 468 -28.81 7.11 25.56
C PHE D 468 -27.64 7.96 25.10
N LYS D 469 -27.55 8.21 23.79
CA LYS D 469 -26.57 9.20 23.27
C LYS D 469 -25.13 8.88 23.74
N MET D 470 -24.36 9.88 24.21
CA MET D 470 -22.97 9.67 24.50
C MET D 470 -22.76 9.17 25.93
N SER D 471 -23.82 8.86 26.64
CA SER D 471 -23.69 8.13 27.88
C SER D 471 -23.44 6.64 27.70
N GLY D 472 -23.60 6.09 26.51
CA GLY D 472 -23.29 4.66 26.34
C GLY D 472 -23.83 4.01 25.07
N ASN D 473 -23.43 2.77 24.85
CA ASN D 473 -23.96 1.90 23.80
C ASN D 473 -24.29 0.62 24.53
N GLY D 474 -25.49 0.10 24.36
CA GLY D 474 -25.86 -1.19 24.92
C GLY D 474 -26.38 -1.07 26.33
N ARG D 475 -26.85 -2.20 26.84
CA ARG D 475 -27.36 -2.26 28.19
C ARG D 475 -26.62 -3.40 28.96
N GLU D 476 -26.52 -3.22 30.27
CA GLU D 476 -25.98 -4.23 31.15
C GLU D 476 -27.05 -4.70 32.12
N LEU D 477 -27.02 -6.00 32.39
CA LEU D 477 -27.88 -6.64 33.37
C LEU D 477 -29.30 -6.75 32.81
N GLY D 478 -30.21 -7.33 33.60
CA GLY D 478 -31.54 -7.60 33.13
C GLY D 478 -31.53 -8.61 32.01
N GLU D 479 -32.71 -8.99 31.54
CA GLU D 479 -32.78 -9.85 30.42
C GLU D 479 -31.99 -9.28 29.19
N TYR D 480 -32.09 -7.97 28.95
N TYR D 480 -32.10 -7.98 28.99
CA TYR D 480 -31.59 -7.32 27.70
CA TYR D 480 -31.64 -7.34 27.77
C TYR D 480 -30.08 -7.29 27.68
C TYR D 480 -30.11 -7.30 27.71
N GLY D 481 -29.48 -7.16 28.87
CA GLY D 481 -28.05 -7.14 28.99
C GLY D 481 -27.42 -8.45 28.59
N PHE D 482 -28.08 -9.54 29.00
CA PHE D 482 -27.52 -10.85 28.79
C PHE D 482 -27.48 -11.26 27.34
N HIS D 483 -28.46 -10.75 26.60
CA HIS D 483 -28.56 -10.94 25.18
C HIS D 483 -27.40 -10.21 24.53
N GLU D 484 -26.74 -9.34 25.28
CA GLU D 484 -25.59 -8.61 24.77
C GLU D 484 -24.31 -9.43 24.88
N TYR D 485 -24.32 -10.52 25.61
CA TYR D 485 -23.11 -11.32 25.67
C TYR D 485 -23.26 -12.59 24.85
N THR D 486 -24.16 -12.53 23.88
CA THR D 486 -24.34 -13.60 22.93
C THR D 486 -24.14 -13.11 21.45
N GLU D 487 -23.83 -14.05 20.60
CA GLU D 487 -23.74 -13.91 19.15
C GLU D 487 -24.68 -14.91 18.50
N VAL D 488 -25.58 -14.44 17.64
CA VAL D 488 -26.67 -15.29 17.11
C VAL D 488 -26.22 -15.97 15.83
N LYS D 489 -26.35 -17.29 15.79
CA LYS D 489 -26.12 -18.10 14.64
C LYS D 489 -27.43 -18.69 14.13
N THR D 490 -27.64 -18.60 12.84
CA THR D 490 -28.85 -19.15 12.24
C THR D 490 -28.41 -20.41 11.49
N VAL D 491 -29.08 -21.51 11.76
CA VAL D 491 -28.82 -22.76 11.06
C VAL D 491 -30.07 -23.19 10.29
N THR D 492 -29.90 -23.40 8.99
CA THR D 492 -31.05 -23.68 8.10
C THR D 492 -30.77 -24.98 7.34
N ILE D 493 -31.65 -25.97 7.58
CA ILE D 493 -31.42 -27.28 7.08
C ILE D 493 -32.50 -27.62 6.05
N LYS D 494 -32.08 -28.06 4.87
CA LYS D 494 -33.05 -28.50 3.85
C LYS D 494 -33.78 -29.77 4.28
N ILE D 495 -35.08 -29.80 4.08
CA ILE D 495 -35.89 -30.98 4.39
C ILE D 495 -36.82 -31.29 3.23
N SER D 496 -37.29 -32.53 3.16
CA SER D 496 -38.16 -32.94 2.06
C SER D 496 -39.49 -32.15 2.04
N GLN D 497 -40.11 -32.00 3.21
N GLN D 497 -40.11 -31.99 3.21
CA GLN D 497 -41.35 -31.24 3.30
CA GLN D 497 -41.35 -31.22 3.31
C GLN D 497 -41.49 -30.75 4.76
C GLN D 497 -41.50 -30.74 4.75
N LYS D 498 -41.78 -29.46 4.90
CA LYS D 498 -42.04 -28.85 6.19
C LYS D 498 -43.55 -28.97 6.51
N ASN D 499 -43.87 -29.10 7.79
CA ASN D 499 -45.18 -28.92 8.31
C ASN D 499 -45.17 -27.98 9.50
N SER D 500 -46.26 -27.27 9.68
CA SER D 500 -46.44 -26.36 10.78
C SER D 500 -46.42 -27.12 12.13
#